data_6LKM
#
_entry.id   6LKM
#
_cell.length_a   227.830
_cell.length_b   66.920
_cell.length_c   110.000
_cell.angle_alpha   90.000
_cell.angle_beta   103.820
_cell.angle_gamma   90.000
#
_symmetry.space_group_name_H-M   'C 1 2 1'
#
loop_
_entity.id
_entity.type
_entity.pdbx_description
1 polymer 'Ribonucleoside-diphosphate reductase large subunit'
2 non-polymer 'MAGNESIUM ION'
3 non-polymer "THYMIDINE-5'-TRIPHOSPHATE"
4 non-polymer 5-chloro-N-((1S,2R)-2-(6-fluoro-2,3-dimethylphenyl)-1-(5-oxo-4,5-dihydro-1,3,4-oxadiazol-2-yl)propyl)-4-methyl-3,4-dihydro-2H-benzo[b][1,4]oxazine-8-sulfonamide
5 water water
#
_entity_poly.entity_id   1
_entity_poly.type   'polypeptide(L)'
_entity_poly.pdbx_seq_one_letter_code
;GAILAARIAVSNLHKETKKVFSDVMEDLYNYINPHNGKHSPMVAKSTLDIVLANKDRLNSAIIYDRDFSYNYFGFKTLER
SYLLKINGKVAERPQHMLMRVSVGIHKEDIDAAIETYNLLSERWFTHASPTLFNAGTNRPQLSSCFLLSMKDDSIEGIYD
TLKQCALISKSAGGIGVAVSCIRATGSYIAGTNGNSNGLVPMLRVYNNTARYVDQGGNKRPGAFAIYLEPWHLDIFEFLD
LKKNTGKEEQRARDLFFALWIPDLFMKRVETNQDWSLMCPNECPGLDEVWGEEFEKLYASYEKQGRVRKVVKAQQLWYAI
IESQTETGTPYMLYKDSCNRKSNQQNLGTIKCSNLCTEIVEYTSKDEVAVCNLASLALNMYVTSEHTYDFKKLAEVTKVV
VRNLNKIIDINYYPVPEACLSNKRHRPIGIGVQGLADAFILMRYPFESAEAQLLNKQIFETIYYGALEASCDLAKEQGPY
ETYEGSPVSKGILQYDMWNVTPTDLWDWKVLKEKIAKYGIRNSLLIAPMPTASTAQILGNNESIEPYTSNIYTRRVLSGE
FQIVNPHLLKDLTERGLWHEEMKNQIIACNGSIQSIPEIPDDLKQLYKTVWEISQKTVLKMAAERGAFIDQSQSLNIHIA
EPNYGKLTSMHFYGWKQGLKTGMYYLRTR
;
_entity_poly.pdbx_strand_id   A,B
#
# COMPACT_ATOMS: atom_id res chain seq x y z
N ALA A 2 -46.85 -10.83 -2.05
CA ALA A 2 -45.49 -11.44 -2.35
C ALA A 2 -45.15 -11.41 -3.84
N ILE A 3 -46.06 -11.96 -4.63
CA ILE A 3 -46.08 -11.80 -6.08
C ILE A 3 -46.75 -10.49 -6.45
N LEU A 4 -47.77 -10.11 -5.69
CA LEU A 4 -48.43 -8.83 -5.89
C LEU A 4 -47.55 -7.61 -5.60
N ALA A 5 -46.84 -7.62 -4.46
CA ALA A 5 -46.02 -6.45 -4.06
C ALA A 5 -44.97 -6.11 -5.16
N ALA A 6 -44.50 -7.13 -5.86
CA ALA A 6 -43.68 -6.95 -7.05
C ALA A 6 -44.44 -6.19 -8.15
N ARG A 7 -45.67 -6.59 -8.45
CA ARG A 7 -46.53 -5.84 -9.41
C ARG A 7 -46.66 -4.36 -9.05
N ILE A 8 -47.03 -4.09 -7.79
CA ILE A 8 -47.18 -2.72 -7.27
C ILE A 8 -45.90 -1.89 -7.52
N ALA A 9 -44.78 -2.42 -7.03
CA ALA A 9 -43.49 -1.75 -7.07
C ALA A 9 -43.00 -1.52 -8.50
N VAL A 10 -43.31 -2.45 -9.40
CA VAL A 10 -43.08 -2.25 -10.85
C VAL A 10 -43.96 -1.14 -11.43
N SER A 11 -45.21 -1.10 -10.98
CA SER A 11 -46.17 -0.09 -11.45
C SER A 11 -45.86 1.29 -10.91
N ASN A 12 -45.49 1.39 -9.63
CA ASN A 12 -45.08 2.69 -9.07
C ASN A 12 -43.91 3.27 -9.84
N LEU A 13 -42.90 2.44 -10.03
CA LEU A 13 -41.76 2.80 -10.82
C LEU A 13 -42.15 3.33 -12.18
N HIS A 14 -42.96 2.57 -12.91
CA HIS A 14 -43.47 2.99 -14.22
C HIS A 14 -44.15 4.37 -14.12
N LYS A 15 -44.92 4.54 -13.06
CA LYS A 15 -45.57 5.81 -12.74
C LYS A 15 -44.62 6.98 -12.51
N GLU A 16 -43.45 6.68 -11.96
CA GLU A 16 -42.44 7.70 -11.65
C GLU A 16 -41.18 7.73 -12.54
N THR A 17 -41.31 7.27 -13.78
CA THR A 17 -40.25 7.39 -14.78
C THR A 17 -40.91 7.65 -16.11
N LYS A 18 -40.15 8.18 -17.05
CA LYS A 18 -40.68 8.44 -18.37
C LYS A 18 -40.85 7.10 -19.07
N LYS A 19 -41.53 7.11 -20.21
CA LYS A 19 -41.84 5.92 -21.00
C LYS A 19 -41.01 5.83 -22.27
N VAL A 20 -40.35 6.90 -22.66
CA VAL A 20 -39.65 6.91 -23.94
C VAL A 20 -38.19 6.66 -23.63
N PHE A 21 -37.66 5.62 -24.24
CA PHE A 21 -36.32 5.17 -23.96
C PHE A 21 -35.28 6.25 -24.31
N SER A 22 -35.42 6.83 -25.50
CA SER A 22 -34.45 7.83 -26.01
C SER A 22 -34.47 9.11 -25.17
N ASP A 23 -35.64 9.44 -24.61
CA ASP A 23 -35.77 10.62 -23.74
C ASP A 23 -35.16 10.39 -22.36
N VAL A 24 -35.22 9.16 -21.87
CA VAL A 24 -34.48 8.76 -20.65
C VAL A 24 -32.97 8.84 -20.89
N MET A 25 -32.51 8.35 -22.04
CA MET A 25 -31.11 8.47 -22.44
C MET A 25 -30.63 9.92 -22.52
N GLU A 26 -31.47 10.83 -23.00
CA GLU A 26 -31.14 12.27 -23.08
C GLU A 26 -30.95 12.88 -21.69
N ASP A 27 -31.86 12.56 -20.79
CA ASP A 27 -31.76 13.01 -19.40
C ASP A 27 -30.51 12.52 -18.67
N LEU A 28 -30.07 11.29 -18.97
CA LEU A 28 -28.89 10.77 -18.34
C LEU A 28 -27.66 11.44 -18.92
N TYR A 29 -27.65 11.58 -20.23
CA TYR A 29 -26.56 12.27 -20.88
C TYR A 29 -26.43 13.76 -20.50
N ASN A 30 -27.57 14.45 -20.36
CA ASN A 30 -27.61 15.90 -20.06
C ASN A 30 -27.37 16.22 -18.58
N TYR A 31 -27.13 15.19 -17.77
CA TYR A 31 -27.11 15.34 -16.32
C TYR A 31 -26.02 16.34 -15.93
N ILE A 32 -26.34 17.16 -14.93
CA ILE A 32 -25.46 18.22 -14.45
C ILE A 32 -25.32 18.12 -12.94
N ASN A 33 -24.07 18.20 -12.53
CA ASN A 33 -23.72 18.14 -11.15
C ASN A 33 -24.27 19.41 -10.49
N PRO A 34 -25.21 19.28 -9.55
CA PRO A 34 -25.87 20.49 -9.02
C PRO A 34 -24.94 21.42 -8.20
N HIS A 35 -23.97 20.82 -7.52
CA HIS A 35 -23.06 21.53 -6.63
C HIS A 35 -22.03 22.32 -7.40
N ASN A 36 -21.84 21.84 -8.62
CA ASN A 36 -20.69 22.07 -9.45
C ASN A 36 -21.01 22.82 -10.76
N GLY A 37 -22.11 22.42 -11.40
CA GLY A 37 -22.39 22.80 -12.78
C GLY A 37 -21.65 21.97 -13.81
N LYS A 38 -20.83 21.03 -13.35
CA LYS A 38 -20.04 20.18 -14.22
C LYS A 38 -21.00 19.26 -14.95
N HIS A 39 -20.94 19.30 -16.27
CA HIS A 39 -21.76 18.45 -17.10
C HIS A 39 -21.16 17.07 -16.87
N SER A 40 -21.95 16.18 -16.29
CA SER A 40 -21.41 14.87 -15.84
C SER A 40 -22.19 13.74 -16.51
N PRO A 41 -21.99 13.56 -17.81
CA PRO A 41 -22.86 12.63 -18.57
C PRO A 41 -22.87 11.23 -17.98
N MET A 42 -24.06 10.65 -17.81
CA MET A 42 -24.27 9.29 -17.26
C MET A 42 -24.42 8.16 -18.29
N VAL A 43 -24.49 8.51 -19.58
CA VAL A 43 -24.25 7.56 -20.68
C VAL A 43 -23.26 8.24 -21.59
N ALA A 44 -22.59 7.48 -22.43
CA ALA A 44 -21.63 8.10 -23.36
C ALA A 44 -22.39 8.79 -24.47
N LYS A 45 -21.83 9.90 -24.94
CA LYS A 45 -22.40 10.64 -26.08
C LYS A 45 -22.56 9.73 -27.32
N SER A 46 -21.53 8.92 -27.59
CA SER A 46 -21.51 8.00 -28.74
C SER A 46 -22.69 7.04 -28.73
N THR A 47 -23.08 6.58 -27.55
CA THR A 47 -24.23 5.71 -27.37
C THR A 47 -25.48 6.48 -27.69
N LEU A 48 -25.60 7.68 -27.11
CA LEU A 48 -26.78 8.55 -27.31
C LEU A 48 -27.03 8.94 -28.77
N ASP A 49 -25.97 9.26 -29.51
CA ASP A 49 -26.08 9.57 -30.95
C ASP A 49 -26.77 8.45 -31.68
N ILE A 50 -26.29 7.23 -31.40
CA ILE A 50 -26.78 6.00 -32.03
C ILE A 50 -28.23 5.83 -31.68
N VAL A 51 -28.55 6.03 -30.41
CA VAL A 51 -29.92 5.91 -29.96
C VAL A 51 -30.80 6.90 -30.72
N LEU A 52 -30.36 8.16 -30.74
CA LEU A 52 -31.18 9.23 -31.35
C LEU A 52 -31.33 9.08 -32.85
N ALA A 53 -30.27 8.61 -33.49
CA ALA A 53 -30.33 8.27 -34.89
C ALA A 53 -31.27 7.10 -35.21
N ASN A 54 -31.74 6.38 -34.19
CA ASN A 54 -32.50 5.15 -34.40
C ASN A 54 -33.63 5.05 -33.43
N LYS A 55 -34.13 6.20 -33.00
CA LYS A 55 -35.03 6.23 -31.85
C LYS A 55 -36.35 5.56 -32.11
N ASP A 56 -36.82 5.55 -33.36
CA ASP A 56 -38.14 4.98 -33.66
C ASP A 56 -38.12 3.46 -33.50
N ARG A 57 -37.14 2.81 -34.12
CA ARG A 57 -36.93 1.35 -33.97
C ARG A 57 -36.68 0.97 -32.50
N LEU A 58 -35.73 1.66 -31.90
CA LEU A 58 -35.33 1.43 -30.51
C LEU A 58 -36.47 1.65 -29.51
N ASN A 59 -37.07 2.84 -29.52
CA ASN A 59 -38.14 3.17 -28.55
C ASN A 59 -39.30 2.22 -28.68
N SER A 60 -39.63 1.93 -29.93
CA SER A 60 -40.74 1.08 -30.32
C SER A 60 -40.56 -0.39 -29.91
N ALA A 61 -39.37 -0.95 -30.17
CA ALA A 61 -39.03 -2.34 -29.82
C ALA A 61 -39.21 -2.71 -28.32
N ILE A 62 -39.05 -1.75 -27.41
CA ILE A 62 -39.18 -2.03 -25.99
C ILE A 62 -40.58 -2.45 -25.68
N ILE A 63 -40.68 -3.48 -24.85
CA ILE A 63 -41.95 -4.02 -24.39
C ILE A 63 -41.96 -3.88 -22.89
N TYR A 64 -42.71 -2.91 -22.40
CA TYR A 64 -42.75 -2.63 -20.97
C TYR A 64 -43.57 -3.63 -20.14
N ASP A 65 -44.33 -4.51 -20.78
CA ASP A 65 -44.93 -5.68 -20.07
C ASP A 65 -43.80 -6.44 -19.35
N ARG A 66 -42.67 -6.57 -20.04
CA ARG A 66 -41.60 -7.41 -19.59
C ARG A 66 -40.91 -6.94 -18.30
N ASP A 67 -41.16 -5.68 -17.88
CA ASP A 67 -40.79 -5.23 -16.53
C ASP A 67 -41.46 -5.99 -15.41
N PHE A 68 -42.59 -6.59 -15.71
CA PHE A 68 -43.36 -7.25 -14.70
C PHE A 68 -42.89 -8.69 -14.47
N SER A 69 -41.90 -9.15 -15.23
CA SER A 69 -41.31 -10.45 -14.99
C SER A 69 -40.45 -10.53 -13.71
N TYR A 70 -40.11 -9.40 -13.09
CA TYR A 70 -39.28 -9.41 -11.86
C TYR A 70 -40.13 -9.71 -10.62
N ASN A 71 -39.67 -10.69 -9.86
CA ASN A 71 -40.16 -10.89 -8.52
C ASN A 71 -39.64 -9.80 -7.59
N TYR A 72 -40.23 -9.73 -6.42
CA TYR A 72 -40.10 -8.59 -5.51
C TYR A 72 -38.67 -8.18 -5.18
N PHE A 73 -37.91 -9.09 -4.58
CA PHE A 73 -36.52 -8.83 -4.19
C PHE A 73 -35.57 -8.77 -5.38
N GLY A 74 -35.95 -9.43 -6.47
CA GLY A 74 -35.23 -9.29 -7.73
C GLY A 74 -35.33 -7.85 -8.22
N PHE A 75 -36.53 -7.31 -8.10
CA PHE A 75 -36.79 -5.95 -8.48
C PHE A 75 -36.09 -4.93 -7.57
N LYS A 76 -36.25 -5.12 -6.26
CA LYS A 76 -35.64 -4.23 -5.26
C LYS A 76 -34.13 -4.06 -5.45
N THR A 77 -33.48 -5.18 -5.76
CA THR A 77 -32.08 -5.22 -6.07
C THR A 77 -31.76 -4.50 -7.39
N LEU A 78 -32.61 -4.68 -8.38
CA LEU A 78 -32.50 -3.89 -9.60
C LEU A 78 -32.52 -2.38 -9.28
N GLU A 79 -33.51 -1.98 -8.49
CA GLU A 79 -33.71 -0.58 -8.10
C GLU A 79 -32.59 0.02 -7.21
N ARG A 80 -32.01 -0.84 -6.37
CA ARG A 80 -30.89 -0.44 -5.51
C ARG A 80 -29.56 -0.20 -6.24
N SER A 81 -29.26 -0.98 -7.29
CA SER A 81 -27.92 -0.96 -7.92
C SER A 81 -27.82 -0.96 -9.44
N TYR A 82 -28.89 -1.31 -10.10
CA TYR A 82 -28.84 -1.53 -11.56
C TYR A 82 -29.56 -0.46 -12.39
N LEU A 83 -30.34 0.39 -11.79
CA LEU A 83 -31.07 1.42 -12.55
C LEU A 83 -30.43 2.78 -12.21
N LEU A 84 -29.96 3.46 -13.25
CA LEU A 84 -29.33 4.77 -13.12
C LEU A 84 -30.30 5.74 -12.50
N LYS A 85 -29.78 6.55 -11.56
CA LYS A 85 -30.51 7.55 -10.81
C LYS A 85 -30.04 8.97 -11.15
N ILE A 86 -31.01 9.89 -11.17
CA ILE A 86 -30.72 11.30 -11.29
C ILE A 86 -31.01 11.91 -9.93
N ASN A 87 -29.96 12.36 -9.26
CA ASN A 87 -30.09 12.97 -7.96
C ASN A 87 -30.99 12.13 -7.02
N GLY A 88 -30.67 10.84 -6.91
CA GLY A 88 -31.34 9.90 -5.98
C GLY A 88 -32.74 9.38 -6.38
N LYS A 89 -33.21 9.74 -7.55
CA LYS A 89 -34.47 9.26 -8.06
C LYS A 89 -34.11 8.39 -9.24
N VAL A 90 -34.76 7.23 -9.36
CA VAL A 90 -34.53 6.36 -10.52
C VAL A 90 -35.10 7.03 -11.77
N ALA A 91 -34.29 7.08 -12.81
CA ALA A 91 -34.69 7.50 -14.13
C ALA A 91 -35.03 6.32 -15.02
N GLU A 92 -34.30 5.23 -14.80
CA GLU A 92 -34.32 4.08 -15.71
C GLU A 92 -35.33 3.05 -15.28
N ARG A 93 -36.10 2.58 -16.26
CA ARG A 93 -36.82 1.32 -16.13
C ARG A 93 -35.87 0.21 -16.48
N PRO A 94 -36.10 -0.98 -15.94
CA PRO A 94 -35.39 -2.19 -16.32
C PRO A 94 -35.24 -2.34 -17.82
N GLN A 95 -36.34 -2.15 -18.53
CA GLN A 95 -36.30 -2.29 -19.96
C GLN A 95 -35.33 -1.29 -20.52
N HIS A 96 -35.24 -0.15 -19.86
CA HIS A 96 -34.39 0.93 -20.31
C HIS A 96 -32.94 0.57 -20.15
N MET A 97 -32.56 0.07 -18.98
CA MET A 97 -31.22 -0.42 -18.76
C MET A 97 -30.87 -1.54 -19.74
N LEU A 98 -31.79 -2.49 -19.92
CA LEU A 98 -31.57 -3.59 -20.88
C LEU A 98 -31.28 -3.11 -22.28
N MET A 99 -32.08 -2.17 -22.75
CA MET A 99 -31.82 -1.55 -24.06
C MET A 99 -30.51 -0.81 -24.07
N ARG A 100 -30.22 -0.08 -23.01
CA ARG A 100 -28.95 0.61 -22.88
C ARG A 100 -27.79 -0.40 -23.01
N VAL A 101 -27.88 -1.51 -22.32
CA VAL A 101 -26.82 -2.54 -22.39
C VAL A 101 -26.66 -3.09 -23.81
N SER A 102 -27.77 -3.41 -24.46
CA SER A 102 -27.70 -3.95 -25.83
C SER A 102 -27.14 -2.98 -26.91
N VAL A 103 -27.58 -1.73 -26.91
CA VAL A 103 -27.00 -0.70 -27.78
C VAL A 103 -25.54 -0.43 -27.40
N GLY A 104 -25.28 -0.32 -26.09
CA GLY A 104 -23.91 -0.27 -25.57
C GLY A 104 -22.96 -1.38 -26.04
N ILE A 105 -23.44 -2.62 -26.15
CA ILE A 105 -22.61 -3.72 -26.70
C ILE A 105 -22.55 -3.67 -28.24
N HIS A 106 -23.71 -3.57 -28.87
CA HIS A 106 -23.80 -3.69 -30.35
C HIS A 106 -23.63 -2.41 -31.16
N LYS A 107 -23.70 -1.25 -30.51
CA LYS A 107 -23.46 0.05 -31.15
C LYS A 107 -24.36 0.27 -32.38
N GLU A 108 -23.72 0.35 -33.55
CA GLU A 108 -24.38 0.76 -34.80
C GLU A 108 -25.12 -0.40 -35.47
N ASP A 109 -24.85 -1.63 -35.03
CA ASP A 109 -25.56 -2.81 -35.54
C ASP A 109 -26.90 -2.99 -34.84
N ILE A 110 -27.87 -2.16 -35.24
CA ILE A 110 -29.15 -2.07 -34.54
C ILE A 110 -29.89 -3.41 -34.52
N ASP A 111 -29.75 -4.24 -35.56
CA ASP A 111 -30.41 -5.57 -35.56
C ASP A 111 -29.86 -6.38 -34.41
N ALA A 112 -28.54 -6.44 -34.35
CA ALA A 112 -27.85 -7.26 -33.33
C ALA A 112 -28.31 -6.84 -31.92
N ALA A 113 -28.44 -5.52 -31.74
CA ALA A 113 -28.89 -4.88 -30.50
C ALA A 113 -30.28 -5.29 -30.07
N ILE A 114 -31.19 -5.33 -31.03
CA ILE A 114 -32.58 -5.63 -30.73
C ILE A 114 -32.75 -7.13 -30.40
N GLU A 115 -32.07 -7.98 -31.15
CA GLU A 115 -32.03 -9.41 -30.84
C GLU A 115 -31.59 -9.59 -29.40
N THR A 116 -30.44 -9.00 -29.03
CA THR A 116 -29.93 -9.03 -27.64
C THR A 116 -30.96 -8.48 -26.64
N TYR A 117 -31.61 -7.35 -26.94
CA TYR A 117 -32.63 -6.80 -26.02
C TYR A 117 -33.73 -7.81 -25.77
N ASN A 118 -34.22 -8.42 -26.84
CA ASN A 118 -35.28 -9.44 -26.74
C ASN A 118 -34.84 -10.59 -25.85
N LEU A 119 -33.69 -11.13 -26.20
CA LEU A 119 -33.15 -12.27 -25.50
C LEU A 119 -32.98 -12.02 -24.01
N LEU A 120 -32.37 -10.86 -23.69
CA LEU A 120 -32.21 -10.34 -22.30
C LEU A 120 -33.50 -10.02 -21.56
N SER A 121 -34.38 -9.33 -22.24
CA SER A 121 -35.62 -8.84 -21.68
C SER A 121 -36.57 -10.03 -21.36
N GLU A 122 -36.53 -11.05 -22.24
CA GLU A 122 -37.21 -12.33 -21.98
C GLU A 122 -36.50 -13.29 -20.98
N ARG A 123 -35.22 -13.02 -20.68
CA ARG A 123 -34.46 -13.73 -19.61
C ARG A 123 -33.98 -15.14 -20.05
N TRP A 124 -33.65 -15.24 -21.32
CA TRP A 124 -32.91 -16.38 -21.84
C TRP A 124 -31.49 -16.45 -21.31
N PHE A 125 -30.91 -15.29 -21.00
CA PHE A 125 -29.58 -15.18 -20.45
C PHE A 125 -29.36 -13.82 -19.75
N THR A 126 -28.21 -13.64 -19.14
CA THR A 126 -27.80 -12.32 -18.67
C THR A 126 -26.30 -12.08 -18.74
N HIS A 127 -25.93 -10.80 -18.89
CA HIS A 127 -24.54 -10.39 -18.76
C HIS A 127 -24.32 -10.13 -17.29
N ALA A 128 -23.06 -10.17 -16.88
CA ALA A 128 -22.73 -10.00 -15.46
C ALA A 128 -22.94 -8.56 -15.07
N SER A 129 -22.99 -8.32 -13.75
CA SER A 129 -23.33 -7.01 -13.21
C SER A 129 -22.52 -5.81 -13.78
N PRO A 130 -21.19 -5.93 -13.89
CA PRO A 130 -20.37 -4.81 -14.33
C PRO A 130 -20.76 -4.30 -15.68
N THR A 131 -21.06 -5.24 -16.55
CA THR A 131 -21.50 -4.95 -17.91
C THR A 131 -22.95 -4.39 -17.94
N LEU A 132 -23.80 -4.80 -17.01
CA LEU A 132 -25.09 -4.13 -16.85
C LEU A 132 -24.92 -2.72 -16.26
N PHE A 133 -23.97 -2.57 -15.34
CA PHE A 133 -23.69 -1.29 -14.68
C PHE A 133 -23.21 -0.27 -15.69
N ASN A 134 -22.18 -0.62 -16.46
CA ASN A 134 -21.42 0.35 -17.24
C ASN A 134 -21.52 0.27 -18.76
N ALA A 135 -22.37 -0.56 -19.34
CA ALA A 135 -22.47 -0.57 -20.83
C ALA A 135 -23.23 0.66 -21.28
N GLY A 136 -22.82 1.29 -22.38
CA GLY A 136 -23.44 2.51 -22.88
C GLY A 136 -23.00 3.78 -22.14
N THR A 137 -21.91 3.64 -21.35
CA THR A 137 -21.44 4.62 -20.38
C THR A 137 -20.05 5.06 -20.82
N ASN A 138 -19.60 6.17 -20.24
CA ASN A 138 -18.29 6.75 -20.54
C ASN A 138 -17.22 5.88 -19.95
N ARG A 139 -16.19 5.56 -20.76
CA ARG A 139 -15.08 4.68 -20.36
C ARG A 139 -15.57 3.44 -19.53
N PRO A 140 -16.34 2.55 -20.19
CA PRO A 140 -17.08 1.50 -19.53
C PRO A 140 -16.28 0.23 -19.23
N GLN A 141 -16.21 -0.13 -17.96
CA GLN A 141 -15.47 -1.31 -17.55
C GLN A 141 -16.49 -2.45 -17.40
N LEU A 142 -16.45 -3.38 -18.34
CA LEU A 142 -17.48 -4.38 -18.52
C LEU A 142 -17.14 -5.78 -17.99
N SER A 143 -15.93 -5.95 -17.50
CA SER A 143 -15.38 -7.24 -17.06
C SER A 143 -15.43 -7.49 -15.54
N SER A 144 -15.70 -8.74 -15.20
CA SER A 144 -15.92 -9.14 -13.82
C SER A 144 -14.64 -9.47 -13.08
N CYS A 145 -13.74 -10.19 -13.73
CA CYS A 145 -12.59 -10.67 -13.00
C CYS A 145 -11.27 -10.51 -13.71
N PHE A 146 -10.23 -10.45 -12.87
CA PHE A 146 -8.85 -10.27 -13.27
C PHE A 146 -7.99 -11.21 -12.45
N LEU A 147 -6.86 -11.60 -13.04
CA LEU A 147 -5.95 -12.55 -12.40
C LEU A 147 -4.58 -11.98 -12.61
N LEU A 148 -3.70 -12.19 -11.65
CA LEU A 148 -2.40 -11.51 -11.61
C LEU A 148 -1.36 -12.44 -11.07
N SER A 149 -0.19 -12.40 -11.69
CA SER A 149 0.99 -13.05 -11.16
C SER A 149 1.84 -11.98 -10.57
N MET A 150 2.33 -12.18 -9.36
CA MET A 150 3.13 -11.14 -8.71
C MET A 150 4.29 -10.77 -9.67
N LYS A 151 4.53 -9.47 -9.84
CA LYS A 151 5.46 -8.98 -10.87
C LYS A 151 6.89 -9.41 -10.65
N ASP A 152 7.42 -9.13 -9.46
CA ASP A 152 8.81 -9.44 -9.16
C ASP A 152 8.91 -9.74 -7.71
N ASP A 153 9.89 -10.56 -7.31
CA ASP A 153 10.11 -10.89 -5.89
C ASP A 153 10.96 -9.77 -5.27
N SER A 154 10.39 -8.58 -5.23
CA SER A 154 11.11 -7.39 -4.80
C SER A 154 10.11 -6.32 -4.47
N ILE A 155 10.54 -5.34 -3.71
CA ILE A 155 9.65 -4.24 -3.32
C ILE A 155 9.10 -3.46 -4.50
N GLU A 156 9.93 -3.18 -5.50
CA GLU A 156 9.45 -2.52 -6.74
C GLU A 156 8.33 -3.34 -7.39
N GLY A 157 8.49 -4.66 -7.35
CA GLY A 157 7.53 -5.57 -7.98
C GLY A 157 6.22 -5.66 -7.22
N ILE A 158 6.36 -5.82 -5.91
CA ILE A 158 5.26 -6.00 -4.96
C ILE A 158 4.29 -4.80 -4.92
N TYR A 159 4.82 -3.59 -4.91
CA TYR A 159 4.02 -2.34 -4.88
C TYR A 159 3.47 -1.95 -6.24
N ASP A 160 4.10 -2.45 -7.29
CA ASP A 160 3.59 -2.29 -8.67
C ASP A 160 2.36 -3.09 -8.87
N THR A 161 2.40 -4.32 -8.41
CA THR A 161 1.25 -5.22 -8.41
C THR A 161 0.15 -4.65 -7.51
N LEU A 162 0.56 -4.15 -6.36
CA LEU A 162 -0.38 -3.51 -5.44
C LEU A 162 -1.19 -2.39 -6.11
N LYS A 163 -0.48 -1.51 -6.81
CA LYS A 163 -1.14 -0.43 -7.52
C LYS A 163 -2.12 -0.97 -8.57
N GLN A 164 -1.74 -2.06 -9.25
CA GLN A 164 -2.62 -2.70 -10.23
C GLN A 164 -3.84 -3.23 -9.52
N CYS A 165 -3.66 -3.91 -8.38
CA CYS A 165 -4.81 -4.44 -7.66
C CYS A 165 -5.73 -3.31 -7.21
N ALA A 166 -5.14 -2.18 -6.81
CA ALA A 166 -5.86 -0.99 -6.39
C ALA A 166 -6.67 -0.36 -7.51
N LEU A 167 -6.03 -0.14 -8.64
CA LEU A 167 -6.72 0.34 -9.84
C LEU A 167 -7.84 -0.58 -10.36
N ILE A 168 -7.61 -1.90 -10.27
CA ILE A 168 -8.62 -2.88 -10.67
C ILE A 168 -9.79 -2.91 -9.66
N SER A 169 -9.47 -2.75 -8.38
CA SER A 169 -10.53 -2.69 -7.38
C SER A 169 -11.45 -1.50 -7.64
N LYS A 170 -10.85 -0.35 -7.82
CA LYS A 170 -11.60 0.87 -8.12
C LYS A 170 -12.59 0.71 -9.25
N SER A 171 -12.17 0.05 -10.29
CA SER A 171 -13.02 -0.10 -11.46
C SER A 171 -14.00 -1.29 -11.36
N ALA A 172 -14.14 -1.89 -10.18
CA ALA A 172 -15.12 -2.96 -9.89
C ALA A 172 -14.69 -4.39 -10.26
N GLY A 173 -13.40 -4.59 -10.54
CA GLY A 173 -12.87 -5.91 -10.80
C GLY A 173 -12.61 -6.71 -9.55
N GLY A 174 -13.11 -7.94 -9.54
CA GLY A 174 -12.61 -9.00 -8.64
C GLY A 174 -11.21 -9.43 -9.03
N ILE A 175 -10.40 -9.85 -8.05
CA ILE A 175 -9.01 -10.21 -8.30
C ILE A 175 -8.62 -11.56 -7.77
N GLY A 176 -7.85 -12.30 -8.56
CA GLY A 176 -7.16 -13.51 -8.10
C GLY A 176 -5.65 -13.30 -8.28
N VAL A 177 -4.85 -13.55 -7.24
CA VAL A 177 -3.42 -13.22 -7.28
C VAL A 177 -2.51 -14.36 -6.80
N ALA A 178 -1.50 -14.67 -7.63
CA ALA A 178 -0.52 -15.73 -7.36
C ALA A 178 0.67 -15.09 -6.69
N VAL A 179 0.93 -15.55 -5.48
CA VAL A 179 1.86 -14.91 -4.59
C VAL A 179 3.07 -15.81 -4.31
N SER A 180 3.12 -16.96 -4.99
CA SER A 180 4.02 -18.05 -4.61
C SER A 180 5.49 -17.77 -4.89
N CYS A 181 5.76 -16.81 -5.77
CA CYS A 181 7.13 -16.39 -6.06
C CYS A 181 7.78 -15.49 -5.00
N ILE A 182 7.01 -14.92 -4.07
CA ILE A 182 7.56 -14.04 -3.03
C ILE A 182 8.27 -14.84 -2.00
N ARG A 183 9.44 -14.37 -1.59
CA ARG A 183 10.34 -15.20 -0.80
C ARG A 183 9.94 -15.28 0.65
N ALA A 184 10.26 -16.41 1.26
CA ALA A 184 9.68 -16.79 2.55
C ALA A 184 10.22 -15.99 3.70
N THR A 185 9.46 -15.99 4.78
CA THR A 185 9.86 -15.41 6.04
C THR A 185 11.23 -15.94 6.48
N GLY A 186 12.14 -15.01 6.76
CA GLY A 186 13.48 -15.36 7.21
C GLY A 186 14.50 -15.52 6.11
N SER A 187 14.09 -15.50 4.83
CA SER A 187 15.04 -15.68 3.72
C SER A 187 15.94 -14.47 3.60
N TYR A 188 17.14 -14.66 3.06
CA TYR A 188 18.12 -13.58 3.01
C TYR A 188 17.78 -12.53 1.95
N ILE A 189 18.17 -11.28 2.22
CA ILE A 189 18.08 -10.17 1.25
C ILE A 189 19.50 -9.66 0.95
N ALA A 190 19.96 -9.80 -0.29
CA ALA A 190 21.36 -9.51 -0.64
C ALA A 190 21.69 -8.03 -0.56
N GLY A 191 21.02 -7.22 -1.37
CA GLY A 191 21.25 -5.75 -1.48
C GLY A 191 21.16 -4.91 -0.20
N THR A 192 20.40 -5.38 0.80
CA THR A 192 20.42 -4.77 2.15
C THR A 192 21.04 -5.67 3.24
N ASN A 193 21.35 -6.93 2.91
CA ASN A 193 21.93 -7.89 3.87
C ASN A 193 21.06 -8.03 5.14
N GLY A 194 19.76 -8.26 4.91
CA GLY A 194 18.78 -8.52 5.97
C GLY A 194 18.01 -9.75 5.57
N ASN A 195 16.92 -10.02 6.27
CA ASN A 195 16.03 -11.15 5.92
C ASN A 195 14.57 -10.74 5.66
N SER A 196 13.90 -11.43 4.75
CA SER A 196 12.49 -11.14 4.42
C SER A 196 11.57 -11.38 5.61
N ASN A 197 10.62 -10.49 5.78
CA ASN A 197 9.58 -10.67 6.78
C ASN A 197 8.51 -11.66 6.27
N GLY A 198 8.52 -11.89 4.95
CA GLY A 198 7.75 -12.96 4.34
C GLY A 198 6.39 -12.52 3.84
N LEU A 199 5.49 -13.50 3.80
CA LEU A 199 4.17 -13.36 3.17
C LEU A 199 3.17 -12.58 4.02
N VAL A 200 3.05 -12.98 5.30
CA VAL A 200 2.10 -12.37 6.22
C VAL A 200 2.18 -10.81 6.20
N PRO A 201 3.35 -10.23 6.42
CA PRO A 201 3.37 -8.76 6.52
C PRO A 201 3.07 -8.00 5.21
N MET A 202 3.43 -8.58 4.07
CA MET A 202 3.06 -7.96 2.81
C MET A 202 1.57 -8.13 2.53
N LEU A 203 1.00 -9.27 2.93
CA LEU A 203 -0.44 -9.53 2.75
C LEU A 203 -1.29 -8.65 3.62
N ARG A 204 -0.71 -8.21 4.71
CA ARG A 204 -1.31 -7.21 5.55
C ARG A 204 -1.55 -5.88 4.82
N VAL A 205 -0.64 -5.54 3.91
CA VAL A 205 -0.74 -4.32 3.09
C VAL A 205 -1.81 -4.47 2.01
N TYR A 206 -1.87 -5.65 1.43
CA TYR A 206 -2.92 -5.99 0.48
C TYR A 206 -4.30 -5.96 1.14
N ASN A 207 -4.37 -6.54 2.33
CA ASN A 207 -5.58 -6.50 3.13
C ASN A 207 -6.11 -5.08 3.40
N ASN A 208 -5.22 -4.16 3.74
CA ASN A 208 -5.66 -2.78 3.97
C ASN A 208 -6.03 -2.04 2.71
N THR A 209 -5.40 -2.42 1.62
CA THR A 209 -5.75 -1.91 0.35
C THR A 209 -7.16 -2.39 -0.07
N ALA A 210 -7.52 -3.64 0.23
CA ALA A 210 -8.88 -4.13 -0.06
C ALA A 210 -9.96 -3.36 0.73
N ARG A 211 -9.66 -3.07 1.98
CA ARG A 211 -10.52 -2.23 2.82
C ARG A 211 -10.65 -0.80 2.32
N TYR A 212 -9.54 -0.25 1.87
CA TYR A 212 -9.48 1.17 1.51
C TYR A 212 -10.16 1.45 0.15
N VAL A 213 -9.97 0.55 -0.81
CA VAL A 213 -10.47 0.77 -2.16
C VAL A 213 -11.67 -0.12 -2.36
N ASP A 214 -12.80 0.35 -1.87
CA ASP A 214 -14.00 -0.49 -1.73
C ASP A 214 -15.26 0.00 -2.47
N GLN A 215 -15.07 0.49 -3.68
CA GLN A 215 -16.21 0.92 -4.52
C GLN A 215 -16.09 0.23 -5.89
N LYS A 219 -20.06 -1.04 -3.03
CA LYS A 219 -20.11 -0.74 -1.60
C LYS A 219 -19.50 -1.82 -0.67
N ARG A 220 -19.41 -3.07 -1.14
CA ARG A 220 -18.65 -4.14 -0.47
C ARG A 220 -17.15 -3.85 -0.55
N PRO A 221 -16.37 -4.28 0.48
CA PRO A 221 -14.90 -4.09 0.43
C PRO A 221 -14.25 -4.84 -0.72
N GLY A 222 -13.15 -4.30 -1.22
CA GLY A 222 -12.44 -4.89 -2.35
C GLY A 222 -12.21 -6.36 -2.09
N ALA A 223 -12.31 -7.18 -3.15
CA ALA A 223 -12.24 -8.62 -3.02
C ALA A 223 -11.00 -9.12 -3.74
N PHE A 224 -9.99 -9.54 -2.97
CA PHE A 224 -8.77 -10.15 -3.51
C PHE A 224 -8.64 -11.58 -3.00
N ALA A 225 -8.50 -12.53 -3.91
CA ALA A 225 -8.24 -13.94 -3.54
C ALA A 225 -6.77 -14.25 -3.79
N ILE A 226 -6.09 -14.70 -2.75
CA ILE A 226 -4.67 -14.92 -2.75
C ILE A 226 -4.39 -16.42 -3.00
N TYR A 227 -3.48 -16.71 -3.94
CA TYR A 227 -3.13 -18.07 -4.33
C TYR A 227 -1.74 -18.48 -3.85
N LEU A 228 -1.71 -19.51 -3.00
CA LEU A 228 -0.46 -20.09 -2.51
C LEU A 228 -0.33 -21.54 -2.92
N GLU A 229 0.82 -21.89 -3.47
CA GLU A 229 1.16 -23.32 -3.69
C GLU A 229 1.71 -23.90 -2.36
N PRO A 230 1.32 -25.13 -2.00
CA PRO A 230 1.66 -25.64 -0.67
C PRO A 230 3.12 -26.03 -0.41
N TRP A 231 3.96 -26.11 -1.43
CA TRP A 231 5.42 -26.28 -1.21
C TRP A 231 6.14 -25.03 -0.61
N HIS A 232 5.50 -23.87 -0.66
CA HIS A 232 6.07 -22.63 -0.16
C HIS A 232 6.06 -22.57 1.39
N LEU A 233 7.21 -22.25 1.95
CA LEU A 233 7.49 -22.32 3.40
C LEU A 233 6.56 -21.59 4.37
N ASP A 234 5.81 -20.61 3.89
CA ASP A 234 4.87 -19.83 4.73
C ASP A 234 3.46 -20.38 4.79
N ILE A 235 3.27 -21.56 4.24
CA ILE A 235 1.94 -22.12 4.09
C ILE A 235 1.14 -22.17 5.40
N PHE A 236 1.75 -22.62 6.48
CA PHE A 236 1.01 -22.79 7.75
C PHE A 236 0.50 -21.47 8.30
N GLU A 237 1.30 -20.44 8.06
CA GLU A 237 0.94 -19.08 8.45
C GLU A 237 -0.21 -18.62 7.54
N PHE A 238 -0.07 -18.87 6.24
CA PHE A 238 -1.07 -18.48 5.24
C PHE A 238 -2.46 -19.06 5.52
N LEU A 239 -2.53 -20.22 6.15
CA LEU A 239 -3.82 -20.80 6.53
C LEU A 239 -4.41 -20.16 7.79
N ASP A 240 -3.56 -19.56 8.61
CA ASP A 240 -3.96 -18.95 9.88
C ASP A 240 -4.65 -17.62 9.69
N LEU A 241 -4.24 -16.88 8.66
CA LEU A 241 -4.58 -15.47 8.62
C LEU A 241 -6.03 -15.09 8.23
N LYS A 242 -6.86 -16.07 7.92
CA LYS A 242 -8.30 -15.83 7.76
C LYS A 242 -9.11 -15.87 9.07
N LYS A 243 -8.58 -16.60 10.06
CA LYS A 243 -9.23 -16.92 11.33
C LYS A 243 -9.60 -15.72 12.18
N ASN A 244 -10.72 -15.84 12.92
CA ASN A 244 -11.29 -14.77 13.78
C ASN A 244 -10.69 -14.69 15.19
N THR A 245 -9.59 -15.40 15.39
CA THR A 245 -8.92 -15.54 16.67
C THR A 245 -7.43 -15.39 16.40
N GLY A 246 -6.75 -14.62 17.24
CA GLY A 246 -5.30 -14.46 17.14
C GLY A 246 -4.84 -13.02 16.99
N LYS A 247 -3.52 -12.88 16.98
CA LYS A 247 -2.89 -11.56 16.95
C LYS A 247 -3.16 -10.80 15.64
N GLU A 248 -3.40 -9.50 15.77
CA GLU A 248 -3.81 -8.62 14.68
C GLU A 248 -2.79 -8.54 13.50
N GLU A 249 -1.51 -8.37 13.85
CA GLU A 249 -0.39 -8.44 12.89
C GLU A 249 -0.19 -9.79 12.19
N GLN A 250 -0.73 -10.86 12.79
CA GLN A 250 -0.74 -12.21 12.19
C GLN A 250 -1.96 -12.46 11.31
N ARG A 251 -2.82 -11.45 11.13
CA ARG A 251 -4.12 -11.65 10.42
C ARG A 251 -4.37 -10.74 9.22
N ALA A 252 -5.21 -11.24 8.32
CA ALA A 252 -5.68 -10.52 7.17
C ALA A 252 -7.03 -11.07 6.77
N ARG A 253 -8.07 -10.71 7.50
CA ARG A 253 -9.40 -11.35 7.37
C ARG A 253 -10.31 -10.80 6.29
N ASP A 254 -9.96 -9.66 5.71
CA ASP A 254 -10.71 -9.09 4.58
C ASP A 254 -10.34 -9.71 3.22
N LEU A 255 -9.20 -10.39 3.16
CA LEU A 255 -8.76 -11.16 2.01
C LEU A 255 -9.43 -12.52 1.89
N PHE A 256 -9.22 -13.16 0.76
CA PHE A 256 -9.73 -14.50 0.47
C PHE A 256 -8.54 -15.39 0.08
N PHE A 257 -8.70 -16.70 0.29
CA PHE A 257 -7.58 -17.64 0.29
C PHE A 257 -7.83 -18.91 -0.48
N ALA A 258 -6.81 -19.29 -1.26
CA ALA A 258 -6.91 -20.42 -2.15
C ALA A 258 -5.59 -21.13 -2.23
N LEU A 259 -5.66 -22.43 -2.51
CA LEU A 259 -4.46 -23.25 -2.69
C LEU A 259 -4.40 -23.74 -4.13
N TRP A 260 -3.23 -23.55 -4.73
CA TRP A 260 -2.98 -23.98 -6.11
C TRP A 260 -2.12 -25.27 -5.98
N ILE A 261 -2.80 -26.41 -5.91
CA ILE A 261 -2.20 -27.63 -5.35
C ILE A 261 -1.68 -28.59 -6.41
N PRO A 262 -0.40 -28.97 -6.33
CA PRO A 262 0.09 -29.98 -7.28
C PRO A 262 -0.41 -31.42 -6.97
N ASP A 263 -0.49 -32.25 -8.02
CA ASP A 263 -0.74 -33.69 -7.88
C ASP A 263 0.20 -34.28 -6.83
N LEU A 264 1.49 -33.96 -6.97
CA LEU A 264 2.52 -34.47 -6.07
C LEU A 264 2.22 -34.39 -4.57
N PHE A 265 1.65 -33.26 -4.15
CA PHE A 265 1.27 -33.08 -2.73
C PHE A 265 0.15 -34.04 -2.33
N MET A 266 -0.82 -34.23 -3.20
CA MET A 266 -1.95 -35.11 -2.89
C MET A 266 -1.52 -36.59 -2.77
N LYS A 267 -0.69 -37.00 -3.71
CA LYS A 267 -0.05 -38.31 -3.70
C LYS A 267 0.79 -38.55 -2.44
N ARG A 268 1.50 -37.52 -1.96
CA ARG A 268 2.30 -37.64 -0.71
C ARG A 268 1.42 -37.76 0.50
N VAL A 269 0.28 -37.10 0.46
CA VAL A 269 -0.63 -37.14 1.59
C VAL A 269 -1.25 -38.53 1.73
N GLU A 270 -1.68 -39.13 0.60
CA GLU A 270 -2.40 -40.42 0.64
C GLU A 270 -1.48 -41.60 0.90
N THR A 271 -0.25 -41.52 0.38
CA THR A 271 0.80 -42.51 0.61
C THR A 271 1.47 -42.24 1.97
N ASN A 272 1.20 -41.08 2.54
CA ASN A 272 1.65 -40.72 3.88
C ASN A 272 3.16 -40.40 3.94
N GLN A 273 3.74 -40.04 2.78
CA GLN A 273 5.11 -39.60 2.69
C GLN A 273 5.36 -38.23 3.37
N ASP A 274 6.59 -37.74 3.17
CA ASP A 274 7.05 -36.46 3.68
C ASP A 274 6.87 -35.39 2.65
N TRP A 275 6.55 -34.20 3.14
CA TRP A 275 6.40 -33.01 2.30
C TRP A 275 7.53 -32.04 2.64
N SER A 276 8.15 -31.50 1.59
CA SER A 276 9.31 -30.61 1.73
C SER A 276 8.92 -29.12 1.48
N LEU A 277 8.90 -28.31 2.56
CA LEU A 277 8.72 -26.85 2.43
C LEU A 277 9.96 -26.11 1.91
N MET A 278 9.77 -25.24 0.94
CA MET A 278 10.86 -24.56 0.26
C MET A 278 10.62 -23.05 0.17
N CYS A 279 11.67 -22.32 -0.18
CA CYS A 279 11.59 -20.92 -0.47
C CYS A 279 11.80 -20.74 -1.95
N PRO A 280 10.95 -19.93 -2.60
CA PRO A 280 11.08 -19.71 -4.03
C PRO A 280 12.37 -19.03 -4.41
N ASN A 281 13.01 -18.32 -3.48
CA ASN A 281 14.35 -17.73 -3.78
C ASN A 281 15.43 -18.81 -3.89
N GLU A 282 15.46 -19.65 -2.86
CA GLU A 282 16.37 -20.82 -2.77
C GLU A 282 16.17 -21.78 -3.92
N CYS A 283 14.91 -22.15 -4.13
CA CYS A 283 14.52 -23.13 -5.15
C CYS A 283 13.56 -22.51 -6.21
N PRO A 284 14.09 -21.66 -7.10
CA PRO A 284 13.27 -20.93 -8.07
C PRO A 284 12.59 -21.81 -9.10
N GLY A 285 11.57 -21.25 -9.72
CA GLY A 285 10.94 -21.81 -10.92
C GLY A 285 9.83 -22.83 -10.77
N LEU A 286 9.45 -23.18 -9.54
CA LEU A 286 8.44 -24.21 -9.29
C LEU A 286 7.03 -23.92 -9.78
N ASP A 287 6.66 -22.63 -9.78
CA ASP A 287 5.36 -22.16 -10.24
C ASP A 287 5.31 -22.00 -11.74
N GLU A 288 6.47 -22.03 -12.39
CA GLU A 288 6.55 -21.93 -13.85
C GLU A 288 6.58 -23.30 -14.57
N VAL A 289 6.46 -24.40 -13.83
CA VAL A 289 6.34 -25.76 -14.39
C VAL A 289 5.17 -26.48 -13.71
N TRP A 290 4.65 -27.51 -14.37
CA TRP A 290 3.57 -28.33 -13.78
C TRP A 290 3.74 -29.84 -14.05
N GLY A 291 2.93 -30.63 -13.36
CA GLY A 291 2.88 -32.08 -13.55
C GLY A 291 4.23 -32.77 -13.38
N GLU A 292 4.59 -33.61 -14.35
CA GLU A 292 5.88 -34.34 -14.31
C GLU A 292 7.12 -33.44 -14.35
N GLU A 293 7.05 -32.37 -15.13
CA GLU A 293 8.15 -31.40 -15.20
C GLU A 293 8.40 -30.69 -13.86
N PHE A 294 7.31 -30.42 -13.13
CA PHE A 294 7.38 -29.87 -11.79
C PHE A 294 8.03 -30.89 -10.89
N GLU A 295 7.46 -32.08 -10.86
CA GLU A 295 7.85 -33.16 -9.96
C GLU A 295 9.33 -33.51 -10.05
N LYS A 296 9.84 -33.58 -11.26
CA LYS A 296 11.28 -33.70 -11.53
C LYS A 296 12.06 -32.55 -10.89
N LEU A 297 11.60 -31.32 -11.11
CA LEU A 297 12.21 -30.13 -10.49
C LEU A 297 12.06 -30.09 -8.97
N TYR A 298 10.89 -30.46 -8.46
CA TYR A 298 10.69 -30.52 -7.00
C TYR A 298 11.60 -31.55 -6.38
N ALA A 299 11.64 -32.75 -6.95
CA ALA A 299 12.57 -33.84 -6.53
C ALA A 299 14.03 -33.42 -6.57
N SER A 300 14.40 -32.68 -7.61
CA SER A 300 15.77 -32.21 -7.81
C SER A 300 16.25 -31.43 -6.59
N TYR A 301 15.51 -30.39 -6.19
CA TYR A 301 15.85 -29.61 -4.98
C TYR A 301 15.89 -30.45 -3.72
N GLU A 302 14.94 -31.38 -3.63
CA GLU A 302 14.84 -32.33 -2.51
C GLU A 302 16.08 -33.28 -2.37
N LYS A 303 16.57 -33.81 -3.49
CA LYS A 303 17.79 -34.61 -3.49
C LYS A 303 19.05 -33.75 -3.14
N GLN A 304 19.08 -32.49 -3.59
CA GLN A 304 20.12 -31.53 -3.19
C GLN A 304 20.00 -31.02 -1.73
N GLY A 305 18.85 -31.20 -1.10
CA GLY A 305 18.64 -30.72 0.27
C GLY A 305 18.54 -29.21 0.37
N ARG A 306 18.06 -28.56 -0.69
CA ARG A 306 17.63 -27.15 -0.65
C ARG A 306 16.18 -27.17 -0.18
N VAL A 307 16.04 -27.21 1.13
CA VAL A 307 14.79 -27.53 1.75
C VAL A 307 14.83 -26.83 3.10
N ARG A 308 14.01 -25.81 3.30
CA ARG A 308 14.01 -25.05 4.55
C ARG A 308 13.35 -25.77 5.69
N LYS A 309 12.38 -26.62 5.39
CA LYS A 309 11.74 -27.43 6.44
C LYS A 309 11.09 -28.65 5.81
N VAL A 310 10.89 -29.68 6.61
CA VAL A 310 10.23 -30.88 6.16
C VAL A 310 9.16 -31.17 7.15
N VAL A 311 8.04 -31.71 6.66
CA VAL A 311 6.92 -32.08 7.52
C VAL A 311 6.27 -33.32 6.97
N LYS A 312 5.41 -33.91 7.80
CA LYS A 312 4.56 -34.99 7.34
C LYS A 312 3.52 -34.35 6.44
N ALA A 313 3.43 -34.81 5.21
CA ALA A 313 2.44 -34.29 4.29
C ALA A 313 1.04 -34.33 4.91
N GLN A 314 0.83 -35.34 5.76
CA GLN A 314 -0.42 -35.48 6.52
C GLN A 314 -0.57 -34.42 7.64
N GLN A 315 0.49 -33.69 7.95
CA GLN A 315 0.44 -32.61 8.94
C GLN A 315 -0.11 -31.35 8.28
N LEU A 316 0.42 -31.03 7.09
CA LEU A 316 -0.12 -29.95 6.25
C LEU A 316 -1.59 -30.20 6.03
N TRP A 317 -1.91 -31.43 5.64
CA TRP A 317 -3.26 -31.78 5.28
C TRP A 317 -4.22 -31.40 6.39
N TYR A 318 -3.89 -31.80 7.62
CA TYR A 318 -4.78 -31.50 8.75
C TYR A 318 -4.90 -29.98 8.94
N ALA A 319 -3.81 -29.25 8.70
CA ALA A 319 -3.82 -27.78 8.82
C ALA A 319 -4.83 -27.15 7.84
N ILE A 320 -4.87 -27.69 6.64
CA ILE A 320 -5.84 -27.27 5.65
C ILE A 320 -7.27 -27.56 6.11
N ILE A 321 -7.52 -28.76 6.63
CA ILE A 321 -8.91 -29.16 6.94
C ILE A 321 -9.44 -28.33 8.10
N GLU A 322 -8.65 -28.10 9.13
CA GLU A 322 -9.14 -27.25 10.22
C GLU A 322 -9.42 -25.80 9.74
N SER A 323 -8.58 -25.28 8.84
CA SER A 323 -8.89 -23.98 8.22
C SER A 323 -10.28 -23.97 7.58
N GLN A 324 -10.57 -24.97 6.77
CA GLN A 324 -11.89 -25.08 6.12
C GLN A 324 -13.03 -25.29 7.10
N THR A 325 -12.78 -26.06 8.15
CA THR A 325 -13.76 -26.26 9.22
C THR A 325 -14.07 -24.96 9.96
N GLU A 326 -13.03 -24.23 10.34
CA GLU A 326 -13.17 -22.94 11.03
C GLU A 326 -13.66 -21.80 10.12
N THR A 327 -13.15 -21.73 8.90
CA THR A 327 -13.30 -20.56 8.02
C THR A 327 -14.16 -20.77 6.78
N GLY A 328 -14.27 -22.00 6.29
CA GLY A 328 -14.87 -22.28 4.98
C GLY A 328 -13.90 -22.30 3.83
N THR A 329 -12.61 -22.07 4.13
CA THR A 329 -11.56 -21.86 3.10
C THR A 329 -10.25 -22.37 3.70
N PRO A 330 -9.18 -22.54 2.91
CA PRO A 330 -9.05 -22.10 1.54
C PRO A 330 -9.77 -22.90 0.44
N TYR A 331 -9.95 -22.26 -0.72
CA TYR A 331 -10.49 -22.90 -1.91
C TYR A 331 -9.48 -23.92 -2.37
N MET A 332 -9.98 -24.98 -3.00
CA MET A 332 -9.13 -26.08 -3.45
C MET A 332 -9.10 -26.12 -4.95
N LEU A 333 -7.94 -25.79 -5.50
CA LEU A 333 -7.66 -25.91 -6.93
C LEU A 333 -6.49 -26.87 -7.17
N TYR A 334 -6.59 -27.65 -8.25
CA TYR A 334 -5.54 -28.62 -8.60
C TYR A 334 -4.81 -28.16 -9.86
N LYS A 335 -3.68 -27.55 -9.58
CA LYS A 335 -2.85 -26.89 -10.58
C LYS A 335 -2.53 -27.77 -11.79
N ASP A 336 -2.28 -29.05 -11.52
CA ASP A 336 -1.93 -30.01 -12.55
C ASP A 336 -3.09 -30.25 -13.50
N SER A 337 -4.30 -30.49 -13.02
CA SER A 337 -5.45 -30.66 -13.92
C SER A 337 -5.74 -29.36 -14.69
N CYS A 338 -5.66 -28.21 -13.98
CA CYS A 338 -5.92 -26.92 -14.56
C CYS A 338 -5.01 -26.70 -15.69
N ASN A 339 -3.74 -26.96 -15.46
CA ASN A 339 -2.74 -26.84 -16.52
C ASN A 339 -2.89 -27.92 -17.60
N ARG A 340 -3.06 -29.16 -17.17
CA ARG A 340 -3.10 -30.28 -18.09
C ARG A 340 -4.24 -30.13 -19.08
N LYS A 341 -5.37 -29.61 -18.60
CA LYS A 341 -6.58 -29.59 -19.40
C LYS A 341 -6.99 -28.22 -19.95
N SER A 342 -5.97 -27.41 -20.28
CA SER A 342 -6.18 -26.02 -20.69
C SER A 342 -5.81 -25.77 -22.13
N ASN A 343 -6.73 -25.16 -22.85
CA ASN A 343 -6.40 -24.65 -24.17
C ASN A 343 -5.32 -23.58 -24.17
N GLN A 344 -4.96 -23.06 -23.01
CA GLN A 344 -3.92 -22.03 -22.96
C GLN A 344 -2.53 -22.57 -22.66
N GLN A 345 -2.41 -23.87 -22.37
CA GLN A 345 -1.11 -24.45 -21.94
C GLN A 345 -0.01 -24.16 -22.98
N ASN A 346 -0.48 -23.87 -24.18
CA ASN A 346 0.23 -23.15 -25.21
C ASN A 346 1.21 -22.07 -24.67
N LEU A 347 0.74 -21.22 -23.75
CA LEU A 347 1.44 -19.97 -23.37
C LEU A 347 2.41 -20.08 -22.21
N GLY A 348 2.40 -21.22 -21.54
CA GLY A 348 3.22 -21.40 -20.34
C GLY A 348 2.31 -21.89 -19.24
N THR A 349 2.92 -22.17 -18.10
CA THR A 349 2.21 -22.61 -16.91
C THR A 349 1.32 -21.47 -16.37
N ILE A 350 0.14 -21.88 -15.89
CA ILE A 350 -0.89 -21.01 -15.37
C ILE A 350 -0.79 -21.11 -13.88
N LYS A 351 -0.70 -19.97 -13.21
CA LYS A 351 -0.31 -19.92 -11.77
C LYS A 351 -1.42 -19.75 -10.78
N CYS A 352 -2.61 -19.40 -11.25
CA CYS A 352 -3.75 -19.19 -10.36
C CYS A 352 -5.05 -19.19 -11.11
N SER A 353 -6.11 -19.34 -10.35
CA SER A 353 -7.44 -18.98 -10.80
C SER A 353 -7.81 -17.55 -10.28
N ASN A 354 -9.08 -17.20 -10.42
CA ASN A 354 -9.59 -15.88 -10.10
C ASN A 354 -10.22 -15.96 -8.74
N LEU A 355 -10.83 -14.86 -8.32
CA LEU A 355 -11.57 -14.78 -7.08
C LEU A 355 -12.61 -15.88 -6.82
N CYS A 356 -13.41 -16.22 -7.80
CA CYS A 356 -14.47 -17.21 -7.65
C CYS A 356 -14.13 -18.66 -8.11
N THR A 357 -12.89 -18.88 -8.53
CA THR A 357 -12.32 -20.19 -8.86
C THR A 357 -12.93 -20.89 -10.07
N GLU A 358 -13.50 -20.15 -11.02
CA GLU A 358 -14.00 -20.76 -12.26
C GLU A 358 -13.13 -20.45 -13.46
N ILE A 359 -12.17 -19.55 -13.31
CA ILE A 359 -11.43 -19.01 -14.44
C ILE A 359 -10.03 -19.54 -14.29
N VAL A 360 -9.50 -20.08 -15.36
CA VAL A 360 -8.18 -20.67 -15.39
C VAL A 360 -7.51 -20.09 -16.60
N GLU A 361 -6.66 -19.09 -16.38
CA GLU A 361 -6.09 -18.32 -17.46
C GLU A 361 -4.69 -17.95 -17.12
N TYR A 362 -3.85 -17.90 -18.13
CA TYR A 362 -2.43 -17.57 -18.01
C TYR A 362 -2.22 -16.12 -17.57
N THR A 363 -1.16 -15.91 -16.80
CA THR A 363 -0.69 -14.57 -16.44
C THR A 363 0.81 -14.60 -16.39
N SER A 364 1.37 -13.39 -16.47
CA SER A 364 2.80 -13.19 -16.40
C SER A 364 2.96 -11.74 -16.04
N LYS A 365 4.20 -11.31 -15.88
CA LYS A 365 4.45 -9.92 -15.55
C LYS A 365 3.97 -8.92 -16.62
N ASP A 366 3.82 -9.38 -17.85
CA ASP A 366 3.33 -8.52 -18.93
C ASP A 366 1.83 -8.65 -19.15
N GLU A 367 1.20 -9.53 -18.39
CA GLU A 367 -0.17 -9.98 -18.67
C GLU A 367 -1.05 -10.20 -17.46
N VAL A 368 -2.10 -9.39 -17.40
CA VAL A 368 -3.11 -9.51 -16.39
C VAL A 368 -4.27 -10.07 -17.16
N ALA A 369 -4.76 -11.22 -16.72
CA ALA A 369 -5.84 -11.92 -17.44
C ALA A 369 -7.13 -11.27 -17.02
N VAL A 370 -8.13 -11.34 -17.89
CA VAL A 370 -9.43 -10.78 -17.70
C VAL A 370 -10.43 -11.83 -18.07
N CYS A 371 -11.67 -11.68 -17.60
CA CYS A 371 -12.74 -12.39 -18.21
C CYS A 371 -14.12 -11.79 -18.13
N ASN A 372 -14.76 -11.70 -19.29
CA ASN A 372 -16.11 -11.22 -19.39
C ASN A 372 -17.09 -12.39 -19.34
N LEU A 373 -18.09 -12.24 -18.48
CA LEU A 373 -18.98 -13.29 -18.12
C LEU A 373 -20.41 -12.97 -18.46
N ALA A 374 -21.12 -13.99 -18.88
CA ALA A 374 -22.56 -13.95 -18.99
C ALA A 374 -23.06 -15.33 -18.60
N SER A 375 -24.35 -15.47 -18.45
CA SER A 375 -24.92 -16.69 -17.90
C SER A 375 -26.28 -17.00 -18.51
N LEU A 376 -26.45 -18.26 -18.95
CA LEU A 376 -27.72 -18.72 -19.52
C LEU A 376 -28.66 -19.25 -18.42
N ALA A 377 -29.92 -18.86 -18.48
CA ALA A 377 -30.94 -19.40 -17.57
C ALA A 377 -31.50 -20.74 -18.09
N LEU A 378 -31.05 -21.84 -17.46
CA LEU A 378 -31.35 -23.19 -17.92
C LEU A 378 -32.82 -23.64 -17.87
N ASN A 379 -33.53 -23.22 -16.83
CA ASN A 379 -35.02 -23.34 -16.74
C ASN A 379 -35.81 -22.85 -17.97
N MET A 380 -35.23 -21.90 -18.66
CA MET A 380 -35.84 -21.25 -19.82
C MET A 380 -36.10 -22.13 -21.04
N TYR A 381 -35.34 -23.22 -21.17
CA TYR A 381 -35.33 -24.03 -22.37
C TYR A 381 -36.15 -25.34 -22.20
N VAL A 382 -36.89 -25.43 -21.10
CA VAL A 382 -37.82 -26.51 -20.92
C VAL A 382 -39.15 -26.15 -21.57
N THR A 383 -39.48 -26.88 -22.64
CA THR A 383 -40.78 -26.85 -23.32
C THR A 383 -41.90 -27.36 -22.39
N SER A 384 -43.14 -27.14 -22.80
CA SER A 384 -44.32 -27.53 -21.98
C SER A 384 -44.67 -28.99 -22.14
N GLU A 385 -44.05 -29.64 -23.14
CA GLU A 385 -44.03 -31.10 -23.23
C GLU A 385 -42.88 -31.77 -22.41
N HIS A 386 -42.28 -31.03 -21.45
CA HIS A 386 -41.13 -31.50 -20.65
C HIS A 386 -40.04 -32.04 -21.52
N THR A 387 -39.78 -31.27 -22.58
CA THR A 387 -38.68 -31.49 -23.50
C THR A 387 -37.75 -30.29 -23.37
N TYR A 388 -36.48 -30.52 -23.69
CA TYR A 388 -35.42 -29.59 -23.41
C TYR A 388 -34.91 -29.20 -24.75
N ASP A 389 -34.77 -27.91 -24.97
CA ASP A 389 -34.61 -27.42 -26.32
C ASP A 389 -33.14 -27.16 -26.62
N PHE A 390 -32.41 -28.25 -26.76
CA PHE A 390 -30.96 -28.16 -27.02
C PHE A 390 -30.63 -27.29 -28.23
N LYS A 391 -31.48 -27.30 -29.23
CA LYS A 391 -31.27 -26.48 -30.43
C LYS A 391 -31.37 -24.99 -30.11
N LYS A 392 -32.35 -24.63 -29.29
CA LYS A 392 -32.52 -23.28 -28.84
C LYS A 392 -31.34 -22.83 -27.96
N LEU A 393 -31.04 -23.66 -26.97
CA LEU A 393 -29.94 -23.39 -26.06
C LEU A 393 -28.68 -22.98 -26.81
N ALA A 394 -28.34 -23.76 -27.82
CA ALA A 394 -27.21 -23.44 -28.67
C ALA A 394 -27.47 -22.17 -29.51
N GLU A 395 -28.73 -21.90 -29.78
CA GLU A 395 -29.16 -20.69 -30.50
C GLU A 395 -28.72 -19.45 -29.67
N VAL A 396 -29.21 -19.39 -28.44
CA VAL A 396 -28.89 -18.31 -27.51
C VAL A 396 -27.40 -18.29 -27.13
N THR A 397 -26.82 -19.44 -26.79
CA THR A 397 -25.39 -19.53 -26.50
C THR A 397 -24.51 -18.82 -27.56
N LYS A 398 -24.89 -18.97 -28.81
CA LYS A 398 -24.13 -18.34 -29.91
C LYS A 398 -24.20 -16.81 -29.91
N VAL A 399 -25.30 -16.27 -29.40
CA VAL A 399 -25.46 -14.83 -29.31
C VAL A 399 -24.47 -14.31 -28.26
N VAL A 400 -24.59 -14.90 -27.08
CA VAL A 400 -23.77 -14.58 -25.91
C VAL A 400 -22.29 -14.57 -26.31
N VAL A 401 -21.86 -15.60 -27.01
CA VAL A 401 -20.45 -15.70 -27.37
C VAL A 401 -20.00 -14.48 -28.15
N ARG A 402 -20.90 -14.03 -29.04
CA ARG A 402 -20.61 -12.94 -29.97
C ARG A 402 -20.60 -11.62 -29.21
N ASN A 403 -21.60 -11.44 -28.34
CA ASN A 403 -21.67 -10.30 -27.44
C ASN A 403 -20.39 -10.19 -26.62
N LEU A 404 -20.06 -11.26 -25.89
CA LEU A 404 -18.87 -11.32 -25.04
C LEU A 404 -17.61 -10.99 -25.81
N ASN A 405 -17.57 -11.45 -27.05
CA ASN A 405 -16.44 -11.18 -27.91
C ASN A 405 -16.42 -9.69 -28.34
N LYS A 406 -17.59 -9.10 -28.46
CA LYS A 406 -17.69 -7.68 -28.80
C LYS A 406 -17.19 -6.89 -27.61
N ILE A 407 -17.60 -7.33 -26.42
CA ILE A 407 -17.12 -6.71 -25.18
C ILE A 407 -15.60 -6.59 -25.12
N ILE A 408 -14.87 -7.64 -25.46
CA ILE A 408 -13.39 -7.60 -25.40
C ILE A 408 -12.84 -6.33 -26.09
N ASP A 409 -13.45 -6.01 -27.25
CA ASP A 409 -13.03 -4.91 -28.08
C ASP A 409 -13.36 -3.51 -27.61
N ILE A 410 -14.49 -3.35 -26.93
CA ILE A 410 -14.94 -2.04 -26.44
C ILE A 410 -14.69 -1.75 -24.97
N ASN A 411 -14.20 -2.75 -24.24
CA ASN A 411 -13.95 -2.61 -22.82
C ASN A 411 -12.91 -1.52 -22.64
N TYR A 412 -13.03 -0.78 -21.55
CA TYR A 412 -11.96 0.10 -21.08
C TYR A 412 -11.20 -0.70 -20.01
N TYR A 413 -9.88 -0.81 -20.14
CA TYR A 413 -9.10 -1.62 -19.21
C TYR A 413 -8.40 -0.75 -18.17
N PRO A 414 -8.44 -1.16 -16.89
CA PRO A 414 -7.85 -0.38 -15.80
C PRO A 414 -6.35 -0.36 -15.81
N VAL A 415 -5.74 -1.41 -16.34
CA VAL A 415 -4.31 -1.49 -16.50
C VAL A 415 -3.99 -2.02 -17.91
N PRO A 416 -2.85 -1.60 -18.46
CA PRO A 416 -2.55 -1.95 -19.85
C PRO A 416 -2.22 -3.44 -20.03
N GLU A 417 -1.66 -4.08 -19.02
CA GLU A 417 -1.38 -5.51 -19.04
C GLU A 417 -2.62 -6.33 -19.32
N ALA A 418 -3.80 -5.86 -18.90
CA ALA A 418 -5.07 -6.57 -19.09
C ALA A 418 -5.65 -6.44 -20.46
N CYS A 419 -5.38 -5.31 -21.08
CA CYS A 419 -5.80 -5.02 -22.44
C CYS A 419 -5.07 -5.95 -23.39
N LEU A 420 -3.76 -6.03 -23.18
CA LEU A 420 -2.86 -6.86 -23.97
C LEU A 420 -3.27 -8.32 -23.88
N SER A 421 -3.43 -8.82 -22.66
CA SER A 421 -3.80 -10.20 -22.43
C SER A 421 -5.08 -10.61 -23.13
N ASN A 422 -6.08 -9.74 -23.03
CA ASN A 422 -7.46 -10.05 -23.49
C ASN A 422 -7.56 -10.01 -25.01
N LYS A 423 -6.84 -9.11 -25.65
CA LYS A 423 -6.86 -9.04 -27.11
C LYS A 423 -5.87 -10.00 -27.75
N ARG A 424 -4.95 -10.52 -26.95
CA ARG A 424 -4.07 -11.62 -27.35
C ARG A 424 -4.70 -12.99 -27.41
N HIS A 425 -5.51 -13.32 -26.43
CA HIS A 425 -6.14 -14.65 -26.36
C HIS A 425 -7.62 -14.65 -26.36
N ARG A 426 -8.23 -13.49 -26.22
CA ARG A 426 -9.68 -13.38 -26.30
C ARG A 426 -10.46 -14.47 -25.61
N PRO A 427 -10.16 -14.72 -24.31
CA PRO A 427 -11.00 -15.61 -23.54
C PRO A 427 -12.35 -14.96 -23.18
N ILE A 428 -13.36 -15.81 -23.00
CA ILE A 428 -14.66 -15.42 -22.47
C ILE A 428 -15.11 -16.54 -21.50
N GLY A 429 -16.19 -16.30 -20.78
CA GLY A 429 -16.66 -17.26 -19.79
C GLY A 429 -18.16 -17.21 -19.67
N ILE A 430 -18.80 -18.16 -20.31
CA ILE A 430 -20.24 -18.33 -20.27
C ILE A 430 -20.57 -19.36 -19.19
N GLY A 431 -21.60 -19.04 -18.41
CA GLY A 431 -22.01 -19.87 -17.29
C GLY A 431 -23.51 -20.01 -17.31
N VAL A 432 -24.08 -20.34 -16.15
CA VAL A 432 -25.45 -20.76 -16.06
C VAL A 432 -26.06 -20.46 -14.73
N GLN A 433 -27.38 -20.49 -14.69
CA GLN A 433 -28.16 -20.49 -13.46
C GLN A 433 -29.45 -21.28 -13.71
N GLY A 434 -30.06 -21.75 -12.63
CA GLY A 434 -31.34 -22.45 -12.73
C GLY A 434 -31.20 -23.88 -13.25
N LEU A 435 -30.03 -24.49 -13.04
CA LEU A 435 -29.78 -25.89 -13.37
C LEU A 435 -30.67 -26.79 -12.56
N ALA A 436 -30.87 -26.42 -11.29
CA ALA A 436 -31.80 -27.07 -10.42
C ALA A 436 -33.19 -26.86 -10.95
N ASP A 437 -33.55 -25.59 -11.17
CA ASP A 437 -34.91 -25.22 -11.66
C ASP A 437 -35.32 -25.96 -12.94
N ALA A 438 -34.37 -26.17 -13.84
CA ALA A 438 -34.62 -26.97 -15.03
C ALA A 438 -35.06 -28.37 -14.66
N PHE A 439 -34.35 -29.00 -13.72
CA PHE A 439 -34.63 -30.39 -13.31
C PHE A 439 -36.05 -30.57 -12.80
N ILE A 440 -36.44 -29.67 -11.92
CA ILE A 440 -37.77 -29.66 -11.34
C ILE A 440 -38.79 -29.55 -12.46
N LEU A 441 -38.56 -28.60 -13.37
CA LEU A 441 -39.40 -28.41 -14.56
C LEU A 441 -39.54 -29.65 -15.44
N MET A 442 -38.46 -30.43 -15.54
CA MET A 442 -38.51 -31.70 -16.25
C MET A 442 -38.92 -32.88 -15.42
N ARG A 443 -39.29 -32.61 -14.16
CA ARG A 443 -39.73 -33.65 -13.23
C ARG A 443 -38.62 -34.67 -12.95
N TYR A 444 -37.36 -34.24 -13.00
CA TYR A 444 -36.22 -35.07 -12.64
C TYR A 444 -35.72 -34.66 -11.27
N PRO A 445 -35.64 -35.60 -10.32
CA PRO A 445 -34.84 -35.27 -9.14
C PRO A 445 -33.39 -35.02 -9.53
N PHE A 446 -32.69 -34.29 -8.69
CA PHE A 446 -31.29 -33.92 -8.95
C PHE A 446 -30.35 -35.15 -9.07
N GLU A 447 -30.57 -36.18 -8.27
CA GLU A 447 -29.64 -37.34 -8.25
C GLU A 447 -30.04 -38.46 -9.24
N SER A 448 -31.24 -38.34 -9.84
CA SER A 448 -31.75 -39.31 -10.82
C SER A 448 -30.83 -39.51 -12.00
N ALA A 449 -30.95 -40.66 -12.64
CA ALA A 449 -30.17 -40.98 -13.83
C ALA A 449 -30.54 -40.08 -15.01
N GLU A 450 -31.79 -39.62 -15.02
CA GLU A 450 -32.27 -38.72 -16.06
C GLU A 450 -31.58 -37.36 -15.93
N ALA A 451 -31.55 -36.81 -14.72
CA ALA A 451 -30.80 -35.56 -14.45
C ALA A 451 -29.31 -35.65 -14.80
N GLN A 452 -28.73 -36.82 -14.56
CA GLN A 452 -27.30 -37.01 -14.79
C GLN A 452 -27.01 -37.04 -16.26
N LEU A 453 -27.98 -37.50 -17.05
CA LEU A 453 -27.87 -37.47 -18.50
C LEU A 453 -28.10 -36.07 -19.02
N LEU A 454 -29.12 -35.42 -18.48
CA LEU A 454 -29.49 -34.06 -18.90
C LEU A 454 -28.29 -33.14 -18.73
N ASN A 455 -27.68 -33.27 -17.55
CA ASN A 455 -26.54 -32.50 -17.12
C ASN A 455 -25.47 -32.48 -18.17
N LYS A 456 -25.22 -33.65 -18.74
CA LYS A 456 -24.19 -33.83 -19.75
C LYS A 456 -24.60 -33.27 -21.11
N GLN A 457 -25.89 -33.33 -21.38
CA GLN A 457 -26.44 -32.93 -22.68
C GLN A 457 -26.46 -31.42 -22.72
N ILE A 458 -26.90 -30.82 -21.61
CA ILE A 458 -26.88 -29.36 -21.47
C ILE A 458 -25.47 -28.81 -21.73
N PHE A 459 -24.47 -29.38 -21.08
CA PHE A 459 -23.15 -28.81 -21.18
C PHE A 459 -22.44 -29.23 -22.46
N GLU A 460 -22.86 -30.37 -23.02
CA GLU A 460 -22.45 -30.71 -24.39
C GLU A 460 -23.00 -29.67 -25.37
N THR A 461 -24.28 -29.34 -25.21
CA THR A 461 -24.90 -28.35 -26.08
C THR A 461 -24.21 -26.96 -26.05
N ILE A 462 -23.97 -26.46 -24.84
CA ILE A 462 -23.43 -25.13 -24.66
C ILE A 462 -22.04 -25.09 -25.26
N TYR A 463 -21.22 -26.08 -24.94
CA TYR A 463 -19.86 -26.14 -25.48
C TYR A 463 -19.83 -26.27 -27.00
N TYR A 464 -20.79 -27.03 -27.53
CA TYR A 464 -21.02 -27.15 -28.98
C TYR A 464 -21.43 -25.80 -29.61
N GLY A 465 -22.52 -25.23 -29.08
CA GLY A 465 -22.93 -23.87 -29.49
C GLY A 465 -21.82 -22.82 -29.43
N ALA A 466 -20.99 -22.89 -28.39
CA ALA A 466 -19.97 -21.90 -28.13
C ALA A 466 -18.90 -21.97 -29.18
N LEU A 467 -18.33 -23.17 -29.33
CA LEU A 467 -17.26 -23.43 -30.33
C LEU A 467 -17.73 -23.01 -31.73
N GLU A 468 -18.99 -23.36 -32.03
CA GLU A 468 -19.57 -23.09 -33.34
C GLU A 468 -19.60 -21.58 -33.62
N ALA A 469 -19.99 -20.77 -32.64
CA ALA A 469 -19.93 -19.30 -32.82
C ALA A 469 -18.51 -18.80 -32.94
N SER A 470 -17.66 -19.32 -32.07
CA SER A 470 -16.28 -18.87 -32.05
C SER A 470 -15.62 -19.16 -33.37
N CYS A 471 -15.96 -20.31 -33.91
CA CYS A 471 -15.46 -20.76 -35.22
C CYS A 471 -15.86 -19.81 -36.36
N ASP A 472 -17.15 -19.46 -36.44
CA ASP A 472 -17.66 -18.47 -37.42
C ASP A 472 -16.91 -17.11 -37.34
N LEU A 473 -16.53 -16.69 -36.12
CA LEU A 473 -15.87 -15.43 -35.92
C LEU A 473 -14.47 -15.48 -36.49
N ALA A 474 -13.79 -16.61 -36.29
CA ALA A 474 -12.47 -16.83 -36.90
C ALA A 474 -12.57 -16.85 -38.43
N LYS A 475 -13.71 -17.30 -38.91
CA LYS A 475 -14.05 -17.15 -40.31
C LYS A 475 -14.09 -15.69 -40.77
N GLU A 476 -14.81 -14.86 -40.03
CA GLU A 476 -14.96 -13.44 -40.36
C GLU A 476 -13.70 -12.64 -40.00
N GLN A 477 -13.28 -12.80 -38.75
CA GLN A 477 -12.21 -11.99 -38.12
C GLN A 477 -10.83 -12.65 -38.10
N GLY A 478 -10.79 -13.98 -38.17
CA GLY A 478 -9.53 -14.73 -38.06
C GLY A 478 -9.33 -15.32 -36.65
N PRO A 479 -8.39 -16.25 -36.51
CA PRO A 479 -8.09 -16.74 -35.19
C PRO A 479 -7.50 -15.69 -34.27
N TYR A 480 -7.55 -15.99 -32.99
CA TYR A 480 -6.83 -15.21 -32.02
C TYR A 480 -5.34 -15.49 -32.19
N GLU A 481 -4.56 -14.54 -31.73
CA GLU A 481 -3.15 -14.49 -32.11
C GLU A 481 -2.40 -15.74 -31.70
N THR A 482 -2.70 -16.27 -30.54
CA THR A 482 -1.97 -17.43 -30.02
C THR A 482 -2.69 -18.75 -30.26
N TYR A 483 -3.62 -18.74 -31.21
CA TYR A 483 -4.35 -19.94 -31.59
C TYR A 483 -3.40 -21.04 -32.05
N GLU A 484 -2.42 -20.64 -32.85
CA GLU A 484 -1.50 -21.61 -33.41
C GLU A 484 -0.64 -22.19 -32.29
N GLY A 485 -0.63 -23.51 -32.21
CA GLY A 485 0.08 -24.22 -31.16
C GLY A 485 -0.79 -24.69 -30.03
N SER A 486 -2.09 -24.32 -30.04
CA SER A 486 -3.01 -24.68 -28.98
C SER A 486 -3.55 -26.07 -29.19
N PRO A 487 -3.99 -26.74 -28.11
CA PRO A 487 -4.73 -28.00 -28.23
C PRO A 487 -5.85 -28.00 -29.27
N VAL A 488 -6.64 -26.95 -29.33
CA VAL A 488 -7.76 -26.86 -30.29
C VAL A 488 -7.25 -26.79 -31.74
N SER A 489 -6.14 -26.09 -31.98
CA SER A 489 -5.49 -26.07 -33.30
C SER A 489 -5.05 -27.46 -33.72
N LYS A 490 -4.53 -28.22 -32.77
CA LYS A 490 -4.13 -29.61 -32.94
C LYS A 490 -5.33 -30.59 -33.02
N GLY A 491 -6.56 -30.07 -33.07
CA GLY A 491 -7.75 -30.88 -33.15
C GLY A 491 -8.23 -31.44 -31.84
N ILE A 492 -7.47 -31.23 -30.76
CA ILE A 492 -7.88 -31.66 -29.38
C ILE A 492 -8.86 -30.64 -28.78
N LEU A 493 -9.97 -31.16 -28.29
CA LEU A 493 -11.05 -30.40 -27.68
C LEU A 493 -11.13 -30.80 -26.21
N GLN A 494 -11.96 -30.10 -25.42
CA GLN A 494 -11.85 -30.24 -23.97
C GLN A 494 -12.16 -31.63 -23.45
N TYR A 495 -13.23 -32.26 -23.97
CA TYR A 495 -13.61 -33.67 -23.60
C TYR A 495 -12.51 -34.67 -23.94
N ASP A 496 -11.74 -34.39 -24.99
CA ASP A 496 -10.58 -35.24 -25.38
C ASP A 496 -9.49 -35.28 -24.30
N MET A 497 -9.32 -34.17 -23.58
CA MET A 497 -8.28 -34.04 -22.53
C MET A 497 -8.76 -34.70 -21.25
N TRP A 498 -10.08 -34.91 -21.12
CA TRP A 498 -10.61 -35.73 -20.04
C TRP A 498 -10.79 -37.21 -20.47
N ASN A 499 -10.51 -37.52 -21.73
CA ASN A 499 -10.73 -38.86 -22.29
C ASN A 499 -12.20 -39.32 -22.18
N VAL A 500 -13.06 -38.43 -22.67
CA VAL A 500 -14.49 -38.66 -22.71
C VAL A 500 -14.94 -38.69 -24.17
N THR A 501 -16.02 -39.41 -24.39
CA THR A 501 -16.62 -39.49 -25.70
C THR A 501 -18.00 -38.92 -25.48
N PRO A 502 -18.37 -37.89 -26.27
CA PRO A 502 -19.66 -37.27 -26.12
C PRO A 502 -20.85 -38.20 -26.43
N THR A 503 -21.96 -37.92 -25.79
CA THR A 503 -23.25 -38.37 -26.24
C THR A 503 -23.38 -37.98 -27.71
N ASP A 504 -24.23 -38.71 -28.44
CA ASP A 504 -24.36 -38.57 -29.91
C ASP A 504 -25.32 -37.45 -30.35
N LEU A 505 -25.76 -36.65 -29.37
CA LEU A 505 -26.66 -35.52 -29.54
C LEU A 505 -26.16 -34.54 -30.61
N TRP A 506 -24.87 -34.27 -30.64
CA TRP A 506 -24.31 -33.31 -31.58
C TRP A 506 -23.21 -33.95 -32.33
N ASP A 507 -22.98 -33.44 -33.53
CA ASP A 507 -21.98 -33.98 -34.43
C ASP A 507 -20.69 -33.20 -34.31
N TRP A 508 -19.75 -33.77 -33.57
CA TRP A 508 -18.48 -33.13 -33.29
C TRP A 508 -17.51 -33.26 -34.45
N LYS A 509 -17.72 -34.28 -35.27
CA LYS A 509 -16.91 -34.52 -36.45
C LYS A 509 -16.99 -33.33 -37.42
N VAL A 510 -18.23 -32.87 -37.61
CA VAL A 510 -18.53 -31.67 -38.40
C VAL A 510 -17.71 -30.52 -37.84
N LEU A 511 -17.94 -30.25 -36.56
CA LEU A 511 -17.35 -29.09 -35.91
C LEU A 511 -15.82 -29.17 -35.92
N LYS A 512 -15.29 -30.32 -35.53
CA LYS A 512 -13.82 -30.48 -35.49
C LYS A 512 -13.20 -30.22 -36.86
N GLU A 513 -13.98 -30.52 -37.90
CA GLU A 513 -13.65 -30.16 -39.28
C GLU A 513 -13.86 -28.67 -39.62
N LYS A 514 -14.93 -28.05 -39.12
CA LYS A 514 -15.08 -26.57 -39.24
C LYS A 514 -13.90 -25.82 -38.59
N ILE A 515 -13.55 -26.25 -37.37
CA ILE A 515 -12.44 -25.64 -36.62
C ILE A 515 -11.09 -25.84 -37.29
N ALA A 516 -10.93 -26.96 -38.00
CA ALA A 516 -9.65 -27.26 -38.68
C ALA A 516 -9.35 -26.33 -39.87
N LYS A 517 -10.39 -25.88 -40.58
CA LYS A 517 -10.23 -24.93 -41.72
C LYS A 517 -10.07 -23.49 -41.22
N TYR A 518 -10.95 -23.06 -40.31
CA TYR A 518 -11.02 -21.65 -39.87
C TYR A 518 -10.31 -21.28 -38.59
N GLY A 519 -10.25 -22.22 -37.65
CA GLY A 519 -9.78 -21.96 -36.29
C GLY A 519 -10.92 -21.36 -35.50
N ILE A 520 -10.61 -20.89 -34.30
CA ILE A 520 -11.57 -20.16 -33.45
C ILE A 520 -11.04 -18.80 -32.99
N ARG A 521 -11.99 -17.96 -32.59
CA ARG A 521 -11.74 -16.56 -32.21
C ARG A 521 -11.29 -16.42 -30.75
N ASN A 522 -11.73 -17.35 -29.90
CA ASN A 522 -11.55 -17.26 -28.47
C ASN A 522 -10.83 -18.48 -27.91
N SER A 523 -9.75 -18.24 -27.17
CA SER A 523 -8.97 -19.31 -26.54
C SER A 523 -9.75 -20.16 -25.55
N LEU A 524 -10.79 -19.60 -24.93
CA LEU A 524 -11.57 -20.25 -23.90
C LEU A 524 -12.93 -19.65 -23.89
N LEU A 525 -13.94 -20.43 -23.51
CA LEU A 525 -15.36 -20.05 -23.65
C LEU A 525 -16.28 -20.31 -22.47
N ILE A 526 -15.99 -21.35 -21.67
CA ILE A 526 -16.98 -21.84 -20.71
C ILE A 526 -16.48 -21.83 -19.27
N ALA A 527 -17.28 -21.27 -18.37
CA ALA A 527 -16.92 -21.08 -16.97
C ALA A 527 -18.13 -20.70 -16.14
N PRO A 528 -18.83 -21.71 -15.59
CA PRO A 528 -19.86 -21.45 -14.60
C PRO A 528 -19.40 -20.71 -13.34
N MET A 529 -19.99 -19.54 -13.11
CA MET A 529 -19.61 -18.67 -12.03
C MET A 529 -20.75 -18.61 -11.02
N PRO A 530 -20.55 -17.89 -9.89
CA PRO A 530 -21.54 -18.00 -8.81
C PRO A 530 -22.95 -17.47 -9.06
N THR A 531 -23.08 -16.37 -9.79
CA THR A 531 -24.41 -15.77 -10.12
C THR A 531 -25.31 -15.39 -8.94
N ALA A 532 -24.71 -15.03 -7.81
CA ALA A 532 -25.50 -14.66 -6.60
C ALA A 532 -26.45 -13.50 -6.78
N SER A 533 -25.99 -12.43 -7.42
CA SER A 533 -26.85 -11.28 -7.66
C SER A 533 -27.76 -11.57 -8.87
N THR A 534 -27.20 -12.01 -10.00
CA THR A 534 -28.02 -12.19 -11.22
C THR A 534 -29.11 -13.28 -11.15
N ALA A 535 -28.94 -14.30 -10.32
CA ALA A 535 -29.98 -15.33 -10.14
C ALA A 535 -31.14 -14.85 -9.27
N GLN A 536 -30.84 -14.12 -8.21
CA GLN A 536 -31.86 -13.46 -7.38
C GLN A 536 -32.73 -12.50 -8.24
N ILE A 537 -32.06 -11.78 -9.15
CA ILE A 537 -32.76 -10.85 -10.02
C ILE A 537 -33.82 -11.62 -10.84
N LEU A 538 -33.33 -12.58 -11.62
CA LEU A 538 -34.14 -13.39 -12.52
C LEU A 538 -34.99 -14.45 -11.82
N GLY A 539 -34.86 -14.61 -10.50
CA GLY A 539 -35.62 -15.61 -9.73
C GLY A 539 -35.28 -17.07 -10.07
N ASN A 540 -34.01 -17.35 -10.34
CA ASN A 540 -33.54 -18.70 -10.59
C ASN A 540 -32.59 -19.14 -9.49
N ASN A 541 -32.47 -20.45 -9.35
CA ASN A 541 -31.62 -21.02 -8.34
C ASN A 541 -30.20 -20.85 -8.87
N GLU A 542 -29.31 -20.60 -7.92
CA GLU A 542 -27.91 -20.26 -8.21
C GLU A 542 -27.20 -21.25 -9.12
N SER A 543 -26.42 -20.70 -10.05
CA SER A 543 -25.63 -21.45 -11.05
C SER A 543 -25.99 -22.94 -11.31
N ILE A 544 -25.00 -23.81 -11.11
CA ILE A 544 -25.24 -25.19 -10.71
C ILE A 544 -25.73 -24.99 -9.33
N GLU A 545 -26.25 -26.03 -8.72
CA GLU A 545 -26.34 -26.16 -7.30
C GLU A 545 -27.73 -26.58 -7.04
N PRO A 546 -27.85 -27.64 -6.26
CA PRO A 546 -29.14 -28.06 -5.77
C PRO A 546 -29.90 -26.91 -5.14
N TYR A 547 -31.22 -27.04 -5.08
CA TYR A 547 -32.07 -26.08 -4.36
C TYR A 547 -31.64 -26.08 -2.90
N THR A 548 -31.48 -24.91 -2.32
CA THR A 548 -31.10 -24.81 -0.90
C THR A 548 -32.28 -25.04 0.01
N SER A 549 -33.43 -24.51 -0.39
CA SER A 549 -34.64 -24.55 0.44
C SER A 549 -35.85 -24.67 -0.46
N ASN A 550 -36.92 -25.22 0.11
CA ASN A 550 -38.25 -25.08 -0.45
C ASN A 550 -38.85 -23.72 0.03
N ILE A 551 -38.25 -23.13 1.07
CA ILE A 551 -38.66 -21.85 1.63
C ILE A 551 -37.54 -20.79 1.73
N TYR A 552 -37.83 -19.60 1.20
CA TYR A 552 -36.98 -18.42 1.30
C TYR A 552 -37.67 -17.38 2.21
N THR A 553 -36.97 -16.92 3.26
CA THR A 553 -37.56 -15.98 4.24
C THR A 553 -36.74 -14.68 4.39
N ARG A 554 -37.44 -13.57 4.63
CA ARG A 554 -36.79 -12.28 4.73
C ARG A 554 -37.57 -11.24 5.54
N ARG A 555 -36.99 -10.85 6.67
CA ARG A 555 -37.39 -9.64 7.41
C ARG A 555 -37.11 -8.36 6.59
N VAL A 556 -38.16 -7.58 6.35
CA VAL A 556 -38.11 -6.32 5.59
C VAL A 556 -38.55 -5.20 6.54
N LEU A 557 -38.64 -3.98 6.00
CA LEU A 557 -39.12 -2.81 6.78
C LEU A 557 -40.52 -3.02 7.36
N SER A 558 -41.43 -3.48 6.49
CA SER A 558 -42.83 -3.77 6.83
C SER A 558 -43.03 -5.24 7.17
N GLY A 559 -42.31 -5.70 8.21
CA GLY A 559 -42.37 -7.11 8.66
C GLY A 559 -41.59 -8.12 7.82
N GLU A 560 -42.23 -9.25 7.50
CA GLU A 560 -41.53 -10.45 6.99
C GLU A 560 -42.21 -11.09 5.76
N PHE A 561 -41.39 -11.75 4.96
CA PHE A 561 -41.83 -12.59 3.85
C PHE A 561 -41.47 -14.04 4.18
N GLN A 562 -42.29 -14.96 3.67
CA GLN A 562 -42.04 -16.40 3.79
C GLN A 562 -42.43 -17.04 2.47
N ILE A 563 -41.56 -16.94 1.48
CA ILE A 563 -41.90 -17.32 0.10
C ILE A 563 -41.56 -18.79 -0.13
N VAL A 564 -42.62 -19.57 -0.34
CA VAL A 564 -42.49 -20.98 -0.66
C VAL A 564 -41.98 -21.02 -2.09
N ASN A 565 -41.21 -22.06 -2.38
CA ASN A 565 -40.62 -22.23 -3.70
C ASN A 565 -41.76 -22.27 -4.76
N PRO A 566 -41.68 -21.37 -5.77
CA PRO A 566 -42.73 -21.28 -6.80
C PRO A 566 -42.98 -22.59 -7.54
N HIS A 567 -41.91 -23.34 -7.82
CA HIS A 567 -42.01 -24.61 -8.51
C HIS A 567 -42.78 -25.67 -7.72
N LEU A 568 -42.45 -25.76 -6.43
CA LEU A 568 -43.15 -26.60 -5.46
C LEU A 568 -44.61 -26.18 -5.32
N LEU A 569 -44.81 -24.91 -5.05
CA LEU A 569 -46.13 -24.37 -4.78
C LEU A 569 -47.14 -24.64 -5.89
N LYS A 570 -46.79 -24.36 -7.15
CA LYS A 570 -47.71 -24.61 -8.31
C LYS A 570 -48.13 -26.08 -8.38
N ASP A 571 -47.19 -26.95 -8.01
CA ASP A 571 -47.37 -28.42 -7.95
C ASP A 571 -48.25 -28.99 -6.83
N LEU A 572 -48.16 -28.42 -5.63
CA LEU A 572 -49.06 -28.79 -4.52
C LEU A 572 -50.48 -28.25 -4.73
N THR A 573 -50.53 -26.99 -5.18
CA THR A 573 -51.77 -26.37 -5.62
C THR A 573 -52.48 -27.21 -6.71
N GLU A 574 -51.74 -27.61 -7.75
CA GLU A 574 -52.24 -28.55 -8.78
C GLU A 574 -52.72 -29.87 -8.15
N ARG A 575 -51.79 -30.75 -7.76
CA ARG A 575 -52.09 -31.96 -6.96
C ARG A 575 -52.74 -31.59 -5.60
N GLY A 576 -53.94 -31.01 -5.68
CA GLY A 576 -54.55 -30.15 -4.65
C GLY A 576 -54.28 -30.48 -3.20
N LEU A 577 -53.02 -30.29 -2.78
CA LEU A 577 -52.55 -30.65 -1.43
C LEU A 577 -51.97 -29.46 -0.64
N TRP A 578 -51.92 -28.27 -1.25
CA TRP A 578 -51.31 -27.07 -0.64
C TRP A 578 -52.14 -26.56 0.57
N HIS A 579 -51.46 -26.15 1.63
CA HIS A 579 -52.09 -25.51 2.81
C HIS A 579 -51.17 -24.42 3.39
N GLU A 580 -51.76 -23.47 4.12
CA GLU A 580 -50.99 -22.45 4.85
C GLU A 580 -50.30 -23.05 6.09
N GLU A 581 -50.81 -24.17 6.60
CA GLU A 581 -50.19 -24.91 7.70
C GLU A 581 -48.82 -25.47 7.30
N MET A 582 -48.75 -26.00 6.07
CA MET A 582 -47.53 -26.56 5.50
C MET A 582 -46.37 -25.55 5.50
N LYS A 583 -46.66 -24.26 5.31
CA LYS A 583 -45.68 -23.16 5.42
C LYS A 583 -44.86 -23.18 6.72
N ASN A 584 -45.55 -23.23 7.86
CA ASN A 584 -44.88 -23.29 9.17
C ASN A 584 -44.28 -24.67 9.43
N GLN A 585 -44.87 -25.70 8.85
CA GLN A 585 -44.32 -27.07 8.95
C GLN A 585 -42.89 -27.11 8.36
N ILE A 586 -42.75 -26.53 7.17
CA ILE A 586 -41.46 -26.49 6.44
C ILE A 586 -40.35 -25.82 7.24
N ILE A 587 -40.68 -24.71 7.90
CA ILE A 587 -39.68 -23.91 8.62
C ILE A 587 -39.01 -24.73 9.71
N ALA A 588 -39.82 -25.51 10.44
CA ALA A 588 -39.31 -26.50 11.41
C ALA A 588 -38.39 -27.55 10.78
N CYS A 589 -38.67 -27.93 9.55
CA CYS A 589 -37.81 -28.83 8.80
C CYS A 589 -36.64 -28.10 8.11
N ASN A 590 -36.39 -26.83 8.50
CA ASN A 590 -35.25 -26.03 8.02
C ASN A 590 -35.12 -26.02 6.49
N GLY A 591 -36.25 -25.95 5.79
CA GLY A 591 -36.27 -25.95 4.31
C GLY A 591 -36.75 -27.22 3.65
N SER A 592 -36.88 -28.27 4.47
CA SER A 592 -37.14 -29.63 3.98
C SER A 592 -38.60 -30.04 4.02
N ILE A 593 -39.02 -30.69 2.95
CA ILE A 593 -40.24 -31.44 2.95
C ILE A 593 -39.95 -32.72 3.76
N GLN A 594 -39.44 -33.75 3.08
CA GLN A 594 -39.14 -35.12 3.57
C GLN A 594 -39.88 -35.62 4.83
N SER A 595 -39.90 -34.81 5.89
CA SER A 595 -40.68 -35.11 7.09
C SER A 595 -42.20 -34.97 6.98
N ILE A 596 -42.71 -34.03 6.18
CA ILE A 596 -44.15 -33.83 6.11
C ILE A 596 -44.84 -35.12 5.54
N PRO A 597 -45.66 -35.81 6.39
CA PRO A 597 -46.26 -37.13 6.06
C PRO A 597 -47.35 -37.12 4.99
N GLU A 598 -47.77 -35.92 4.61
CA GLU A 598 -48.97 -35.71 3.83
C GLU A 598 -48.64 -35.46 2.37
N ILE A 599 -47.36 -35.60 1.99
CA ILE A 599 -46.85 -35.19 0.67
C ILE A 599 -46.26 -36.39 -0.09
N PRO A 600 -46.59 -36.51 -1.40
CA PRO A 600 -46.12 -37.59 -2.28
C PRO A 600 -44.62 -37.85 -2.30
N ASP A 601 -44.25 -39.10 -2.05
CA ASP A 601 -42.86 -39.54 -2.09
C ASP A 601 -42.19 -39.30 -3.46
N ASP A 602 -43.00 -39.03 -4.50
CA ASP A 602 -42.50 -38.60 -5.83
C ASP A 602 -42.04 -37.13 -5.88
N LEU A 603 -42.83 -36.27 -5.23
CA LEU A 603 -42.56 -34.83 -5.06
C LEU A 603 -41.43 -34.64 -4.06
N LYS A 604 -41.48 -35.39 -2.97
CA LYS A 604 -40.45 -35.34 -1.95
C LYS A 604 -39.06 -35.55 -2.52
N GLN A 605 -38.94 -36.45 -3.49
CA GLN A 605 -37.66 -36.72 -4.18
C GLN A 605 -37.18 -35.51 -4.99
N LEU A 606 -38.11 -34.93 -5.72
CA LEU A 606 -37.86 -33.80 -6.60
C LEU A 606 -37.37 -32.50 -5.91
N TYR A 607 -37.86 -32.25 -4.68
CA TYR A 607 -37.59 -31.03 -3.90
C TYR A 607 -36.82 -31.33 -2.64
N LYS A 608 -35.87 -32.23 -2.79
CA LYS A 608 -34.93 -32.55 -1.72
C LYS A 608 -33.95 -31.40 -1.68
N THR A 609 -33.51 -31.00 -0.49
CA THR A 609 -32.64 -29.84 -0.35
C THR A 609 -31.16 -30.18 -0.51
N VAL A 610 -30.34 -29.13 -0.57
CA VAL A 610 -28.89 -29.25 -0.68
C VAL A 610 -28.25 -30.05 0.48
N TRP A 611 -28.80 -29.88 1.69
CA TRP A 611 -28.31 -30.53 2.92
C TRP A 611 -28.70 -32.04 2.97
N GLU A 612 -29.46 -32.47 1.95
CA GLU A 612 -30.07 -33.78 1.84
C GLU A 612 -29.80 -34.33 0.42
N ILE A 613 -28.61 -34.10 -0.10
CA ILE A 613 -28.26 -34.51 -1.46
C ILE A 613 -26.78 -34.86 -1.48
N SER A 614 -26.46 -35.93 -2.21
CA SER A 614 -25.15 -36.55 -2.10
C SER A 614 -24.06 -35.65 -2.69
N GLN A 615 -23.16 -35.19 -1.83
CA GLN A 615 -22.06 -34.36 -2.30
C GLN A 615 -21.13 -35.07 -3.27
N LYS A 616 -21.03 -36.40 -3.14
CA LYS A 616 -20.34 -37.23 -4.16
C LYS A 616 -21.03 -37.15 -5.52
N THR A 617 -22.35 -37.27 -5.54
CA THR A 617 -23.06 -37.14 -6.79
C THR A 617 -22.91 -35.72 -7.37
N VAL A 618 -22.89 -34.71 -6.48
CA VAL A 618 -22.56 -33.32 -6.88
C VAL A 618 -21.20 -33.32 -7.59
N LEU A 619 -20.19 -33.90 -6.94
CA LEU A 619 -18.84 -33.94 -7.51
C LEU A 619 -18.82 -34.70 -8.83
N LYS A 620 -19.50 -35.84 -8.86
CA LYS A 620 -19.57 -36.65 -10.06
C LYS A 620 -20.22 -35.87 -11.21
N MET A 621 -21.32 -35.19 -10.92
CA MET A 621 -21.89 -34.30 -11.94
C MET A 621 -20.99 -33.14 -12.43
N ALA A 622 -20.21 -32.53 -11.54
CA ALA A 622 -19.28 -31.49 -11.94
C ALA A 622 -18.27 -32.06 -12.88
N ALA A 623 -17.74 -33.21 -12.50
CA ALA A 623 -16.78 -33.91 -13.34
C ALA A 623 -17.33 -34.27 -14.72
N GLU A 624 -18.58 -34.68 -14.79
CA GLU A 624 -19.16 -35.12 -16.08
C GLU A 624 -19.39 -33.91 -16.99
N ARG A 625 -19.97 -32.85 -16.45
CA ARG A 625 -20.09 -31.61 -17.25
C ARG A 625 -18.73 -30.93 -17.48
N GLY A 626 -17.81 -31.07 -16.49
CA GLY A 626 -16.44 -30.57 -16.55
C GLY A 626 -15.67 -30.88 -17.83
N ALA A 627 -15.93 -32.05 -18.38
CA ALA A 627 -15.35 -32.47 -19.64
C ALA A 627 -15.79 -31.60 -20.80
N PHE A 628 -16.91 -30.89 -20.65
CA PHE A 628 -17.34 -29.89 -21.65
C PHE A 628 -17.17 -28.43 -21.21
N ILE A 629 -16.24 -28.21 -20.27
CA ILE A 629 -15.95 -26.89 -19.74
C ILE A 629 -14.46 -26.57 -19.88
N ASP A 630 -14.17 -25.69 -20.83
CA ASP A 630 -12.88 -25.02 -21.04
C ASP A 630 -12.12 -24.52 -19.81
N GLN A 631 -12.85 -23.92 -18.88
CA GLN A 631 -12.26 -23.33 -17.67
C GLN A 631 -12.67 -24.21 -16.49
N SER A 632 -13.51 -23.75 -15.55
CA SER A 632 -13.81 -24.52 -14.33
C SER A 632 -15.12 -24.04 -13.83
N GLN A 633 -15.48 -24.41 -12.60
CA GLN A 633 -16.80 -24.10 -12.04
C GLN A 633 -16.67 -23.73 -10.56
N SER A 634 -17.53 -22.82 -10.13
CA SER A 634 -17.50 -22.30 -8.78
C SER A 634 -18.40 -23.18 -8.00
N LEU A 635 -17.83 -24.30 -7.57
CA LEU A 635 -18.59 -25.39 -6.98
C LEU A 635 -18.46 -25.36 -5.48
N ASN A 636 -19.55 -25.04 -4.78
CA ASN A 636 -19.55 -25.11 -3.36
C ASN A 636 -19.83 -26.56 -2.95
N ILE A 637 -19.56 -26.81 -1.67
CA ILE A 637 -19.73 -28.09 -1.06
C ILE A 637 -20.51 -27.84 0.20
N HIS A 638 -21.64 -28.51 0.30
CA HIS A 638 -22.51 -28.49 1.47
C HIS A 638 -22.41 -29.78 2.30
N ILE A 639 -21.86 -29.64 3.50
CA ILE A 639 -21.76 -30.73 4.46
C ILE A 639 -22.22 -30.18 5.80
N ALA A 640 -23.42 -30.60 6.20
CA ALA A 640 -24.06 -30.11 7.40
C ALA A 640 -23.16 -30.26 8.64
N GLU A 641 -22.69 -31.48 8.86
CA GLU A 641 -21.97 -31.85 10.07
C GLU A 641 -20.54 -32.34 9.71
N PRO A 642 -19.64 -31.41 9.37
CA PRO A 642 -18.29 -31.81 8.94
C PRO A 642 -17.47 -32.48 10.04
N ASN A 643 -16.55 -33.35 9.63
CA ASN A 643 -15.47 -33.81 10.48
C ASN A 643 -14.24 -34.09 9.61
N TYR A 644 -13.13 -34.45 10.25
CA TYR A 644 -11.86 -34.63 9.54
C TYR A 644 -11.96 -35.60 8.32
N GLY A 645 -12.59 -36.75 8.56
CA GLY A 645 -12.66 -37.80 7.54
C GLY A 645 -13.58 -37.45 6.38
N LYS A 646 -14.68 -36.77 6.67
CA LYS A 646 -15.60 -36.40 5.62
C LYS A 646 -14.91 -35.49 4.59
N LEU A 647 -14.22 -34.48 5.07
CA LEU A 647 -13.65 -33.46 4.19
C LEU A 647 -12.53 -34.02 3.38
N THR A 648 -11.76 -34.87 4.02
CA THR A 648 -10.67 -35.60 3.38
C THR A 648 -11.21 -36.52 2.31
N SER A 649 -12.22 -37.28 2.71
CA SER A 649 -12.96 -38.15 1.80
C SER A 649 -13.40 -37.38 0.55
N MET A 650 -14.12 -36.28 0.79
CA MET A 650 -14.60 -35.40 -0.31
C MET A 650 -13.48 -34.84 -1.25
N HIS A 651 -12.42 -34.27 -0.68
CA HIS A 651 -11.36 -33.67 -1.48
C HIS A 651 -10.67 -34.62 -2.45
N PHE A 652 -10.32 -35.81 -1.94
CA PHE A 652 -9.66 -36.83 -2.78
C PHE A 652 -10.54 -37.32 -3.89
N TYR A 653 -11.83 -37.46 -3.63
CA TYR A 653 -12.75 -37.85 -4.69
C TYR A 653 -12.77 -36.78 -5.78
N GLY A 654 -12.95 -35.51 -5.37
CA GLY A 654 -12.88 -34.41 -6.32
C GLY A 654 -11.61 -34.43 -7.15
N TRP A 655 -10.47 -34.56 -6.46
CA TRP A 655 -9.18 -34.63 -7.11
C TRP A 655 -9.08 -35.82 -8.12
N LYS A 656 -9.45 -37.01 -7.68
CA LYS A 656 -9.35 -38.20 -8.54
C LYS A 656 -10.26 -38.10 -9.75
N GLN A 657 -11.45 -37.54 -9.54
CA GLN A 657 -12.36 -37.22 -10.65
C GLN A 657 -11.76 -36.29 -11.70
N GLY A 658 -10.70 -35.56 -11.36
CA GLY A 658 -9.99 -34.70 -12.32
C GLY A 658 -10.52 -33.26 -12.36
N LEU A 659 -11.26 -32.85 -11.33
CA LEU A 659 -11.72 -31.48 -11.17
C LEU A 659 -10.58 -30.47 -11.06
N LYS A 660 -10.73 -29.36 -11.78
CA LYS A 660 -9.74 -28.27 -11.72
C LYS A 660 -9.94 -27.50 -10.41
N THR A 661 -11.20 -27.32 -10.07
CA THR A 661 -11.59 -26.73 -8.80
C THR A 661 -12.29 -27.80 -8.06
N GLY A 662 -11.67 -28.25 -6.96
CA GLY A 662 -12.22 -29.26 -6.11
C GLY A 662 -13.25 -28.75 -5.16
N MET A 663 -13.03 -27.55 -4.64
CA MET A 663 -14.02 -26.94 -3.75
C MET A 663 -13.83 -25.48 -3.77
N TYR A 664 -14.95 -24.78 -3.79
CA TYR A 664 -14.94 -23.34 -3.71
C TYR A 664 -15.16 -22.95 -2.24
N TYR A 665 -16.39 -22.73 -1.78
CA TYR A 665 -16.61 -22.55 -0.35
C TYR A 665 -17.11 -23.84 0.26
N LEU A 666 -16.82 -23.97 1.55
CA LEU A 666 -17.43 -25.00 2.34
C LEU A 666 -18.57 -24.42 3.16
N ARG A 667 -19.77 -24.88 2.87
CA ARG A 667 -20.99 -24.45 3.56
C ARG A 667 -21.43 -25.49 4.59
N THR A 668 -21.86 -25.01 5.75
CA THR A 668 -22.31 -25.90 6.82
C THR A 668 -23.56 -25.34 7.50
N ARG A 669 -24.10 -26.15 8.43
CA ARG A 669 -25.30 -25.82 9.20
C ARG A 669 -24.97 -25.73 10.69
N ALA B 2 35.20 2.57 34.57
CA ALA B 2 35.59 1.91 33.30
C ALA B 2 35.33 2.83 32.10
N ILE B 3 36.13 3.88 32.06
CA ILE B 3 36.55 4.54 30.83
C ILE B 3 37.94 3.96 30.43
N LEU B 4 38.52 3.14 31.30
CA LEU B 4 39.65 2.28 30.95
C LEU B 4 39.24 1.27 29.88
N ALA B 5 38.03 0.73 30.03
CA ALA B 5 37.39 -0.11 29.03
C ALA B 5 37.41 0.47 27.62
N ALA B 6 37.30 1.80 27.51
CA ALA B 6 37.42 2.49 26.21
C ALA B 6 38.78 2.27 25.56
N ARG B 7 39.83 2.39 26.37
CA ARG B 7 41.20 2.20 25.91
C ARG B 7 41.49 0.77 25.53
N ILE B 8 40.96 -0.16 26.31
CA ILE B 8 41.18 -1.58 26.11
C ILE B 8 40.60 -2.00 24.76
N ALA B 9 39.32 -1.73 24.58
CA ALA B 9 38.62 -2.05 23.35
C ALA B 9 39.29 -1.46 22.11
N VAL B 10 39.82 -0.25 22.20
CA VAL B 10 40.50 0.41 21.06
C VAL B 10 41.88 -0.20 20.80
N SER B 11 42.62 -0.48 21.88
CA SER B 11 43.84 -1.27 21.82
C SER B 11 43.54 -2.69 21.33
N ASN B 12 42.43 -3.25 21.82
CA ASN B 12 41.98 -4.60 21.44
C ASN B 12 41.49 -4.69 20.01
N LEU B 13 40.93 -3.60 19.51
CA LEU B 13 40.63 -3.52 18.08
C LEU B 13 41.95 -3.56 17.33
N HIS B 14 42.86 -2.66 17.71
CA HIS B 14 44.15 -2.46 17.05
C HIS B 14 44.97 -3.75 16.79
N LYS B 15 45.04 -4.60 17.81
CA LYS B 15 45.51 -5.98 17.68
C LYS B 15 44.82 -6.79 16.60
N GLU B 16 43.53 -6.55 16.46
CA GLU B 16 42.62 -7.39 15.71
C GLU B 16 42.40 -6.91 14.28
N THR B 17 43.31 -6.08 13.76
CA THR B 17 43.05 -5.44 12.48
C THR B 17 44.32 -4.93 11.83
N LYS B 18 44.27 -4.87 10.51
CA LYS B 18 45.39 -4.39 9.73
C LYS B 18 45.64 -2.92 10.04
N LYS B 19 46.92 -2.56 9.94
CA LYS B 19 47.43 -1.25 10.37
C LYS B 19 47.75 -0.40 9.17
N VAL B 20 47.33 -0.87 7.99
CA VAL B 20 47.66 -0.25 6.72
C VAL B 20 46.34 0.02 6.04
N PHE B 21 46.12 1.27 5.66
CA PHE B 21 44.82 1.68 5.10
C PHE B 21 44.50 1.03 3.76
N SER B 22 45.45 1.11 2.84
CA SER B 22 45.27 0.63 1.46
C SER B 22 44.98 -0.86 1.48
N ASP B 23 45.68 -1.59 2.35
CA ASP B 23 45.48 -3.02 2.50
C ASP B 23 44.08 -3.35 2.97
N VAL B 24 43.60 -2.65 3.99
CA VAL B 24 42.25 -2.85 4.51
C VAL B 24 41.21 -2.62 3.44
N MET B 25 41.39 -1.54 2.68
CA MET B 25 40.51 -1.19 1.58
C MET B 25 40.59 -2.23 0.44
N GLU B 26 41.79 -2.77 0.27
CA GLU B 26 42.11 -3.83 -0.66
C GLU B 26 41.27 -5.07 -0.36
N ASP B 27 41.24 -5.46 0.92
CA ASP B 27 40.46 -6.64 1.36
C ASP B 27 39.00 -6.47 0.99
N LEU B 28 38.46 -5.29 1.30
CA LEU B 28 37.04 -5.01 1.19
C LEU B 28 36.51 -5.10 -0.23
N TYR B 29 37.32 -4.66 -1.20
CA TYR B 29 37.00 -4.88 -2.61
C TYR B 29 37.01 -6.36 -3.04
N ASN B 30 37.90 -7.15 -2.47
CA ASN B 30 38.07 -8.56 -2.86
C ASN B 30 37.15 -9.51 -2.07
N TYR B 31 36.15 -8.95 -1.39
CA TYR B 31 35.22 -9.74 -0.59
C TYR B 31 34.36 -10.62 -1.48
N ILE B 32 33.94 -11.74 -0.91
CA ILE B 32 32.95 -12.59 -1.53
C ILE B 32 31.90 -12.97 -0.50
N ASN B 33 30.65 -13.03 -0.95
CA ASN B 33 29.52 -13.34 -0.09
C ASN B 33 29.75 -14.76 0.46
N PRO B 34 29.54 -14.95 1.77
CA PRO B 34 29.73 -16.30 2.33
C PRO B 34 28.67 -17.28 1.76
N HIS B 35 27.40 -16.87 1.90
CA HIS B 35 26.19 -17.48 1.31
C HIS B 35 25.79 -16.84 -0.02
N ASN B 36 26.33 -17.37 -1.12
CA ASN B 36 26.19 -16.80 -2.45
C ASN B 36 27.43 -17.07 -3.31
N GLY B 37 28.61 -17.15 -2.67
CA GLY B 37 29.89 -17.41 -3.36
C GLY B 37 30.25 -16.37 -4.42
N LYS B 38 29.77 -15.15 -4.18
CA LYS B 38 29.73 -14.07 -5.20
C LYS B 38 30.60 -12.88 -4.80
N HIS B 39 31.31 -12.33 -5.79
CA HIS B 39 32.22 -11.20 -5.57
C HIS B 39 31.39 -9.94 -5.44
N SER B 40 31.00 -9.68 -4.19
CA SER B 40 30.30 -8.47 -3.81
C SER B 40 31.29 -7.56 -3.09
N PRO B 41 31.92 -6.62 -3.81
CA PRO B 41 32.84 -5.72 -3.14
C PRO B 41 32.13 -4.78 -2.18
N MET B 42 32.61 -4.71 -0.94
CA MET B 42 32.16 -3.73 0.05
C MET B 42 32.61 -2.26 -0.21
N VAL B 43 33.46 -2.05 -1.20
CA VAL B 43 33.92 -0.72 -1.61
C VAL B 43 33.85 -0.64 -3.11
N ALA B 44 33.67 0.56 -3.63
CA ALA B 44 33.64 0.77 -5.06
C ALA B 44 35.02 0.47 -5.68
N LYS B 45 35.02 -0.04 -6.92
CA LYS B 45 36.23 -0.16 -7.76
C LYS B 45 36.75 1.22 -8.03
N SER B 46 35.82 2.07 -8.46
CA SER B 46 36.05 3.50 -8.65
C SER B 46 36.90 4.10 -7.53
N THR B 47 36.50 3.83 -6.29
CA THR B 47 37.21 4.33 -5.11
C THR B 47 38.47 3.53 -4.73
N LEU B 48 38.51 2.23 -4.95
CA LEU B 48 39.75 1.51 -4.60
C LEU B 48 40.94 1.87 -5.51
N ASP B 49 40.70 1.95 -6.81
CA ASP B 49 41.75 2.27 -7.79
C ASP B 49 42.42 3.61 -7.40
N ILE B 50 41.55 4.59 -7.15
CA ILE B 50 41.92 5.96 -6.79
C ILE B 50 42.65 6.02 -5.44
N VAL B 51 42.22 5.16 -4.52
CA VAL B 51 42.80 5.07 -3.18
C VAL B 51 44.19 4.53 -3.30
N LEU B 52 44.31 3.36 -3.91
CA LEU B 52 45.59 2.63 -3.94
C LEU B 52 46.58 3.17 -5.01
N ALA B 53 46.10 4.08 -5.87
CA ALA B 53 46.95 4.90 -6.74
C ALA B 53 47.56 6.11 -6.01
N ASN B 54 47.16 6.35 -4.77
CA ASN B 54 47.82 7.32 -3.90
C ASN B 54 48.24 6.68 -2.61
N LYS B 55 48.24 5.34 -2.66
CA LYS B 55 48.69 4.42 -1.63
C LYS B 55 49.58 5.07 -0.58
N ASP B 56 50.88 5.14 -0.87
CA ASP B 56 51.89 5.69 0.04
C ASP B 56 51.40 6.88 0.85
N ARG B 57 50.84 7.87 0.17
CA ARG B 57 50.49 9.14 0.80
C ARG B 57 49.28 9.10 1.74
N LEU B 58 48.29 8.27 1.38
CA LEU B 58 47.07 8.16 2.16
C LEU B 58 47.28 7.43 3.45
N ASN B 59 47.95 6.29 3.42
CA ASN B 59 48.34 5.63 4.66
C ASN B 59 49.21 6.54 5.51
N SER B 60 50.01 7.37 4.87
CA SER B 60 50.92 8.25 5.58
C SER B 60 50.16 9.24 6.42
N ALA B 61 49.12 9.84 5.82
CA ALA B 61 48.24 10.81 6.51
C ALA B 61 47.54 10.27 7.75
N ILE B 62 47.07 9.03 7.71
CA ILE B 62 46.27 8.46 8.79
C ILE B 62 47.03 8.45 10.13
N ILE B 63 46.35 8.88 11.21
CA ILE B 63 46.91 8.92 12.56
C ILE B 63 46.11 8.01 13.50
N TYR B 64 46.58 6.78 13.67
CA TYR B 64 45.86 5.77 14.46
C TYR B 64 45.64 6.07 15.93
N ASP B 65 46.33 7.07 16.44
CA ASP B 65 46.18 7.50 17.83
C ASP B 65 44.77 8.04 18.09
N ARG B 66 44.22 8.71 17.08
CA ARG B 66 42.96 9.43 17.24
C ARG B 66 41.73 8.54 17.42
N ASP B 67 41.94 7.22 17.32
CA ASP B 67 40.97 6.22 17.73
C ASP B 67 40.68 6.23 19.22
N PHE B 68 41.69 6.55 20.02
CA PHE B 68 41.50 6.65 21.47
C PHE B 68 40.75 7.90 21.91
N SER B 69 40.47 8.82 20.97
CA SER B 69 39.60 9.98 21.20
C SER B 69 38.12 9.64 21.56
N TYR B 70 37.69 8.41 21.26
CA TYR B 70 36.32 7.94 21.50
C TYR B 70 36.10 7.40 22.91
N ASN B 71 34.96 7.75 23.47
CA ASN B 71 34.52 7.20 24.74
C ASN B 71 33.94 5.83 24.50
N TYR B 72 33.91 5.02 25.56
CA TYR B 72 33.62 3.59 25.45
C TYR B 72 32.31 3.31 24.69
N PHE B 73 31.24 3.95 25.13
CA PHE B 73 29.92 3.79 24.48
C PHE B 73 29.83 4.39 23.08
N GLY B 74 30.57 5.45 22.82
CA GLY B 74 30.66 6.02 21.49
C GLY B 74 31.31 5.04 20.52
N PHE B 75 32.29 4.29 21.01
CA PHE B 75 33.05 3.35 20.17
C PHE B 75 32.26 2.08 19.88
N LYS B 76 31.49 1.61 20.86
CA LYS B 76 30.58 0.48 20.67
C LYS B 76 29.50 0.74 19.63
N THR B 77 28.99 1.97 19.61
CA THR B 77 28.10 2.44 18.55
C THR B 77 28.81 2.33 17.20
N LEU B 78 30.05 2.78 17.20
CA LEU B 78 30.89 2.86 16.00
C LEU B 78 31.21 1.47 15.46
N GLU B 79 31.55 0.58 16.38
CA GLU B 79 31.81 -0.82 16.04
C GLU B 79 30.55 -1.61 15.61
N ARG B 80 29.42 -1.30 16.23
CA ARG B 80 28.16 -1.97 15.92
C ARG B 80 27.68 -1.67 14.49
N SER B 81 27.75 -0.39 14.09
CA SER B 81 27.13 0.06 12.84
C SER B 81 27.99 0.83 11.82
N TYR B 82 29.09 1.46 12.23
CA TYR B 82 29.85 2.38 11.35
C TYR B 82 31.23 1.90 10.83
N LEU B 83 31.68 0.73 11.24
CA LEU B 83 32.92 0.15 10.71
C LEU B 83 32.62 -1.18 10.04
N LEU B 84 32.97 -1.28 8.76
CA LEU B 84 32.69 -2.46 7.95
C LEU B 84 33.30 -3.71 8.53
N LYS B 85 32.53 -4.79 8.44
CA LYS B 85 32.97 -6.11 8.84
C LYS B 85 33.18 -6.95 7.59
N ILE B 86 34.17 -7.82 7.66
CA ILE B 86 34.27 -8.95 6.77
C ILE B 86 34.04 -10.19 7.61
N ASN B 87 32.91 -10.85 7.35
CA ASN B 87 32.51 -12.12 7.99
C ASN B 87 32.29 -12.00 9.50
N GLY B 88 31.68 -10.90 9.89
CA GLY B 88 31.28 -10.67 11.28
C GLY B 88 32.38 -10.22 12.23
N LYS B 89 33.53 -9.81 11.71
CA LYS B 89 34.58 -9.17 12.52
C LYS B 89 35.04 -7.89 11.80
N VAL B 90 35.45 -6.89 12.57
CA VAL B 90 35.74 -5.58 12.01
C VAL B 90 37.05 -5.57 11.22
N ALA B 91 36.99 -5.07 10.00
CA ALA B 91 38.16 -4.87 9.16
C ALA B 91 38.64 -3.41 9.13
N GLU B 92 37.78 -2.49 9.59
CA GLU B 92 38.03 -1.06 9.55
C GLU B 92 38.31 -0.49 10.94
N ARG B 93 39.49 0.08 11.10
CA ARG B 93 39.69 1.09 12.13
C ARG B 93 38.87 2.33 11.79
N PRO B 94 38.38 3.02 12.83
CA PRO B 94 37.66 4.27 12.64
C PRO B 94 38.31 5.20 11.65
N GLN B 95 39.63 5.33 11.76
CA GLN B 95 40.38 6.27 10.88
C GLN B 95 40.24 5.85 9.42
N HIS B 96 40.20 4.53 9.18
CA HIS B 96 40.05 4.01 7.81
C HIS B 96 38.73 4.51 7.25
N MET B 97 37.66 4.23 7.99
CA MET B 97 36.32 4.67 7.61
C MET B 97 36.30 6.16 7.33
N LEU B 98 36.87 6.93 8.24
CA LEU B 98 37.00 8.36 8.05
C LEU B 98 37.74 8.71 6.75
N MET B 99 38.83 8.01 6.47
CA MET B 99 39.57 8.25 5.21
C MET B 99 38.73 7.82 4.02
N ARG B 100 38.19 6.61 4.11
CA ARG B 100 37.29 6.09 3.09
C ARG B 100 36.19 7.11 2.73
N VAL B 101 35.63 7.77 3.73
CA VAL B 101 34.64 8.84 3.46
C VAL B 101 35.26 10.08 2.78
N SER B 102 36.42 10.52 3.27
CA SER B 102 37.10 11.70 2.68
C SER B 102 37.47 11.41 1.23
N VAL B 103 37.92 10.19 0.96
CA VAL B 103 38.20 9.80 -0.41
C VAL B 103 36.89 9.63 -1.17
N GLY B 104 35.89 9.04 -0.51
CA GLY B 104 34.54 8.87 -1.08
C GLY B 104 33.87 10.14 -1.57
N ILE B 105 34.06 11.23 -0.85
CA ILE B 105 33.51 12.53 -1.22
C ILE B 105 34.44 13.21 -2.23
N HIS B 106 35.72 13.25 -1.88
CA HIS B 106 36.67 14.09 -2.62
C HIS B 106 37.32 13.47 -3.88
N LYS B 107 37.56 12.16 -3.81
CA LYS B 107 38.03 11.35 -4.95
C LYS B 107 39.46 11.69 -5.37
N GLU B 108 39.66 12.18 -6.60
CA GLU B 108 41.01 12.44 -7.14
C GLU B 108 41.74 13.62 -6.46
N ASP B 109 40.97 14.63 -6.02
CA ASP B 109 41.52 15.78 -5.29
C ASP B 109 41.85 15.39 -3.86
N ILE B 110 43.05 14.87 -3.64
CA ILE B 110 43.39 14.29 -2.34
C ILE B 110 43.98 15.34 -1.38
N ASP B 111 44.08 16.59 -1.83
CA ASP B 111 44.39 17.73 -0.95
C ASP B 111 43.16 18.07 -0.10
N ALA B 112 42.04 18.20 -0.78
CA ALA B 112 40.73 18.25 -0.14
C ALA B 112 40.48 17.03 0.77
N ALA B 113 40.78 15.83 0.29
CA ALA B 113 40.50 14.62 1.04
C ALA B 113 41.24 14.52 2.32
N ILE B 114 42.50 14.90 2.29
CA ILE B 114 43.34 14.97 3.49
C ILE B 114 42.74 16.06 4.46
N GLU B 115 42.38 17.23 3.88
CA GLU B 115 41.77 18.33 4.63
C GLU B 115 40.57 17.85 5.45
N THR B 116 39.67 17.13 4.77
CA THR B 116 38.47 16.57 5.37
C THR B 116 38.82 15.54 6.45
N TYR B 117 39.67 14.56 6.12
CA TYR B 117 40.07 13.55 7.11
C TYR B 117 40.64 14.12 8.43
N ASN B 118 41.50 15.12 8.34
CA ASN B 118 42.04 15.71 9.57
C ASN B 118 40.94 16.38 10.35
N LEU B 119 40.13 17.13 9.63
CA LEU B 119 38.91 17.69 10.22
C LEU B 119 38.00 16.65 10.88
N LEU B 120 37.61 15.64 10.13
CA LEU B 120 36.77 14.58 10.65
C LEU B 120 37.41 13.87 11.83
N SER B 121 38.70 13.59 11.68
CA SER B 121 39.44 12.72 12.56
C SER B 121 39.74 13.36 13.92
N GLU B 122 39.86 14.69 13.93
CA GLU B 122 40.01 15.47 15.15
C GLU B 122 38.64 15.87 15.75
N ARG B 123 37.59 15.77 14.93
CA ARG B 123 36.17 15.87 15.36
C ARG B 123 35.69 17.28 15.45
N TRP B 124 36.17 18.10 14.52
CA TRP B 124 35.79 19.49 14.37
C TRP B 124 34.40 19.56 13.81
N PHE B 125 33.99 18.46 13.18
CA PHE B 125 32.65 18.27 12.65
C PHE B 125 32.45 16.77 12.31
N THR B 126 31.23 16.44 11.87
CA THR B 126 30.94 15.11 11.37
C THR B 126 29.91 15.15 10.26
N HIS B 127 29.91 14.06 9.51
CA HIS B 127 28.98 13.85 8.42
C HIS B 127 27.81 13.04 8.93
N ALA B 128 26.70 13.07 8.22
CA ALA B 128 25.52 12.33 8.62
C ALA B 128 25.78 10.84 8.54
N SER B 129 25.09 10.08 9.37
CA SER B 129 25.27 8.63 9.40
C SER B 129 25.28 7.88 8.04
N PRO B 130 24.36 8.23 7.13
CA PRO B 130 24.35 7.60 5.82
C PRO B 130 25.59 7.87 4.96
N THR B 131 26.16 9.06 5.10
CA THR B 131 27.40 9.40 4.41
C THR B 131 28.59 8.62 4.95
N LEU B 132 28.60 8.39 6.24
CA LEU B 132 29.63 7.61 6.90
C LEU B 132 29.48 6.13 6.64
N PHE B 133 28.22 5.70 6.47
CA PHE B 133 27.87 4.35 6.09
C PHE B 133 28.30 3.99 4.70
N ASN B 134 28.02 4.90 3.75
CA ASN B 134 28.08 4.61 2.32
C ASN B 134 29.07 5.36 1.45
N ALA B 135 29.79 6.37 1.93
CA ALA B 135 30.80 6.99 1.07
C ALA B 135 31.91 6.02 0.60
N GLY B 136 32.21 6.05 -0.70
CA GLY B 136 33.15 5.08 -1.31
C GLY B 136 32.57 3.67 -1.44
N THR B 137 31.28 3.58 -1.73
CA THR B 137 30.55 2.32 -1.82
C THR B 137 29.85 2.33 -3.18
N ASN B 138 29.43 1.15 -3.59
CA ASN B 138 28.59 1.00 -4.78
C ASN B 138 27.22 1.65 -4.61
N ARG B 139 26.85 2.48 -5.59
CA ARG B 139 25.55 3.15 -5.63
C ARG B 139 25.20 3.73 -4.23
N PRO B 140 25.94 4.79 -3.79
CA PRO B 140 25.98 5.16 -2.38
C PRO B 140 24.94 6.20 -2.02
N GLN B 141 24.05 5.82 -1.08
CA GLN B 141 23.06 6.72 -0.48
C GLN B 141 23.75 7.51 0.65
N LEU B 142 24.22 8.71 0.31
CA LEU B 142 24.87 9.60 1.27
C LEU B 142 23.90 10.51 1.99
N SER B 143 22.76 10.76 1.34
CA SER B 143 21.66 11.46 1.95
C SER B 143 20.58 10.49 2.43
N SER B 144 19.87 10.98 3.42
CA SER B 144 19.11 10.16 4.37
C SER B 144 17.63 10.45 4.37
N CYS B 145 17.28 11.74 4.32
CA CYS B 145 16.01 12.20 4.78
C CYS B 145 15.36 12.84 3.59
N PHE B 146 14.03 12.65 3.49
CA PHE B 146 13.28 12.97 2.31
C PHE B 146 12.00 13.70 2.65
N LEU B 147 11.50 14.44 1.69
CA LEU B 147 10.26 15.13 1.85
C LEU B 147 9.50 14.97 0.58
N LEU B 148 8.19 14.76 0.71
CA LEU B 148 7.35 14.65 -0.44
C LEU B 148 5.91 15.01 -0.15
N SER B 149 5.17 15.18 -1.23
CA SER B 149 3.77 15.57 -1.22
C SER B 149 3.01 14.39 -1.78
N MET B 150 1.72 14.36 -1.51
CA MET B 150 0.87 13.37 -2.09
C MET B 150 0.75 13.86 -3.52
N LYS B 151 0.87 12.93 -4.48
CA LYS B 151 0.93 13.33 -5.89
C LYS B 151 -0.36 13.95 -6.38
N ASP B 152 -1.44 13.27 -6.01
CA ASP B 152 -2.76 13.54 -6.54
C ASP B 152 -3.76 13.08 -5.54
N ASP B 153 -4.96 13.65 -5.60
CA ASP B 153 -6.08 13.15 -4.86
C ASP B 153 -6.79 12.11 -5.71
N SER B 154 -6.15 10.95 -5.84
CA SER B 154 -6.68 9.80 -6.60
C SER B 154 -5.95 8.54 -6.18
N ILE B 155 -6.53 7.39 -6.49
CA ILE B 155 -5.92 6.12 -6.20
C ILE B 155 -4.56 6.00 -6.89
N GLU B 156 -4.50 6.47 -8.13
CA GLU B 156 -3.29 6.47 -8.94
C GLU B 156 -2.23 7.29 -8.22
N GLY B 157 -2.62 8.47 -7.77
CA GLY B 157 -1.68 9.34 -7.07
C GLY B 157 -1.18 8.74 -5.77
N ILE B 158 -2.14 8.23 -5.00
CA ILE B 158 -1.88 7.67 -3.67
C ILE B 158 -0.97 6.45 -3.68
N TYR B 159 -1.19 5.53 -4.61
CA TYR B 159 -0.37 4.34 -4.69
C TYR B 159 0.97 4.53 -5.44
N ASP B 160 1.05 5.56 -6.28
CA ASP B 160 2.36 6.01 -6.77
C ASP B 160 3.24 6.47 -5.62
N THR B 161 2.67 7.33 -4.78
CA THR B 161 3.41 7.89 -3.66
C THR B 161 3.79 6.78 -2.68
N LEU B 162 2.88 5.84 -2.50
CA LEU B 162 3.11 4.73 -1.62
C LEU B 162 4.32 3.94 -2.07
N LYS B 163 4.45 3.79 -3.38
CA LYS B 163 5.62 3.15 -3.98
C LYS B 163 6.90 3.97 -3.72
N GLN B 164 6.81 5.28 -3.92
CA GLN B 164 7.94 6.15 -3.63
C GLN B 164 8.42 5.91 -2.20
N CYS B 165 7.48 5.85 -1.27
CA CYS B 165 7.82 5.68 0.15
C CYS B 165 8.44 4.33 0.45
N ALA B 166 7.89 3.28 -0.18
CA ALA B 166 8.37 1.91 0.04
C ALA B 166 9.84 1.75 -0.35
N LEU B 167 10.16 2.27 -1.55
CA LEU B 167 11.53 2.35 -2.09
C LEU B 167 12.46 3.19 -1.20
N ILE B 168 12.00 4.35 -0.78
CA ILE B 168 12.79 5.17 0.14
C ILE B 168 13.06 4.40 1.45
N SER B 169 12.05 3.73 1.98
CA SER B 169 12.22 2.94 3.22
C SER B 169 13.21 1.79 3.04
N LYS B 170 13.18 1.18 1.86
CA LYS B 170 14.12 0.11 1.47
C LYS B 170 15.56 0.59 1.51
N SER B 171 15.75 1.80 1.05
CA SER B 171 17.07 2.44 1.10
C SER B 171 17.37 3.11 2.44
N ALA B 172 16.52 2.85 3.44
CA ALA B 172 16.67 3.31 4.81
C ALA B 172 16.56 4.84 4.96
N GLY B 173 15.59 5.42 4.26
CA GLY B 173 15.31 6.86 4.33
C GLY B 173 14.08 7.18 5.15
N GLY B 174 14.18 8.20 6.01
CA GLY B 174 13.03 8.79 6.71
C GLY B 174 12.34 9.75 5.78
N ILE B 175 11.09 10.06 6.05
CA ILE B 175 10.29 10.88 5.18
C ILE B 175 9.38 11.83 5.98
N GLY B 176 9.16 13.03 5.47
CA GLY B 176 8.07 13.86 5.89
C GLY B 176 7.12 13.86 4.69
N VAL B 177 5.83 13.65 4.90
CA VAL B 177 4.88 13.52 3.80
C VAL B 177 3.70 14.41 4.00
N ALA B 178 3.31 15.20 2.98
CA ALA B 178 2.14 16.07 3.10
C ALA B 178 0.86 15.48 2.51
N VAL B 179 -0.18 15.40 3.32
CA VAL B 179 -1.33 14.57 3.04
C VAL B 179 -2.66 15.33 2.95
N SER B 180 -2.62 16.64 3.17
CA SER B 180 -3.82 17.49 3.20
C SER B 180 -4.59 17.61 1.93
N CYS B 181 -4.05 17.16 0.80
CA CYS B 181 -4.80 17.16 -0.47
C CYS B 181 -5.78 15.99 -0.61
N ILE B 182 -5.65 14.96 0.23
CA ILE B 182 -6.52 13.80 0.13
C ILE B 182 -7.90 14.14 0.63
N ARG B 183 -8.94 13.79 -0.11
CA ARG B 183 -10.27 14.19 0.30
C ARG B 183 -10.75 13.45 1.54
N ALA B 184 -11.67 14.11 2.22
CA ALA B 184 -12.08 13.75 3.55
C ALA B 184 -13.10 12.64 3.53
N THR B 185 -13.28 12.01 4.69
CA THR B 185 -14.25 10.95 4.88
C THR B 185 -15.63 11.41 4.47
N GLY B 186 -16.35 10.56 3.75
CA GLY B 186 -17.67 10.91 3.24
C GLY B 186 -17.75 11.74 1.96
N SER B 187 -16.66 12.37 1.53
CA SER B 187 -16.69 13.18 0.30
C SER B 187 -16.96 12.31 -0.93
N TYR B 188 -17.71 12.87 -1.86
CA TYR B 188 -18.15 12.18 -3.08
C TYR B 188 -16.95 11.73 -3.94
N ILE B 189 -17.06 10.53 -4.51
CA ILE B 189 -16.16 10.10 -5.60
C ILE B 189 -16.97 10.01 -6.88
N ALA B 190 -16.80 10.98 -7.77
CA ALA B 190 -17.69 11.13 -8.93
C ALA B 190 -17.63 9.92 -9.85
N GLY B 191 -16.41 9.57 -10.22
CA GLY B 191 -16.10 8.41 -11.05
C GLY B 191 -16.60 7.05 -10.56
N THR B 192 -16.67 6.81 -9.24
CA THR B 192 -17.29 5.55 -8.75
C THR B 192 -18.72 5.70 -8.18
N ASN B 193 -19.16 6.92 -7.94
CA ASN B 193 -20.46 7.17 -7.33
C ASN B 193 -20.49 6.63 -5.89
N GLY B 194 -19.42 6.96 -5.17
CA GLY B 194 -19.17 6.45 -3.83
C GLY B 194 -18.79 7.61 -2.93
N ASN B 195 -18.25 7.27 -1.77
CA ASN B 195 -17.78 8.28 -0.84
C ASN B 195 -16.44 7.81 -0.34
N SER B 196 -15.54 8.77 -0.12
CA SER B 196 -14.18 8.49 0.34
C SER B 196 -14.24 7.85 1.69
N ASN B 197 -13.31 6.93 1.89
CA ASN B 197 -13.07 6.34 3.19
C ASN B 197 -12.19 7.28 4.03
N GLY B 198 -11.66 8.32 3.40
CA GLY B 198 -11.00 9.39 4.14
C GLY B 198 -9.56 9.04 4.41
N LEU B 199 -9.00 9.73 5.38
CA LEU B 199 -7.59 9.70 5.65
C LEU B 199 -7.09 8.50 6.46
N VAL B 200 -7.86 8.08 7.45
CA VAL B 200 -7.45 7.02 8.36
C VAL B 200 -7.18 5.67 7.68
N PRO B 201 -8.10 5.22 6.82
CA PRO B 201 -7.87 3.98 6.08
C PRO B 201 -6.71 4.07 5.08
N MET B 202 -6.49 5.22 4.43
CA MET B 202 -5.28 5.40 3.60
C MET B 202 -4.00 5.30 4.40
N LEU B 203 -3.89 6.08 5.46
CA LEU B 203 -2.71 6.11 6.38
C LEU B 203 -2.44 4.74 6.99
N ARG B 204 -3.52 4.02 7.21
CA ARG B 204 -3.47 2.63 7.67
C ARG B 204 -2.66 1.70 6.70
N VAL B 205 -2.80 1.91 5.41
CA VAL B 205 -1.97 1.26 4.39
C VAL B 205 -0.49 1.71 4.46
N TYR B 206 -0.29 3.00 4.66
CA TYR B 206 1.06 3.56 4.87
C TYR B 206 1.73 2.98 6.10
N ASN B 207 0.98 2.91 7.19
CA ASN B 207 1.48 2.31 8.42
C ASN B 207 2.01 0.92 8.16
N ASN B 208 1.26 0.11 7.43
CA ASN B 208 1.61 -1.30 7.24
C ASN B 208 2.74 -1.47 6.26
N THR B 209 2.91 -0.47 5.40
CA THR B 209 4.07 -0.37 4.52
C THR B 209 5.30 -0.05 5.36
N ALA B 210 5.18 0.93 6.26
CA ALA B 210 6.28 1.21 7.20
C ALA B 210 6.71 -0.07 7.90
N ARG B 211 5.76 -0.76 8.51
CA ARG B 211 6.06 -1.99 9.25
C ARG B 211 6.66 -3.06 8.35
N TYR B 212 6.13 -3.23 7.15
CA TYR B 212 6.62 -4.26 6.22
C TYR B 212 8.06 -4.01 5.75
N VAL B 213 8.32 -2.82 5.25
CA VAL B 213 9.62 -2.50 4.69
C VAL B 213 10.47 -1.90 5.78
N ASP B 214 11.08 -2.74 6.62
CA ASP B 214 11.70 -2.24 7.85
C ASP B 214 12.76 -1.16 7.49
N GLN B 215 14.06 -1.39 7.73
CA GLN B 215 15.13 -0.59 7.06
C GLN B 215 16.01 -1.58 6.24
N GLY B 216 15.32 -2.58 5.72
CA GLY B 216 15.91 -3.86 5.36
C GLY B 216 15.04 -4.84 6.10
N GLY B 217 15.48 -6.10 6.17
CA GLY B 217 14.86 -7.05 7.08
C GLY B 217 15.05 -6.70 8.54
N ASN B 218 16.04 -5.84 8.84
CA ASN B 218 16.40 -5.40 10.22
C ASN B 218 15.19 -4.73 10.87
N LYS B 219 14.86 -5.15 12.09
CA LYS B 219 13.63 -4.72 12.78
C LYS B 219 13.71 -3.26 13.29
N ARG B 220 13.83 -2.36 12.33
CA ARG B 220 13.62 -0.93 12.51
C ARG B 220 12.57 -0.53 11.43
N PRO B 221 11.32 -0.25 11.83
CA PRO B 221 10.30 0.17 10.83
C PRO B 221 10.57 1.51 10.17
N GLY B 222 10.14 1.66 8.92
CA GLY B 222 10.32 2.92 8.19
C GLY B 222 9.71 4.04 9.00
N ALA B 223 10.37 5.18 9.01
CA ALA B 223 9.89 6.32 9.71
C ALA B 223 9.30 7.27 8.69
N PHE B 224 7.98 7.46 8.74
CA PHE B 224 7.27 8.44 7.93
C PHE B 224 6.55 9.37 8.88
N ALA B 225 6.66 10.69 8.66
CA ALA B 225 5.91 11.65 9.42
C ALA B 225 4.88 12.32 8.53
N ILE B 226 3.62 12.33 8.98
CA ILE B 226 2.52 12.79 8.19
C ILE B 226 2.21 14.19 8.64
N TYR B 227 2.16 15.10 7.70
CA TYR B 227 1.90 16.47 7.97
C TYR B 227 0.51 16.66 7.48
N LEU B 228 -0.36 17.20 8.31
CA LEU B 228 -1.75 17.47 7.94
C LEU B 228 -1.98 18.91 8.36
N GLU B 229 -2.83 19.61 7.63
CA GLU B 229 -3.19 20.99 7.92
C GLU B 229 -4.53 21.03 8.72
N PRO B 230 -4.62 21.88 9.75
CA PRO B 230 -5.72 21.78 10.71
C PRO B 230 -7.11 22.14 10.26
N TRP B 231 -7.24 22.68 9.05
CA TRP B 231 -8.55 22.96 8.46
C TRP B 231 -9.18 21.66 7.94
N HIS B 232 -8.37 20.63 7.70
CA HIS B 232 -8.88 19.38 7.11
C HIS B 232 -9.92 18.68 7.99
N LEU B 233 -10.95 18.17 7.34
CA LEU B 233 -12.10 17.57 8.06
C LEU B 233 -11.84 16.29 8.87
N ASP B 234 -10.71 15.61 8.66
CA ASP B 234 -10.35 14.41 9.36
C ASP B 234 -9.37 14.66 10.50
N ILE B 235 -9.26 15.91 10.92
CA ILE B 235 -8.22 16.32 11.83
C ILE B 235 -8.34 15.67 13.22
N PHE B 236 -9.55 15.63 13.77
CA PHE B 236 -9.76 15.08 15.12
C PHE B 236 -9.42 13.58 15.15
N GLU B 237 -9.75 12.88 14.06
CA GLU B 237 -9.38 11.45 13.92
C GLU B 237 -7.88 11.31 13.69
N PHE B 238 -7.34 12.21 12.90
CA PHE B 238 -5.92 12.27 12.69
C PHE B 238 -5.15 12.32 14.01
N LEU B 239 -5.64 13.10 14.98
CA LEU B 239 -5.00 13.27 16.25
C LEU B 239 -5.05 12.02 17.16
N ASP B 240 -5.94 11.10 16.86
CA ASP B 240 -6.04 9.86 17.61
C ASP B 240 -5.16 8.75 17.08
N LEU B 241 -4.58 8.93 15.89
CA LEU B 241 -3.92 7.83 15.24
C LEU B 241 -2.80 7.20 16.04
N LYS B 242 -2.15 7.96 16.91
CA LYS B 242 -0.97 7.46 17.62
C LYS B 242 -1.29 6.90 19.01
N LYS B 243 -2.52 7.10 19.48
CA LYS B 243 -2.89 6.72 20.85
C LYS B 243 -2.83 5.19 21.02
N ASN B 244 -2.53 4.76 22.25
CA ASN B 244 -2.50 3.32 22.61
C ASN B 244 -3.87 2.68 22.82
N THR B 245 -4.80 3.46 23.36
CA THR B 245 -6.23 3.19 23.27
C THR B 245 -6.73 2.97 21.82
N GLY B 246 -7.96 2.47 21.69
CA GLY B 246 -8.69 2.42 20.44
C GLY B 246 -8.55 1.14 19.67
N LYS B 247 -9.44 1.00 18.71
CA LYS B 247 -9.45 -0.16 17.84
C LYS B 247 -8.34 -0.09 16.79
N GLU B 248 -7.90 -1.25 16.36
CA GLU B 248 -6.81 -1.41 15.39
C GLU B 248 -6.96 -0.58 14.09
N GLU B 249 -8.18 -0.49 13.57
CA GLU B 249 -8.43 0.15 12.27
C GLU B 249 -8.59 1.67 12.35
N GLN B 250 -8.56 2.21 13.57
CA GLN B 250 -8.59 3.63 13.76
C GLN B 250 -7.26 4.14 14.30
N ARG B 251 -6.23 3.33 14.18
CA ARG B 251 -4.92 3.64 14.74
C ARG B 251 -3.88 3.31 13.71
N ALA B 252 -2.80 4.09 13.74
CA ALA B 252 -1.67 3.93 12.84
C ALA B 252 -0.44 4.32 13.65
N ARG B 253 -0.09 3.47 14.58
CA ARG B 253 0.84 3.86 15.63
C ARG B 253 2.34 3.59 15.35
N ASP B 254 2.63 3.12 14.17
CA ASP B 254 4.00 3.14 13.66
C ASP B 254 4.42 4.40 12.91
N LEU B 255 3.46 5.25 12.54
CA LEU B 255 3.76 6.50 11.84
C LEU B 255 4.06 7.61 12.86
N PHE B 256 4.50 8.75 12.34
CA PHE B 256 4.80 9.94 13.14
C PHE B 256 3.86 11.00 12.61
N PHE B 257 3.51 11.97 13.44
CA PHE B 257 2.43 12.90 13.14
C PHE B 257 2.83 14.32 13.45
N ALA B 258 2.38 15.24 12.58
CA ALA B 258 2.83 16.63 12.61
C ALA B 258 1.77 17.55 12.02
N LEU B 259 1.73 18.79 12.52
CA LEU B 259 0.73 19.78 12.09
C LEU B 259 1.40 20.93 11.37
N TRP B 260 0.86 21.27 10.21
CA TRP B 260 1.39 22.31 9.34
C TRP B 260 0.40 23.42 9.56
N ILE B 261 0.70 24.31 10.50
CA ILE B 261 -0.33 25.18 11.07
C ILE B 261 -0.36 26.59 10.49
N PRO B 262 -1.53 27.04 10.02
CA PRO B 262 -1.71 28.44 9.55
C PRO B 262 -1.81 29.43 10.67
N ASP B 263 -1.28 30.64 10.47
CA ASP B 263 -1.43 31.74 11.40
C ASP B 263 -2.89 31.95 11.81
N LEU B 264 -3.78 31.76 10.84
CA LEU B 264 -5.21 31.98 11.08
C LEU B 264 -5.83 31.09 12.16
N PHE B 265 -5.44 29.83 12.20
CA PHE B 265 -5.90 28.94 13.24
C PHE B 265 -5.50 29.46 14.63
N MET B 266 -4.26 29.88 14.78
CA MET B 266 -3.78 30.42 16.06
C MET B 266 -4.52 31.70 16.46
N LYS B 267 -4.74 32.60 15.51
CA LYS B 267 -5.51 33.85 15.73
C LYS B 267 -6.89 33.52 16.29
N ARG B 268 -7.56 32.57 15.64
CA ARG B 268 -8.91 32.16 16.01
C ARG B 268 -9.03 31.34 17.29
N VAL B 269 -7.99 30.62 17.66
CA VAL B 269 -7.94 30.06 19.00
C VAL B 269 -7.93 31.19 20.04
N GLU B 270 -7.16 32.23 19.76
CA GLU B 270 -6.90 33.28 20.71
C GLU B 270 -8.20 33.99 21.17
N THR B 271 -9.06 34.30 20.21
CA THR B 271 -10.35 34.99 20.40
C THR B 271 -11.53 34.03 20.51
N ASN B 272 -11.24 32.73 20.54
CA ASN B 272 -12.20 31.63 20.38
C ASN B 272 -13.29 31.80 19.34
N GLN B 273 -12.88 31.99 18.10
CA GLN B 273 -13.83 31.99 16.99
C GLN B 273 -14.10 30.58 16.47
N ASP B 274 -15.04 30.51 15.54
CA ASP B 274 -15.34 29.30 14.86
C ASP B 274 -14.22 28.94 13.92
N TRP B 275 -14.05 27.64 13.74
CA TRP B 275 -13.06 27.07 12.85
C TRP B 275 -13.79 26.10 11.93
N SER B 276 -13.70 26.35 10.63
CA SER B 276 -14.37 25.54 9.62
C SER B 276 -13.44 24.44 9.12
N LEU B 277 -14.02 23.25 9.03
CA LEU B 277 -13.33 22.08 8.57
C LEU B 277 -13.82 21.79 7.17
N MET B 278 -12.86 21.59 6.29
CA MET B 278 -13.16 21.53 4.87
C MET B 278 -12.58 20.25 4.29
N CYS B 279 -13.19 19.78 3.22
CA CYS B 279 -12.61 18.77 2.34
C CYS B 279 -11.80 19.51 1.28
N PRO B 280 -10.59 19.02 0.97
CA PRO B 280 -9.73 19.67 -0.04
C PRO B 280 -10.32 19.59 -1.44
N ASN B 281 -11.10 18.54 -1.72
CA ASN B 281 -11.81 18.41 -2.99
C ASN B 281 -12.88 19.42 -3.18
N GLU B 282 -13.62 19.67 -2.10
CA GLU B 282 -14.72 20.69 -2.09
C GLU B 282 -14.12 22.09 -1.96
N CYS B 283 -12.95 22.19 -1.31
CA CYS B 283 -12.24 23.46 -1.10
C CYS B 283 -10.78 23.30 -1.52
N PRO B 284 -10.52 23.27 -2.84
CA PRO B 284 -9.16 23.01 -3.35
C PRO B 284 -8.24 24.22 -3.21
N GLY B 285 -6.96 23.93 -3.15
CA GLY B 285 -5.94 24.93 -3.16
C GLY B 285 -5.45 25.51 -1.84
N LEU B 286 -6.12 25.23 -0.72
CA LEU B 286 -5.64 25.69 0.62
C LEU B 286 -4.23 25.21 0.96
N ASP B 287 -3.95 24.02 0.48
CA ASP B 287 -2.60 23.40 0.35
C ASP B 287 -1.49 24.29 -0.21
N GLU B 288 -1.84 25.11 -1.19
CA GLU B 288 -0.86 25.73 -2.09
C GLU B 288 -0.82 27.24 -1.95
N VAL B 289 -1.41 27.76 -0.89
CA VAL B 289 -1.38 29.17 -0.56
C VAL B 289 -1.00 29.32 0.87
N TRP B 290 -0.48 30.49 1.21
CA TRP B 290 -0.07 30.73 2.57
C TRP B 290 -0.31 32.18 2.94
N GLY B 291 -0.12 32.48 4.22
CA GLY B 291 -0.28 33.82 4.76
C GLY B 291 -1.58 34.48 4.32
N GLU B 292 -1.48 35.73 3.87
CA GLU B 292 -2.65 36.56 3.51
C GLU B 292 -3.52 35.92 2.42
N GLU B 293 -2.87 35.29 1.45
CA GLU B 293 -3.54 34.66 0.30
C GLU B 293 -4.42 33.49 0.76
N PHE B 294 -3.86 32.65 1.65
CA PHE B 294 -4.60 31.56 2.30
C PHE B 294 -5.74 32.12 3.12
N GLU B 295 -5.47 33.15 3.90
CA GLU B 295 -6.53 33.75 4.72
C GLU B 295 -7.68 34.29 3.85
N LYS B 296 -7.35 34.80 2.68
CA LYS B 296 -8.37 35.31 1.74
C LYS B 296 -9.26 34.20 1.20
N LEU B 297 -8.61 33.10 0.81
CA LEU B 297 -9.28 31.95 0.16
C LEU B 297 -10.18 31.14 1.11
N TYR B 298 -9.63 30.80 2.28
CA TYR B 298 -10.34 30.11 3.35
C TYR B 298 -11.59 30.87 3.75
N ALA B 299 -11.46 32.18 3.93
CA ALA B 299 -12.60 33.04 4.34
C ALA B 299 -13.66 33.12 3.26
N SER B 300 -13.25 32.98 2.02
CA SER B 300 -14.16 32.97 0.89
C SER B 300 -14.96 31.67 0.83
N TYR B 301 -14.27 30.54 0.90
CA TYR B 301 -14.98 29.23 1.04
C TYR B 301 -16.00 29.21 2.19
N GLU B 302 -15.62 29.81 3.31
CA GLU B 302 -16.56 29.99 4.41
C GLU B 302 -17.79 30.74 3.94
N LYS B 303 -17.58 31.87 3.28
CA LYS B 303 -18.67 32.71 2.76
C LYS B 303 -19.60 31.95 1.82
N GLN B 304 -19.00 31.13 0.95
CA GLN B 304 -19.71 30.30 -0.03
C GLN B 304 -20.43 29.10 0.58
N GLY B 305 -20.17 28.78 1.82
CA GLY B 305 -20.87 27.67 2.49
C GLY B 305 -20.30 26.33 2.09
N ARG B 306 -19.03 26.32 1.68
CA ARG B 306 -18.30 25.08 1.38
C ARG B 306 -17.60 24.62 2.63
N VAL B 307 -18.40 24.33 3.65
CA VAL B 307 -17.91 23.99 4.96
C VAL B 307 -18.71 22.77 5.38
N ARG B 308 -18.01 21.74 5.79
CA ARG B 308 -18.67 20.55 6.24
C ARG B 308 -18.95 20.44 7.73
N LYS B 309 -18.11 20.96 8.59
CA LYS B 309 -18.38 20.87 10.01
C LYS B 309 -17.77 22.07 10.66
N VAL B 310 -18.51 22.71 11.55
CA VAL B 310 -17.96 23.85 12.29
C VAL B 310 -17.65 23.45 13.72
N VAL B 311 -16.53 23.92 14.24
CA VAL B 311 -16.24 23.73 15.67
C VAL B 311 -15.77 25.04 16.23
N LYS B 312 -15.59 25.09 17.53
CA LYS B 312 -14.92 26.21 18.11
C LYS B 312 -13.45 25.90 17.94
N ALA B 313 -12.65 26.91 17.66
CA ALA B 313 -11.22 26.72 17.48
C ALA B 313 -10.61 26.10 18.72
N GLN B 314 -11.17 26.43 19.89
CA GLN B 314 -10.62 25.94 21.16
C GLN B 314 -10.87 24.46 21.40
N GLN B 315 -11.91 23.94 20.80
CA GLN B 315 -12.15 22.51 20.88
C GLN B 315 -11.04 21.78 20.13
N LEU B 316 -10.67 22.30 18.96
CA LEU B 316 -9.59 21.71 18.21
C LEU B 316 -8.27 21.94 18.92
N TRP B 317 -8.10 23.12 19.51
CA TRP B 317 -6.88 23.40 20.29
C TRP B 317 -6.73 22.41 21.48
N TYR B 318 -7.83 22.24 22.22
CA TYR B 318 -7.87 21.26 23.31
C TYR B 318 -7.50 19.81 22.87
N ALA B 319 -8.01 19.40 21.71
CA ALA B 319 -7.69 18.05 21.19
C ALA B 319 -6.22 17.86 20.82
N ILE B 320 -5.61 18.93 20.32
CA ILE B 320 -4.18 18.90 19.99
C ILE B 320 -3.35 18.70 21.26
N ILE B 321 -3.65 19.50 22.26
CA ILE B 321 -2.90 19.44 23.50
C ILE B 321 -3.13 18.14 24.25
N GLU B 322 -4.35 17.66 24.25
CA GLU B 322 -4.65 16.34 24.76
C GLU B 322 -3.79 15.28 24.06
N SER B 323 -3.74 15.34 22.74
CA SER B 323 -2.89 14.46 21.95
C SER B 323 -1.40 14.53 22.31
N GLN B 324 -0.88 15.74 22.45
CA GLN B 324 0.52 15.93 22.79
C GLN B 324 0.87 15.38 24.18
N THR B 325 -0.02 15.63 25.15
CA THR B 325 0.09 15.08 26.49
C THR B 325 0.13 13.54 26.53
N GLU B 326 -0.73 12.92 25.73
CA GLU B 326 -0.74 11.48 25.68
C GLU B 326 0.52 10.91 25.00
N THR B 327 0.90 11.43 23.84
CA THR B 327 1.95 10.86 23.00
C THR B 327 3.22 11.71 22.77
N GLY B 328 3.20 12.99 23.13
CA GLY B 328 4.29 13.92 22.81
C GLY B 328 4.21 14.57 21.44
N THR B 329 3.22 14.19 20.66
CA THR B 329 3.08 14.61 19.27
C THR B 329 1.59 14.99 19.14
N PRO B 330 1.14 15.73 18.13
CA PRO B 330 1.87 16.01 16.91
C PRO B 330 2.95 17.08 17.02
N TYR B 331 3.97 16.96 16.15
CA TYR B 331 4.93 18.04 15.98
C TYR B 331 4.21 19.30 15.57
N MET B 332 4.80 20.41 15.91
CA MET B 332 4.14 21.69 15.79
C MET B 332 4.93 22.57 14.83
N LEU B 333 4.41 22.77 13.61
CA LEU B 333 5.09 23.61 12.62
C LEU B 333 4.22 24.71 12.13
N TYR B 334 4.76 25.91 12.03
CA TYR B 334 3.94 27.06 11.61
C TYR B 334 4.19 27.34 10.17
N LYS B 335 3.20 27.02 9.36
CA LYS B 335 3.31 27.02 7.90
C LYS B 335 3.63 28.40 7.31
N ASP B 336 2.91 29.42 7.78
CA ASP B 336 3.05 30.81 7.31
C ASP B 336 4.40 31.37 7.61
N SER B 337 4.87 31.11 8.81
CA SER B 337 6.21 31.51 9.19
C SER B 337 7.31 30.71 8.42
N CYS B 338 7.07 29.43 8.15
CA CYS B 338 7.99 28.62 7.35
C CYS B 338 8.10 29.17 5.93
N ASN B 339 6.96 29.52 5.34
CA ASN B 339 6.91 29.92 3.94
C ASN B 339 7.43 31.35 3.78
N ARG B 340 6.96 32.27 4.60
CA ARG B 340 7.38 33.68 4.57
C ARG B 340 8.90 33.85 4.60
N LYS B 341 9.59 33.00 5.35
CA LYS B 341 11.02 33.16 5.53
C LYS B 341 11.79 32.10 4.83
N SER B 342 11.29 31.56 3.73
CA SER B 342 12.10 30.64 2.95
C SER B 342 12.72 31.31 1.75
N ASN B 343 13.96 30.95 1.48
CA ASN B 343 14.63 31.36 0.28
C ASN B 343 14.03 30.69 -0.94
N GLN B 344 13.25 29.63 -0.71
CA GLN B 344 12.64 28.90 -1.78
C GLN B 344 11.25 29.36 -2.12
N GLN B 345 10.72 30.41 -1.47
CA GLN B 345 9.31 30.73 -1.71
C GLN B 345 9.09 31.05 -3.17
N ASN B 346 10.09 31.71 -3.72
CA ASN B 346 10.54 31.60 -5.11
C ASN B 346 9.96 30.45 -5.96
N LEU B 347 9.72 29.27 -5.35
CA LEU B 347 9.24 28.05 -6.00
C LEU B 347 7.75 27.78 -5.87
N GLY B 348 7.07 28.43 -4.94
CA GLY B 348 5.67 28.14 -4.61
C GLY B 348 5.50 27.76 -3.14
N THR B 349 4.29 27.38 -2.74
CA THR B 349 4.05 26.99 -1.36
C THR B 349 4.71 25.65 -0.95
N ILE B 350 5.44 25.75 0.15
CA ILE B 350 6.05 24.63 0.84
C ILE B 350 4.99 23.98 1.75
N LYS B 351 4.77 22.69 1.51
CA LYS B 351 3.67 21.95 2.10
C LYS B 351 3.99 21.22 3.41
N CYS B 352 5.25 21.00 3.71
CA CYS B 352 5.62 20.21 4.85
C CYS B 352 7.10 20.30 5.14
N SER B 353 7.45 19.83 6.33
CA SER B 353 8.80 19.68 6.76
C SER B 353 9.09 18.18 6.69
N ASN B 354 10.16 17.75 7.34
CA ASN B 354 10.65 16.42 7.19
C ASN B 354 10.35 15.65 8.47
N LEU B 355 10.90 14.45 8.57
CA LEU B 355 10.68 13.52 9.66
C LEU B 355 11.03 14.13 11.01
N CYS B 356 12.04 15.01 11.01
CA CYS B 356 12.57 15.63 12.21
C CYS B 356 12.35 17.12 12.37
N THR B 357 11.61 17.74 11.47
CA THR B 357 11.18 19.18 11.61
C THR B 357 12.23 20.31 11.40
N GLU B 358 13.43 19.98 11.00
CA GLU B 358 14.46 21.03 10.74
C GLU B 358 14.53 21.49 9.27
N ILE B 359 14.00 20.65 8.38
CA ILE B 359 14.08 20.89 6.96
C ILE B 359 12.82 21.55 6.46
N VAL B 360 13.00 22.63 5.71
CA VAL B 360 11.90 23.38 5.08
C VAL B 360 12.17 23.60 3.60
N GLU B 361 11.77 22.61 2.81
CA GLU B 361 12.06 22.54 1.39
C GLU B 361 10.80 22.22 0.57
N TYR B 362 10.79 22.74 -0.64
CA TYR B 362 9.66 22.64 -1.57
C TYR B 362 9.47 21.22 -2.02
N THR B 363 8.21 20.78 -2.14
CA THR B 363 7.91 19.52 -2.78
C THR B 363 6.79 19.71 -3.79
N SER B 364 6.68 18.77 -4.70
CA SER B 364 5.61 18.79 -5.67
C SER B 364 5.53 17.43 -6.28
N LYS B 365 4.50 17.28 -7.08
CA LYS B 365 4.28 16.07 -7.88
C LYS B 365 5.56 15.50 -8.57
N ASP B 366 6.42 16.42 -9.04
CA ASP B 366 7.70 16.08 -9.66
C ASP B 366 8.90 16.02 -8.75
N GLU B 367 8.95 16.89 -7.74
CA GLU B 367 10.17 16.99 -6.93
C GLU B 367 10.00 16.30 -5.60
N VAL B 368 10.95 15.47 -5.22
CA VAL B 368 11.06 14.96 -3.86
C VAL B 368 12.32 15.53 -3.27
N ALA B 369 12.19 16.32 -2.20
CA ALA B 369 13.30 17.05 -1.67
C ALA B 369 14.10 16.16 -0.78
N VAL B 370 15.35 16.52 -0.59
CA VAL B 370 16.35 15.65 0.03
C VAL B 370 17.13 16.50 1.00
N CYS B 371 17.58 15.84 2.05
CA CYS B 371 18.29 16.41 3.17
C CYS B 371 19.72 15.96 3.01
N ASN B 372 20.61 16.93 2.77
CA ASN B 372 22.03 16.68 2.70
C ASN B 372 22.64 17.31 3.95
N LEU B 373 23.16 16.45 4.84
CA LEU B 373 23.28 16.76 6.29
C LEU B 373 24.65 16.55 6.88
N ALA B 374 25.04 17.49 7.74
CA ALA B 374 26.28 17.38 8.53
C ALA B 374 26.14 18.23 9.77
N SER B 375 26.99 17.99 10.76
CA SER B 375 26.94 18.81 11.97
C SER B 375 28.33 19.21 12.51
N LEU B 376 28.39 20.46 12.96
CA LEU B 376 29.59 21.08 13.53
C LEU B 376 29.65 20.87 15.03
N ALA B 377 30.79 20.44 15.54
CA ALA B 377 30.94 20.18 16.95
C ALA B 377 31.32 21.46 17.71
N LEU B 378 30.32 22.25 18.13
CA LEU B 378 30.54 23.61 18.62
C LEU B 378 31.47 23.72 19.84
N ASN B 379 31.60 22.63 20.56
CA ASN B 379 32.57 22.51 21.66
C ASN B 379 34.04 22.57 21.26
N MET B 380 34.32 22.37 19.98
CA MET B 380 35.70 22.33 19.47
C MET B 380 36.35 23.67 19.32
N TYR B 381 35.56 24.74 19.37
CA TYR B 381 36.01 26.06 19.01
C TYR B 381 36.28 26.99 20.22
N VAL B 382 36.46 26.38 21.39
CA VAL B 382 36.77 27.11 22.60
C VAL B 382 38.25 26.96 22.90
N THR B 383 38.89 28.10 23.11
CA THR B 383 40.34 28.17 23.29
C THR B 383 40.65 28.00 24.77
N SER B 384 41.90 27.72 25.09
CA SER B 384 42.31 27.56 26.50
C SER B 384 42.14 28.87 27.30
N GLU B 385 42.29 30.01 26.63
CA GLU B 385 41.98 31.31 27.24
C GLU B 385 40.43 31.65 27.31
N HIS B 386 39.56 30.68 27.02
CA HIS B 386 38.09 30.78 27.13
C HIS B 386 37.51 31.82 26.19
N THR B 387 37.93 31.78 24.94
CA THR B 387 37.36 32.64 23.92
C THR B 387 36.78 31.73 22.86
N TYR B 388 35.91 32.28 22.03
CA TYR B 388 35.28 31.51 20.98
C TYR B 388 35.84 31.91 19.62
N ASP B 389 36.44 30.92 18.97
CA ASP B 389 37.14 31.09 17.73
C ASP B 389 36.16 31.15 16.55
N PHE B 390 35.50 32.30 16.41
CA PHE B 390 34.54 32.45 15.33
C PHE B 390 35.18 32.34 13.95
N LYS B 391 36.45 32.71 13.90
CA LYS B 391 37.26 32.56 12.70
C LYS B 391 37.34 31.08 12.32
N LYS B 392 37.85 30.22 13.21
CA LYS B 392 37.98 28.79 12.93
C LYS B 392 36.63 28.17 12.54
N LEU B 393 35.56 28.59 13.21
CA LEU B 393 34.21 28.03 12.98
C LEU B 393 33.80 28.25 11.53
N ALA B 394 33.90 29.50 11.08
CA ALA B 394 33.66 29.87 9.66
C ALA B 394 34.51 29.13 8.63
N GLU B 395 35.72 28.75 9.03
CA GLU B 395 36.67 28.13 8.11
C GLU B 395 36.34 26.64 7.97
N VAL B 396 35.97 26.00 9.08
CA VAL B 396 35.50 24.62 9.02
C VAL B 396 34.13 24.53 8.37
N THR B 397 33.25 25.47 8.65
CA THR B 397 31.92 25.54 8.00
C THR B 397 32.02 25.62 6.46
N LYS B 398 32.99 26.39 5.99
CA LYS B 398 33.28 26.52 4.56
C LYS B 398 33.67 25.22 3.89
N VAL B 399 34.44 24.39 4.60
CA VAL B 399 34.76 23.04 4.14
C VAL B 399 33.44 22.28 4.02
N VAL B 400 32.63 22.34 5.06
CA VAL B 400 31.41 21.53 5.16
C VAL B 400 30.47 21.84 4.00
N VAL B 401 30.29 23.12 3.69
CA VAL B 401 29.49 23.50 2.50
C VAL B 401 30.02 22.84 1.23
N ARG B 402 31.34 22.77 1.13
CA ARG B 402 32.01 22.21 -0.04
C ARG B 402 31.81 20.71 -0.09
N ASN B 403 31.92 20.06 1.06
CA ASN B 403 31.77 18.61 1.14
C ASN B 403 30.38 18.19 0.70
N LEU B 404 29.39 18.88 1.24
CA LEU B 404 27.98 18.59 0.97
C LEU B 404 27.54 18.98 -0.42
N ASN B 405 28.13 20.01 -0.99
CA ASN B 405 27.86 20.32 -2.41
C ASN B 405 28.36 19.24 -3.35
N LYS B 406 29.49 18.64 -3.00
CA LYS B 406 29.99 17.49 -3.73
C LYS B 406 29.05 16.30 -3.59
N ILE B 407 28.62 16.04 -2.34
CA ILE B 407 27.74 14.91 -2.02
C ILE B 407 26.47 14.96 -2.86
N ILE B 408 25.91 16.13 -3.05
CA ILE B 408 24.77 16.27 -3.95
C ILE B 408 24.98 15.52 -5.29
N ASP B 409 26.12 15.76 -5.91
CA ASP B 409 26.46 15.23 -7.23
C ASP B 409 26.93 13.78 -7.20
N ILE B 410 27.56 13.33 -6.13
CA ILE B 410 27.92 11.91 -5.99
C ILE B 410 26.71 11.01 -5.68
N ASN B 411 25.79 11.50 -4.85
CA ASN B 411 24.76 10.66 -4.21
C ASN B 411 23.84 9.93 -5.21
N TYR B 412 23.59 8.66 -4.93
CA TYR B 412 22.58 7.90 -5.67
C TYR B 412 21.17 8.04 -5.05
N TYR B 413 20.19 8.38 -5.87
CA TYR B 413 18.83 8.66 -5.39
C TYR B 413 17.86 7.47 -5.56
N PRO B 414 17.01 7.22 -4.53
CA PRO B 414 16.16 6.04 -4.53
C PRO B 414 15.00 6.14 -5.50
N VAL B 415 14.67 7.38 -5.86
CA VAL B 415 13.66 7.67 -6.84
C VAL B 415 14.17 8.86 -7.68
N PRO B 416 13.79 8.91 -8.95
CA PRO B 416 14.25 9.98 -9.86
C PRO B 416 13.87 11.43 -9.47
N GLU B 417 12.67 11.64 -8.92
CA GLU B 417 12.21 12.97 -8.53
C GLU B 417 13.11 13.58 -7.44
N ALA B 418 13.80 12.73 -6.67
CA ALA B 418 14.74 13.22 -5.67
C ALA B 418 15.98 13.83 -6.28
N CYS B 419 16.60 13.10 -7.20
CA CYS B 419 17.76 13.56 -7.97
C CYS B 419 17.46 14.94 -8.62
N LEU B 420 16.33 14.99 -9.26
CA LEU B 420 15.91 16.22 -9.87
C LEU B 420 15.94 17.39 -8.90
N SER B 421 15.27 17.22 -7.75
CA SER B 421 15.13 18.25 -6.72
C SER B 421 16.45 18.76 -6.27
N ASN B 422 17.34 17.85 -5.89
CA ASN B 422 18.67 18.24 -5.43
C ASN B 422 19.52 19.03 -6.47
N LYS B 423 19.63 18.49 -7.68
CA LYS B 423 20.36 19.16 -8.78
C LYS B 423 19.85 20.55 -9.07
N ARG B 424 18.54 20.68 -9.01
CA ARG B 424 17.84 21.92 -9.34
C ARG B 424 18.02 23.05 -8.37
N HIS B 425 18.00 22.73 -7.07
CA HIS B 425 18.10 23.75 -5.98
C HIS B 425 19.26 23.61 -5.05
N ARG B 426 19.91 22.45 -5.07
CA ARG B 426 21.14 22.23 -4.31
C ARG B 426 21.08 22.69 -2.84
N PRO B 427 20.02 22.32 -2.09
CA PRO B 427 20.02 22.67 -0.67
C PRO B 427 20.86 21.72 0.17
N ILE B 428 21.44 22.27 1.23
CA ILE B 428 22.24 21.50 2.18
C ILE B 428 21.74 21.88 3.57
N GLY B 429 22.10 21.11 4.57
CA GLY B 429 21.63 21.35 5.92
C GLY B 429 22.75 21.20 6.93
N ILE B 430 23.35 22.31 7.26
CA ILE B 430 24.39 22.35 8.27
C ILE B 430 23.73 22.55 9.64
N GLY B 431 24.15 21.74 10.58
CA GLY B 431 23.63 21.77 11.90
C GLY B 431 24.76 21.71 12.86
N VAL B 432 24.45 21.36 14.11
CA VAL B 432 25.42 21.49 15.17
C VAL B 432 25.24 20.44 16.20
N GLN B 433 26.24 20.37 17.06
CA GLN B 433 26.14 19.59 18.25
C GLN B 433 27.05 20.23 19.31
N GLY B 434 26.87 19.80 20.54
CA GLY B 434 27.63 20.31 21.68
C GLY B 434 27.46 21.79 21.99
N LEU B 435 26.29 22.39 21.67
CA LEU B 435 26.01 23.79 22.01
C LEU B 435 26.05 24.01 23.52
N ALA B 436 25.51 23.06 24.26
CA ALA B 436 25.55 23.09 25.73
C ALA B 436 26.93 22.86 26.31
N ASP B 437 27.75 22.06 25.65
CA ASP B 437 29.14 21.87 26.04
C ASP B 437 29.91 23.15 25.82
N ALA B 438 29.67 23.78 24.71
CA ALA B 438 30.32 25.05 24.45
C ALA B 438 30.06 26.03 25.60
N PHE B 439 28.77 26.28 25.91
CA PHE B 439 28.39 27.19 26.99
C PHE B 439 29.11 26.79 28.29
N ILE B 440 29.02 25.50 28.61
CA ILE B 440 29.75 24.96 29.73
C ILE B 440 31.26 25.30 29.68
N LEU B 441 31.86 25.06 28.53
CA LEU B 441 33.32 25.27 28.35
C LEU B 441 33.70 26.73 28.50
N MET B 442 32.92 27.59 27.88
CA MET B 442 33.06 29.03 27.98
C MET B 442 32.81 29.61 29.38
N ARG B 443 32.26 28.81 30.31
CA ARG B 443 31.88 29.27 31.66
C ARG B 443 30.55 30.04 31.73
N TYR B 444 29.64 29.75 30.82
CA TYR B 444 28.36 30.42 30.78
C TYR B 444 27.17 29.50 31.13
N PRO B 445 26.27 29.96 32.01
CA PRO B 445 25.01 29.25 32.15
C PRO B 445 24.19 29.36 30.90
N PHE B 446 23.57 28.25 30.46
CA PHE B 446 22.66 28.29 29.33
C PHE B 446 21.81 29.57 29.25
N GLU B 447 21.25 29.99 30.37
CA GLU B 447 20.36 31.17 30.39
C GLU B 447 21.04 32.53 30.66
N SER B 448 22.36 32.53 30.85
CA SER B 448 23.10 33.77 31.08
C SER B 448 22.89 34.73 29.91
N ALA B 449 23.09 36.02 30.19
CA ALA B 449 23.04 37.04 29.15
C ALA B 449 24.21 36.87 28.20
N GLU B 450 25.30 36.33 28.75
CA GLU B 450 26.48 35.93 28.00
C GLU B 450 26.18 34.84 26.98
N ALA B 451 25.63 33.74 27.47
CA ALA B 451 25.32 32.59 26.62
C ALA B 451 24.32 32.94 25.52
N GLN B 452 23.38 33.84 25.80
CA GLN B 452 22.44 34.33 24.80
C GLN B 452 23.11 35.19 23.72
N LEU B 453 24.13 35.93 24.11
CA LEU B 453 24.93 36.70 23.15
C LEU B 453 25.80 35.79 22.30
N LEU B 454 26.52 34.87 22.92
CA LEU B 454 27.26 33.87 22.18
C LEU B 454 26.36 33.05 21.24
N ASN B 455 25.16 32.72 21.71
CA ASN B 455 24.21 32.01 20.91
C ASN B 455 24.08 32.68 19.56
N LYS B 456 23.75 33.95 19.54
CA LYS B 456 23.60 34.72 18.29
C LYS B 456 24.87 34.71 17.44
N GLN B 457 26.00 34.91 18.11
CA GLN B 457 27.28 35.05 17.45
C GLN B 457 27.71 33.77 16.75
N ILE B 458 27.54 32.63 17.38
CA ILE B 458 27.81 31.32 16.73
C ILE B 458 27.00 31.12 15.45
N PHE B 459 25.70 31.40 15.53
CA PHE B 459 24.83 31.16 14.39
C PHE B 459 24.93 32.24 13.33
N GLU B 460 25.20 33.48 13.76
CA GLU B 460 25.71 34.53 12.85
C GLU B 460 26.96 34.10 12.08
N THR B 461 27.94 33.57 12.79
CA THR B 461 29.18 33.11 12.17
C THR B 461 28.87 32.04 11.14
N ILE B 462 28.22 30.96 11.58
CA ILE B 462 27.96 29.79 10.75
C ILE B 462 27.23 30.16 9.46
N TYR B 463 26.28 31.06 9.57
CA TYR B 463 25.55 31.52 8.40
C TYR B 463 26.45 32.33 7.44
N TYR B 464 27.37 33.12 8.01
CA TYR B 464 28.34 33.92 7.23
C TYR B 464 29.30 33.02 6.47
N GLY B 465 30.03 32.20 7.23
CA GLY B 465 30.91 31.17 6.68
C GLY B 465 30.28 30.22 5.65
N ALA B 466 29.02 29.87 5.82
CA ALA B 466 28.32 29.01 4.85
C ALA B 466 27.99 29.79 3.61
N LEU B 467 27.50 31.01 3.78
CA LEU B 467 27.16 31.87 2.64
C LEU B 467 28.41 32.16 1.82
N GLU B 468 29.52 32.45 2.50
CA GLU B 468 30.80 32.66 1.82
C GLU B 468 31.11 31.50 0.91
N ALA B 469 31.27 30.29 1.46
CA ALA B 469 31.52 29.09 0.62
C ALA B 469 30.53 28.91 -0.51
N SER B 470 29.26 29.25 -0.29
CA SER B 470 28.22 29.05 -1.29
C SER B 470 28.34 30.07 -2.43
N CYS B 471 28.73 31.29 -2.07
CA CYS B 471 29.06 32.35 -3.03
C CYS B 471 30.33 32.04 -3.81
N ASP B 472 31.35 31.56 -3.11
CA ASP B 472 32.59 31.12 -3.75
C ASP B 472 32.35 30.01 -4.77
N LEU B 473 31.42 29.11 -4.47
CA LEU B 473 31.11 28.01 -5.37
C LEU B 473 30.21 28.47 -6.51
N ALA B 474 29.51 29.58 -6.34
CA ALA B 474 28.76 30.21 -7.44
C ALA B 474 29.73 30.84 -8.45
N LYS B 475 30.74 31.53 -7.94
CA LYS B 475 31.83 32.03 -8.76
C LYS B 475 32.34 30.91 -9.64
N GLU B 476 32.75 29.82 -9.02
CA GLU B 476 33.36 28.71 -9.74
C GLU B 476 32.37 28.07 -10.74
N GLN B 477 31.12 27.85 -10.32
CA GLN B 477 30.18 26.98 -11.07
C GLN B 477 28.90 27.62 -11.52
N GLY B 478 28.67 28.87 -11.16
CA GLY B 478 27.39 29.51 -11.45
C GLY B 478 26.31 29.18 -10.43
N PRO B 479 25.35 30.09 -10.27
CA PRO B 479 24.27 29.89 -9.31
C PRO B 479 23.49 28.61 -9.51
N TYR B 480 22.87 28.15 -8.42
CA TYR B 480 21.92 27.06 -8.54
C TYR B 480 20.79 27.53 -9.47
N GLU B 481 20.22 26.56 -10.16
CA GLU B 481 19.32 26.72 -11.30
C GLU B 481 18.13 27.64 -11.11
N THR B 482 17.60 27.74 -9.91
CA THR B 482 16.39 28.54 -9.63
C THR B 482 16.70 29.70 -8.70
N TYR B 483 17.98 30.05 -8.65
CA TYR B 483 18.46 31.19 -7.89
C TYR B 483 17.85 32.54 -8.31
N GLU B 484 17.60 32.73 -9.58
CA GLU B 484 17.11 34.03 -10.04
C GLU B 484 15.65 34.24 -9.61
N GLY B 485 15.39 35.34 -8.92
CA GLY B 485 14.03 35.61 -8.42
C GLY B 485 13.85 35.15 -6.98
N SER B 486 14.88 34.49 -6.41
CA SER B 486 14.87 34.10 -5.01
C SER B 486 15.05 35.35 -4.14
N PRO B 487 14.65 35.30 -2.86
CA PRO B 487 14.88 36.39 -1.90
C PRO B 487 16.34 36.81 -1.74
N VAL B 488 17.27 35.84 -1.79
CA VAL B 488 18.70 36.15 -1.75
C VAL B 488 19.05 37.02 -2.96
N SER B 489 18.62 36.57 -4.14
CA SER B 489 18.70 37.34 -5.39
C SER B 489 18.29 38.77 -5.34
N LYS B 490 17.43 39.11 -4.39
CA LYS B 490 16.94 40.47 -4.25
C LYS B 490 17.62 41.16 -3.08
N GLY B 491 18.72 40.57 -2.62
CA GLY B 491 19.49 41.14 -1.53
C GLY B 491 19.05 40.78 -0.13
N ILE B 492 17.93 40.06 0.00
CA ILE B 492 17.30 39.74 1.31
C ILE B 492 17.83 38.41 1.86
N LEU B 493 18.60 38.48 2.95
CA LEU B 493 19.11 37.26 3.62
C LEU B 493 18.13 36.90 4.76
N GLN B 494 18.43 35.86 5.55
CA GLN B 494 17.47 35.39 6.54
C GLN B 494 17.09 36.42 7.59
N TYR B 495 18.07 36.95 8.31
CA TYR B 495 17.81 37.97 9.36
C TYR B 495 16.95 39.13 8.89
N ASP B 496 17.03 39.46 7.62
CA ASP B 496 16.16 40.47 7.03
C ASP B 496 14.71 40.03 7.06
N MET B 497 14.49 38.73 6.86
CA MET B 497 13.14 38.15 6.84
C MET B 497 12.49 38.11 8.24
N TRP B 498 13.31 38.14 9.29
CA TRP B 498 12.87 38.33 10.67
C TRP B 498 12.98 39.78 11.20
N ASN B 499 13.31 40.72 10.32
CA ASN B 499 13.61 42.12 10.70
C ASN B 499 14.63 42.25 11.83
N VAL B 500 15.72 41.48 11.71
CA VAL B 500 16.79 41.49 12.71
C VAL B 500 18.04 42.12 12.10
N THR B 501 18.73 42.94 12.90
CA THR B 501 19.99 43.53 12.54
C THR B 501 21.03 42.77 13.32
N PRO B 502 22.04 42.25 12.62
CA PRO B 502 23.06 41.45 13.26
C PRO B 502 23.99 42.24 14.19
N THR B 503 24.71 41.48 15.00
CA THR B 503 25.90 41.96 15.68
C THR B 503 26.85 42.57 14.62
N ASP B 504 27.85 43.31 15.09
CA ASP B 504 28.94 43.89 14.29
C ASP B 504 30.12 42.93 14.07
N LEU B 505 29.90 41.64 14.26
CA LEU B 505 30.98 40.65 14.36
C LEU B 505 31.52 40.33 12.98
N TRP B 506 30.66 40.42 11.98
CA TRP B 506 31.07 40.16 10.61
C TRP B 506 30.52 41.27 9.75
N ASP B 507 31.16 41.42 8.59
CA ASP B 507 30.82 42.45 7.64
C ASP B 507 29.77 41.85 6.70
N TRP B 508 28.52 42.23 6.89
CA TRP B 508 27.43 41.75 6.04
C TRP B 508 27.31 42.56 4.77
N LYS B 509 27.70 43.84 4.80
CA LYS B 509 27.75 44.66 3.56
C LYS B 509 28.71 44.03 2.53
N VAL B 510 29.82 43.49 3.04
CA VAL B 510 30.85 42.86 2.23
C VAL B 510 30.27 41.66 1.54
N LEU B 511 29.64 40.80 2.35
CA LEU B 511 29.14 39.53 1.85
C LEU B 511 28.04 39.72 0.81
N LYS B 512 27.15 40.67 1.06
CA LYS B 512 26.08 40.93 0.09
C LYS B 512 26.53 41.46 -1.29
N GLU B 513 27.62 42.21 -1.34
CA GLU B 513 28.25 42.60 -2.62
C GLU B 513 28.72 41.40 -3.45
N LYS B 514 29.36 40.43 -2.79
CA LYS B 514 29.82 39.21 -3.50
C LYS B 514 28.68 38.34 -4.02
N ILE B 515 27.61 38.25 -3.23
CA ILE B 515 26.38 37.53 -3.59
C ILE B 515 25.62 38.30 -4.68
N ALA B 516 25.58 39.62 -4.52
CA ALA B 516 24.99 40.49 -5.54
C ALA B 516 25.77 40.37 -6.87
N LYS B 517 27.09 40.17 -6.77
CA LYS B 517 27.92 39.89 -7.93
C LYS B 517 27.71 38.45 -8.42
N TYR B 518 28.16 37.48 -7.62
CA TYR B 518 28.21 36.05 -8.05
C TYR B 518 27.02 35.14 -7.66
N GLY B 519 25.98 35.66 -7.00
CA GLY B 519 24.91 34.80 -6.45
C GLY B 519 25.38 33.76 -5.43
N ILE B 520 24.70 32.62 -5.39
CA ILE B 520 25.07 31.48 -4.51
C ILE B 520 24.78 30.14 -5.20
N ARG B 521 25.52 29.11 -4.83
CA ARG B 521 25.32 27.74 -5.34
C ARG B 521 24.21 26.90 -4.60
N ASN B 522 23.75 27.36 -3.44
CA ASN B 522 22.87 26.53 -2.60
C ASN B 522 21.65 27.31 -2.16
N SER B 523 20.48 26.73 -2.38
CA SER B 523 19.24 27.39 -2.03
C SER B 523 19.11 27.62 -0.51
N LEU B 524 19.70 26.71 0.27
CA LEU B 524 19.58 26.74 1.71
C LEU B 524 20.80 26.05 2.28
N LEU B 525 21.22 26.52 3.44
CA LEU B 525 22.44 26.05 4.05
C LEU B 525 22.26 25.42 5.43
N ILE B 526 21.41 25.98 6.30
CA ILE B 526 21.50 25.69 7.76
C ILE B 526 20.21 25.10 8.35
N ALA B 527 20.38 23.96 9.03
CA ALA B 527 19.24 23.21 9.58
C ALA B 527 19.72 22.33 10.70
N PRO B 528 19.73 22.85 11.94
CA PRO B 528 20.06 22.05 13.12
C PRO B 528 19.12 20.86 13.35
N MET B 529 19.72 19.70 13.43
CA MET B 529 19.00 18.46 13.37
C MET B 529 19.27 17.69 14.63
N PRO B 530 18.50 16.62 14.87
CA PRO B 530 18.63 15.78 16.03
C PRO B 530 19.98 15.29 16.40
N THR B 531 20.84 14.85 15.50
CA THR B 531 22.23 14.57 15.95
C THR B 531 22.44 13.38 16.93
N ALA B 532 21.42 12.57 17.18
CA ALA B 532 21.49 11.57 18.28
C ALA B 532 22.69 10.61 18.29
N SER B 533 22.93 9.94 17.17
CA SER B 533 24.00 8.92 17.08
C SER B 533 25.44 9.50 17.04
N THR B 534 25.66 10.47 16.17
CA THR B 534 26.93 11.16 16.02
C THR B 534 27.40 11.90 17.27
N ALA B 535 26.47 12.57 17.95
CA ALA B 535 26.75 13.21 19.22
C ALA B 535 27.20 12.25 20.28
N GLN B 536 26.49 11.13 20.34
CA GLN B 536 26.87 10.06 21.23
C GLN B 536 28.25 9.50 20.86
N ILE B 537 28.53 9.40 19.57
CA ILE B 537 29.84 8.92 19.09
C ILE B 537 30.97 9.87 19.47
N LEU B 538 30.79 11.15 19.11
CA LEU B 538 31.74 12.23 19.47
C LEU B 538 31.79 12.58 20.96
N GLY B 539 30.74 12.28 21.72
CA GLY B 539 30.71 12.57 23.16
C GLY B 539 30.30 14.00 23.52
N ASN B 540 29.37 14.55 22.77
CA ASN B 540 28.79 15.87 23.02
C ASN B 540 27.31 15.75 23.35
N ASN B 541 26.76 16.78 24.03
CA ASN B 541 25.34 16.98 24.20
C ASN B 541 24.75 17.15 22.82
N GLU B 542 23.60 16.54 22.61
CA GLU B 542 22.99 16.53 21.29
C GLU B 542 22.45 17.91 20.93
N SER B 543 22.73 18.32 19.71
CA SER B 543 22.06 19.43 19.05
C SER B 543 22.17 20.74 19.85
N ILE B 544 21.13 21.55 19.77
CA ILE B 544 21.01 22.87 20.39
C ILE B 544 20.35 22.81 21.77
N GLU B 545 20.38 21.62 22.34
CA GLU B 545 19.55 21.29 23.45
C GLU B 545 20.33 21.66 24.68
N PRO B 546 19.63 22.10 25.74
CA PRO B 546 20.30 22.28 27.01
C PRO B 546 20.86 20.99 27.51
N TYR B 547 21.62 21.10 28.57
CA TYR B 547 22.32 19.98 29.13
C TYR B 547 21.32 19.01 29.71
N THR B 548 21.32 17.79 29.19
CA THR B 548 20.32 16.78 29.51
C THR B 548 20.38 16.33 31.00
N SER B 549 21.59 16.00 31.44
CA SER B 549 21.81 15.30 32.70
C SER B 549 23.25 15.49 33.08
N ASN B 550 23.56 15.26 34.35
CA ASN B 550 24.93 15.21 34.85
C ASN B 550 25.46 13.79 34.92
N ILE B 551 24.64 12.83 34.50
CA ILE B 551 25.04 11.45 34.52
C ILE B 551 24.35 10.70 33.37
N TYR B 552 25.08 9.75 32.81
CA TYR B 552 24.61 8.88 31.73
C TYR B 552 24.74 7.50 32.30
N THR B 553 23.62 6.80 32.43
CA THR B 553 23.62 5.49 33.09
C THR B 553 23.15 4.43 32.11
N ARG B 554 23.99 3.40 31.94
CA ARG B 554 23.68 2.29 31.03
C ARG B 554 24.16 0.96 31.57
N ARG B 555 23.32 -0.06 31.39
CA ARG B 555 23.70 -1.42 31.74
C ARG B 555 24.35 -2.10 30.54
N VAL B 556 25.45 -2.78 30.87
CA VAL B 556 26.25 -3.55 29.95
C VAL B 556 26.17 -4.94 30.59
N LEU B 557 26.82 -5.96 30.05
CA LEU B 557 26.94 -7.27 30.72
C LEU B 557 27.48 -7.14 32.17
N SER B 558 28.34 -6.14 32.39
CA SER B 558 28.88 -5.80 33.71
C SER B 558 27.76 -5.34 34.63
N GLY B 559 28.07 -5.16 35.91
CA GLY B 559 27.08 -4.72 36.90
C GLY B 559 26.35 -3.50 36.38
N GLU B 560 27.12 -2.44 36.11
CA GLU B 560 26.61 -1.25 35.42
C GLU B 560 27.69 -0.27 35.03
N PHE B 561 27.30 0.63 34.13
CA PHE B 561 28.05 1.86 33.89
C PHE B 561 27.17 3.07 34.18
N GLN B 562 27.75 4.01 34.90
CA GLN B 562 27.11 5.27 35.24
C GLN B 562 28.16 6.37 35.15
N ILE B 563 28.55 6.68 33.92
CA ILE B 563 29.58 7.68 33.71
C ILE B 563 29.03 9.00 34.25
N VAL B 564 29.84 9.71 35.03
CA VAL B 564 29.48 11.05 35.45
C VAL B 564 29.84 11.92 34.30
N ASN B 565 29.14 13.00 34.12
CA ASN B 565 29.46 13.87 33.04
C ASN B 565 30.90 14.37 33.13
N PRO B 566 31.65 14.28 32.02
CA PRO B 566 33.10 14.53 32.08
C PRO B 566 33.45 15.95 32.46
N HIS B 567 32.69 16.92 31.95
CA HIS B 567 32.87 18.33 32.30
C HIS B 567 32.65 18.66 33.76
N LEU B 568 31.55 18.14 34.30
CA LEU B 568 31.26 18.33 35.70
C LEU B 568 32.36 17.68 36.54
N LEU B 569 32.81 16.51 36.12
CA LEU B 569 33.78 15.76 36.89
C LEU B 569 35.13 16.49 36.98
N LYS B 570 35.56 17.08 35.88
CA LYS B 570 36.82 17.76 35.84
C LYS B 570 36.78 18.93 36.82
N ASP B 571 35.78 19.80 36.63
CA ASP B 571 35.46 20.91 37.51
C ASP B 571 35.41 20.60 38.99
N LEU B 572 34.70 19.53 39.32
CA LEU B 572 34.64 19.07 40.69
C LEU B 572 35.99 18.61 41.25
N THR B 573 36.70 17.80 40.48
CA THR B 573 38.01 17.32 40.91
C THR B 573 39.02 18.47 41.13
N GLU B 574 39.00 19.47 40.25
CA GLU B 574 39.87 20.65 40.37
C GLU B 574 39.68 21.46 41.65
N ARG B 575 38.44 21.52 42.10
CA ARG B 575 38.09 22.22 43.31
C ARG B 575 38.18 21.40 44.59
N GLY B 576 38.77 20.19 44.51
CA GLY B 576 38.91 19.29 45.66
C GLY B 576 37.61 18.70 46.17
N LEU B 577 36.54 18.85 45.38
CA LEU B 577 35.16 18.52 45.77
C LEU B 577 34.71 17.13 45.44
N TRP B 578 35.47 16.38 44.66
CA TRP B 578 34.96 15.14 44.10
C TRP B 578 35.18 13.98 45.03
N HIS B 579 34.06 13.37 45.44
CA HIS B 579 34.07 12.06 46.12
C HIS B 579 33.20 11.06 45.38
N GLU B 580 33.47 9.78 45.57
CA GLU B 580 32.74 8.69 44.90
C GLU B 580 31.30 8.54 45.35
N GLU B 581 31.07 8.93 46.60
CA GLU B 581 29.71 8.99 47.15
C GLU B 581 28.79 9.94 46.31
N MET B 582 29.40 10.84 45.54
CA MET B 582 28.69 11.85 44.79
C MET B 582 27.85 11.36 43.62
N LYS B 583 28.28 10.29 42.95
CA LYS B 583 27.50 9.72 41.85
C LYS B 583 26.08 9.31 42.23
N ASN B 584 25.99 8.70 43.40
CA ASN B 584 24.76 8.12 43.93
C ASN B 584 23.73 9.20 44.27
N GLN B 585 24.26 10.34 44.72
CA GLN B 585 23.48 11.57 44.87
C GLN B 585 22.89 12.06 43.57
N ILE B 586 23.76 12.13 42.56
CA ILE B 586 23.44 12.68 41.24
C ILE B 586 22.41 11.78 40.56
N ILE B 587 22.64 10.47 40.61
CA ILE B 587 21.63 9.50 40.16
C ILE B 587 20.29 9.65 40.90
N ALA B 588 20.36 9.82 42.22
CA ALA B 588 19.15 9.91 43.05
C ALA B 588 18.30 11.14 42.73
N CYS B 589 18.93 12.19 42.21
CA CYS B 589 18.19 13.37 41.75
C CYS B 589 18.02 13.41 40.24
N ASN B 590 17.89 12.25 39.60
CA ASN B 590 17.67 12.19 38.17
C ASN B 590 18.69 13.03 37.38
N GLY B 591 19.95 12.94 37.80
CA GLY B 591 21.05 13.67 37.16
C GLY B 591 21.15 15.16 37.45
N SER B 592 20.49 15.58 38.51
CA SER B 592 20.60 16.97 38.98
C SER B 592 21.65 17.05 40.08
N ILE B 593 22.30 18.20 40.19
CA ILE B 593 23.31 18.45 41.23
C ILE B 593 22.89 19.63 42.09
N GLN B 594 21.71 20.17 41.86
CA GLN B 594 21.32 21.42 42.50
C GLN B 594 21.15 21.29 44.02
N SER B 595 20.85 20.08 44.48
CA SER B 595 20.52 19.87 45.87
C SER B 595 21.74 19.38 46.71
N ILE B 596 22.85 19.08 46.06
CA ILE B 596 24.07 18.68 46.76
C ILE B 596 24.76 19.91 47.38
N PRO B 597 24.91 19.90 48.72
CA PRO B 597 25.33 21.10 49.48
C PRO B 597 26.81 21.52 49.29
N GLU B 598 27.68 20.54 49.04
CA GLU B 598 29.11 20.83 48.87
C GLU B 598 29.40 21.67 47.60
N ILE B 599 28.62 21.46 46.54
CA ILE B 599 28.82 22.08 45.24
C ILE B 599 28.50 23.59 45.22
N PRO B 600 29.45 24.43 44.84
CA PRO B 600 29.28 25.86 44.76
C PRO B 600 28.12 26.28 43.88
N ASP B 601 27.64 27.48 44.14
CA ASP B 601 26.49 28.04 43.46
C ASP B 601 26.77 28.38 41.99
N ASP B 602 28.02 28.77 41.65
CA ASP B 602 28.42 29.04 40.24
C ASP B 602 28.45 27.78 39.36
N LEU B 603 28.89 26.66 39.93
CA LEU B 603 28.87 25.38 39.25
C LEU B 603 27.45 24.88 39.06
N LYS B 604 26.59 25.12 40.04
CA LYS B 604 25.18 24.74 39.92
C LYS B 604 24.46 25.48 38.78
N GLN B 605 24.72 26.77 38.61
CA GLN B 605 24.13 27.51 37.49
C GLN B 605 24.56 26.93 36.16
N LEU B 606 25.85 26.61 36.09
CA LEU B 606 26.48 26.20 34.86
C LEU B 606 25.95 24.83 34.40
N TYR B 607 25.65 23.95 35.36
CA TYR B 607 25.27 22.56 35.14
C TYR B 607 23.81 22.17 35.43
N LYS B 608 22.91 23.14 35.33
CA LYS B 608 21.49 22.85 35.33
C LYS B 608 21.11 21.92 34.20
N THR B 609 20.07 21.12 34.44
CA THR B 609 19.55 20.25 33.39
C THR B 609 18.48 20.97 32.60
N VAL B 610 18.06 20.31 31.54
CA VAL B 610 16.94 20.80 30.73
C VAL B 610 15.64 20.97 31.54
N TRP B 611 15.46 20.09 32.51
CA TRP B 611 14.38 20.18 33.48
C TRP B 611 14.46 21.39 34.42
N GLU B 612 15.63 21.98 34.55
CA GLU B 612 15.81 23.14 35.42
C GLU B 612 16.08 24.41 34.63
N ILE B 613 15.83 24.37 33.33
CA ILE B 613 16.05 25.50 32.47
C ILE B 613 14.72 25.96 31.89
N SER B 614 14.58 27.27 31.81
CA SER B 614 13.37 27.91 31.42
C SER B 614 13.10 27.58 29.97
N GLN B 615 11.98 26.90 29.72
CA GLN B 615 11.57 26.65 28.36
C GLN B 615 11.19 27.93 27.63
N LYS B 616 10.82 28.97 28.34
CA LYS B 616 10.61 30.27 27.70
C LYS B 616 11.88 30.81 27.11
N THR B 617 12.94 30.76 27.89
CA THR B 617 14.22 31.22 27.44
C THR B 617 14.66 30.39 26.21
N VAL B 618 14.57 29.05 26.34
CA VAL B 618 14.93 28.10 25.27
C VAL B 618 14.27 28.45 23.94
N LEU B 619 12.98 28.74 24.00
CA LEU B 619 12.23 29.25 22.86
C LEU B 619 12.76 30.58 22.29
N LYS B 620 12.99 31.57 23.16
CA LYS B 620 13.50 32.89 22.76
C LYS B 620 14.90 32.75 22.14
N MET B 621 15.71 31.92 22.76
CA MET B 621 17.03 31.56 22.21
C MET B 621 17.00 30.83 20.89
N ALA B 622 15.97 30.01 20.67
CA ALA B 622 15.76 29.41 19.37
C ALA B 622 15.41 30.48 18.36
N ALA B 623 14.59 31.44 18.75
CA ALA B 623 14.20 32.49 17.82
C ALA B 623 15.38 33.43 17.43
N GLU B 624 16.33 33.57 18.33
CA GLU B 624 17.44 34.48 18.11
C GLU B 624 18.50 33.92 17.14
N ARG B 625 18.95 32.69 17.37
CA ARG B 625 19.76 32.00 16.39
C ARG B 625 18.97 31.74 15.13
N GLY B 626 17.64 31.73 15.22
CA GLY B 626 16.75 31.44 14.09
C GLY B 626 16.78 32.46 12.97
N ALA B 627 17.19 33.68 13.27
CA ALA B 627 17.36 34.70 12.25
C ALA B 627 18.57 34.40 11.36
N PHE B 628 19.49 33.56 11.83
CA PHE B 628 20.65 33.10 11.04
C PHE B 628 20.63 31.62 10.63
N ILE B 629 19.42 31.08 10.42
CA ILE B 629 19.19 29.70 9.98
C ILE B 629 18.11 29.76 8.91
N ASP B 630 18.39 29.25 7.72
CA ASP B 630 17.46 29.46 6.58
C ASP B 630 16.45 28.34 6.46
N GLN B 631 16.71 27.22 7.11
CA GLN B 631 15.67 26.23 7.32
C GLN B 631 15.09 26.43 8.74
N SER B 632 15.20 25.41 9.59
CA SER B 632 14.51 25.42 10.88
C SER B 632 15.29 24.58 11.83
N GLN B 633 14.71 24.34 13.00
CA GLN B 633 15.42 23.60 14.06
C GLN B 633 14.57 22.53 14.70
N SER B 634 15.19 21.39 15.00
CA SER B 634 14.48 20.32 15.69
C SER B 634 14.38 20.61 17.19
N LEU B 635 13.31 21.28 17.58
CA LEU B 635 13.26 21.85 18.93
C LEU B 635 12.37 21.01 19.87
N ASN B 636 13.01 20.24 20.74
CA ASN B 636 12.26 19.58 21.80
C ASN B 636 11.96 20.54 22.92
N ILE B 637 10.81 20.35 23.53
CA ILE B 637 10.41 21.09 24.70
C ILE B 637 10.34 20.09 25.82
N HIS B 638 10.87 20.50 26.98
CA HIS B 638 10.87 19.72 28.22
C HIS B 638 10.04 20.39 29.30
N ILE B 639 8.85 19.87 29.51
CA ILE B 639 7.94 20.28 30.57
C ILE B 639 7.62 19.07 31.43
N ALA B 640 8.13 19.04 32.65
CA ALA B 640 7.98 17.88 33.52
C ALA B 640 6.51 17.61 33.85
N GLU B 641 5.80 18.67 34.23
CA GLU B 641 4.41 18.59 34.69
C GLU B 641 3.46 19.40 33.80
N PRO B 642 3.04 18.81 32.67
CA PRO B 642 2.26 19.67 31.80
C PRO B 642 0.83 19.72 32.16
N ASN B 643 0.18 20.75 31.66
CA ASN B 643 -1.25 20.88 31.74
C ASN B 643 -1.66 21.79 30.59
N TYR B 644 -2.96 21.96 30.41
CA TYR B 644 -3.51 22.63 29.25
C TYR B 644 -3.00 24.08 29.11
N GLY B 645 -3.04 24.83 30.20
CA GLY B 645 -2.61 26.23 30.16
C GLY B 645 -1.11 26.39 30.09
N LYS B 646 -0.40 25.37 30.49
CA LYS B 646 1.04 25.42 30.33
C LYS B 646 1.45 25.26 28.85
N LEU B 647 0.87 24.28 28.19
CA LEU B 647 1.20 24.01 26.81
C LEU B 647 0.64 25.09 25.91
N THR B 648 -0.49 25.65 26.28
CA THR B 648 -1.05 26.73 25.51
C THR B 648 -0.13 27.92 25.50
N SER B 649 0.37 28.28 26.68
CA SER B 649 1.34 29.36 26.81
C SER B 649 2.64 29.16 25.99
N MET B 650 3.22 27.97 26.06
CA MET B 650 4.48 27.75 25.37
C MET B 650 4.36 27.66 23.84
N HIS B 651 3.24 27.18 23.31
CA HIS B 651 3.00 27.18 21.85
C HIS B 651 2.76 28.57 21.29
N PHE B 652 1.90 29.30 21.96
CA PHE B 652 1.63 30.68 21.65
C PHE B 652 2.82 31.57 21.81
N TYR B 653 3.77 31.20 22.66
CA TYR B 653 4.99 31.98 22.75
C TYR B 653 5.84 31.86 21.50
N GLY B 654 6.15 30.62 21.17
CA GLY B 654 6.99 30.22 20.05
C GLY B 654 6.41 30.64 18.71
N TRP B 655 5.09 30.51 18.56
CA TRP B 655 4.44 31.07 17.37
C TRP B 655 4.71 32.58 17.24
N LYS B 656 4.53 33.29 18.33
CA LYS B 656 4.71 34.73 18.33
C LYS B 656 6.17 35.18 18.15
N GLN B 657 7.11 34.36 18.61
CA GLN B 657 8.53 34.61 18.30
C GLN B 657 8.90 34.51 16.82
N GLY B 658 8.08 33.83 16.02
CA GLY B 658 8.37 33.55 14.61
C GLY B 658 9.03 32.21 14.30
N LEU B 659 9.15 31.32 15.28
CA LEU B 659 9.64 29.97 15.05
C LEU B 659 8.91 29.25 13.92
N LYS B 660 9.66 28.51 13.11
CA LYS B 660 9.10 27.73 12.01
C LYS B 660 8.64 26.39 12.58
N THR B 661 9.55 25.79 13.34
CA THR B 661 9.24 24.67 14.19
C THR B 661 9.04 25.13 15.66
N GLY B 662 7.79 25.26 16.09
CA GLY B 662 7.47 25.56 17.49
C GLY B 662 7.70 24.42 18.45
N MET B 663 7.50 23.18 18.02
CA MET B 663 7.78 22.03 18.84
C MET B 663 8.01 20.79 17.98
N TYR B 664 9.07 20.09 18.28
CA TYR B 664 9.29 18.74 17.78
C TYR B 664 8.63 17.77 18.79
N TYR B 665 9.38 16.98 19.58
CA TYR B 665 8.77 16.27 20.69
C TYR B 665 8.51 17.14 21.93
N LEU B 666 7.39 16.87 22.59
CA LEU B 666 7.24 17.16 24.01
C LEU B 666 7.75 15.97 24.84
N ARG B 667 8.63 16.28 25.78
CA ARG B 667 9.23 15.32 26.71
C ARG B 667 8.70 15.72 28.07
N THR B 668 8.20 14.75 28.82
CA THR B 668 7.67 14.98 30.17
C THR B 668 8.26 14.05 31.25
N ARG B 669 7.80 14.26 32.49
CA ARG B 669 8.17 13.41 33.63
C ARG B 669 7.04 12.47 34.01
#